data_6X9C
#
_entry.id   6X9C
#
_cell.length_a   101.079
_cell.length_b   102.253
_cell.length_c   127.124
_cell.angle_alpha   90.000
_cell.angle_beta   106.480
_cell.angle_gamma   90.000
#
_symmetry.space_group_name_H-M   'P 1 21 1'
#
loop_
_entity.id
_entity.type
_entity.pdbx_description
1 polymer 'Bifunctional protein PutA'
2 non-polymer '1,4-DIHYDRONICOTINAMIDE ADENINE DINUCLEOTIDE'
3 non-polymer DI(HYDROXYETHYL)ETHER
4 non-polymer 'FORMIC ACID'
5 non-polymer 'DIHYDROFLAVINE-ADENINE DINUCLEOTIDE'
6 non-polymer 'SULFATE ION'
7 non-polymer 'MAGNESIUM ION'
8 non-polymer PROLINE
9 non-polymer 'TRIETHYLENE GLYCOL'
10 water water
#
_entity_poly.entity_id   1
_entity_poly.type   'polypeptide(L)'
_entity_poly.pdbx_seq_one_letter_code
;SMMSPNPLQKPAIDAAPAPFADFAPPVRPQSTLRRAITAAYRRPETECLPPLVEAATQSKEIRDAAASTARKLIEALRGK
HSGSGVEGLVQEYSLSSQEGVALMCLAEALLRIPDTATRDALIRDKIADGNWKSHLGGSRSLFVNAATWGLVVTGKLTST
VNDRSLAAALTRLISRCGEPVIRRGVDMAMRMMGEQFVTGETIREALKRSKELEEKGFSYSYDMLGEAATTAADAERYYR
DYESAIHAIGKASAGRGIYEGPGISIKLSALHPRYSRAQAARVMGELLPRVKALALLAKNYDIGLNIDAEEADRLELSLD
LLEVLCLDGDLSGWNGMGFVVQAYGKRCPFVLDFIIDLARRSGRRIMVRLVKGAYWDAEIKRAQLDGLADFPVFTRKIHT
DVSYIACAAKLLAATDVVFPQFATHNAQTLAAIYHMAGKDFHVGKYEFQCLHGMGEPLYEEVVGRGKLDRPCRIYAPVGT
HETLLAYLVRRLLENGANSSFVHRINDPKVSIDELIADPVEVVRAMPVVGAKHDRIALPAELFGDARTNSAGLDLSNEET
LASLTEALRESAAMKWTALPQLATGPAAGETRTVLNPGDHRDVVGSVTETSEEDARRAVRLAADAAPDWAAVPPSERAAC
LDRAAELMQARMPTLLGLIIREAGKSALNAIAEVREAIDFLRYYAEQTRRTLGPGHGPLGPIVCISPWNFPLAIFTGQIA
AALVAGNPVLAKPAEETPLIAAEGVRILREAGIPASALQLLPGDGRVGAALVAAAETAGVMFTGSTEVARLIQAQLADRL
SPAGRPIPLIAETGGQNAMIVDSSALAEQVVGDVITSAFDSAGQRCSALRVLCLQEDVADRILTMLKGALHELHIGRTDR
LSVDVGPVITSEAKDNIEKHIERMRGLGRKVEQIGLASETGVGTFVPPTIIELEKLSDLQREVFGPVLHVIRYRRDDLDR
LVDDVNATGYGLTFGLHTRLDETIAHVTSRIKAGNLYINRNIIGAVVGVQPFGGRGLSGTGPKAGGPLYLGRLVTTAPVP
PQHSSVHTDPVLLDFAKWLDGKGARAEAEAARNAGSSSALGLDLELPGPVGERNLYTLHARGRILLVPATESGLYHQLAA
ALATGNSVAIDAASGLQASLKNLPQTVGLRVSWSKDWAADGPFAGALVEGDAERIRAVNKAIAALPGPLLLVQAASSGEI
ARNPDAYCLNWLVEEVSASINTAAAGGNASLMAIG
;
_entity_poly.pdbx_strand_id   A,B
#
# COMPACT_ATOMS: atom_id res chain seq x y z
N PRO A 17 1.56 -43.26 -39.21
CA PRO A 17 2.79 -42.55 -38.87
C PRO A 17 3.25 -42.88 -37.45
N ALA A 18 4.54 -43.20 -37.28
CA ALA A 18 5.05 -43.57 -35.98
C ALA A 18 4.96 -42.39 -35.03
N PRO A 19 4.55 -42.63 -33.77
CA PRO A 19 4.36 -41.51 -32.83
C PRO A 19 5.69 -40.84 -32.51
N PHE A 20 5.69 -39.51 -32.57
CA PHE A 20 6.83 -38.67 -32.22
C PHE A 20 8.03 -38.81 -33.16
N ALA A 21 7.87 -39.50 -34.29
CA ALA A 21 8.97 -39.63 -35.24
C ALA A 21 9.40 -38.29 -35.80
N ASP A 22 8.52 -37.29 -35.78
CA ASP A 22 8.79 -35.98 -36.34
C ASP A 22 8.45 -34.89 -35.34
N PHE A 23 8.74 -35.14 -34.05
CA PHE A 23 8.27 -34.24 -33.02
C PHE A 23 8.86 -32.84 -33.16
N ALA A 24 10.20 -32.75 -33.20
CA ALA A 24 10.81 -31.43 -33.26
C ALA A 24 12.22 -31.49 -33.83
N PRO A 25 12.40 -32.03 -35.03
CA PRO A 25 13.76 -32.12 -35.60
C PRO A 25 14.34 -30.73 -35.81
N PRO A 26 15.61 -30.52 -35.50
CA PRO A 26 16.21 -29.19 -35.70
C PRO A 26 16.31 -28.83 -37.18
N VAL A 27 16.40 -27.51 -37.41
CA VAL A 27 16.53 -26.98 -38.78
C VAL A 27 17.73 -27.58 -39.48
N ARG A 28 18.85 -27.72 -38.77
CA ARG A 28 20.07 -28.31 -39.31
C ARG A 28 20.74 -29.08 -38.20
N PRO A 29 21.66 -30.00 -38.52
CA PRO A 29 22.46 -30.63 -37.47
C PRO A 29 23.23 -29.57 -36.72
N GLN A 30 23.29 -29.73 -35.40
CA GLN A 30 23.91 -28.72 -34.55
C GLN A 30 25.41 -28.93 -34.55
N SER A 31 26.16 -27.95 -35.05
CA SER A 31 27.61 -28.03 -35.05
C SER A 31 28.12 -27.95 -33.62
N THR A 32 29.41 -28.27 -33.47
CA THR A 32 30.06 -28.12 -32.18
C THR A 32 29.88 -26.70 -31.64
N LEU A 33 30.06 -25.70 -32.49
CA LEU A 33 29.88 -24.31 -32.06
C LEU A 33 28.44 -24.02 -31.68
N ARG A 34 27.47 -24.54 -32.44
CA ARG A 34 26.07 -24.36 -32.09
C ARG A 34 25.74 -25.03 -30.76
N ARG A 35 26.30 -26.22 -30.52
CA ARG A 35 26.01 -26.94 -29.28
C ARG A 35 26.58 -26.22 -28.06
N ALA A 36 27.72 -25.53 -28.23
CA ALA A 36 28.26 -24.77 -27.11
C ALA A 36 27.36 -23.60 -26.75
N ILE A 37 26.66 -23.02 -27.73
CA ILE A 37 25.67 -21.99 -27.45
C ILE A 37 24.55 -22.57 -26.60
N THR A 38 23.94 -23.65 -27.08
CA THR A 38 22.80 -24.23 -26.37
C THR A 38 23.18 -24.64 -24.96
N ALA A 39 24.40 -25.16 -24.80
CA ALA A 39 24.84 -25.62 -23.49
C ALA A 39 24.86 -24.50 -22.46
N ALA A 40 25.03 -23.26 -22.89
CA ALA A 40 25.13 -22.11 -22.00
C ALA A 40 23.78 -21.45 -21.70
N TYR A 41 22.68 -21.94 -22.30
CA TYR A 41 21.40 -21.22 -22.29
C TYR A 41 21.03 -20.74 -20.90
N ARG A 42 21.06 -21.65 -19.91
CA ARG A 42 20.66 -21.30 -18.55
C ARG A 42 21.75 -21.66 -17.54
N ARG A 43 23.00 -21.52 -17.95
CA ARG A 43 24.13 -21.85 -17.10
C ARG A 43 24.07 -21.01 -15.83
N PRO A 44 24.35 -21.60 -14.66
CA PRO A 44 24.34 -20.82 -13.41
C PRO A 44 25.21 -19.57 -13.53
N GLU A 45 24.72 -18.48 -12.93
CA GLU A 45 25.41 -17.21 -13.06
C GLU A 45 26.83 -17.26 -12.49
N THR A 46 27.04 -18.00 -11.40
CA THR A 46 28.39 -18.10 -10.83
C THR A 46 29.37 -18.82 -11.77
N GLU A 47 28.87 -19.61 -12.71
CA GLU A 47 29.74 -20.27 -13.67
C GLU A 47 30.05 -19.39 -14.88
N CYS A 48 29.17 -18.45 -15.21
CA CYS A 48 29.38 -17.64 -16.40
C CYS A 48 30.43 -16.56 -16.17
N LEU A 49 30.47 -16.00 -14.95
CA LEU A 49 31.24 -14.77 -14.74
C LEU A 49 32.74 -14.95 -14.80
N PRO A 50 33.35 -15.96 -14.17
CA PRO A 50 34.83 -16.03 -14.11
C PRO A 50 35.49 -15.93 -15.49
N PRO A 51 35.06 -16.69 -16.51
CA PRO A 51 35.71 -16.50 -17.82
C PRO A 51 35.48 -15.12 -18.41
N LEU A 52 34.35 -14.48 -18.09
CA LEU A 52 34.11 -13.13 -18.58
C LEU A 52 35.03 -12.13 -17.89
N VAL A 53 35.21 -12.27 -16.56
CA VAL A 53 36.15 -11.42 -15.85
C VAL A 53 37.56 -11.54 -16.44
N GLU A 54 37.99 -12.76 -16.73
CA GLU A 54 39.33 -12.95 -17.30
C GLU A 54 39.45 -12.30 -18.67
N ALA A 55 38.47 -12.54 -19.55
CA ALA A 55 38.53 -11.97 -20.89
C ALA A 55 38.43 -10.45 -20.87
N ALA A 56 37.78 -9.89 -19.85
CA ALA A 56 37.56 -8.45 -19.77
C ALA A 56 38.69 -7.71 -19.05
N THR A 57 39.71 -8.41 -18.57
CA THR A 57 40.77 -7.79 -17.80
C THR A 57 41.69 -6.98 -18.71
N GLN A 58 42.08 -5.78 -18.24
CA GLN A 58 43.02 -4.93 -18.93
C GLN A 58 44.10 -4.45 -17.97
N SER A 59 45.19 -3.95 -18.53
CA SER A 59 46.31 -3.51 -17.71
C SER A 59 45.89 -2.36 -16.81
N LYS A 60 46.60 -2.21 -15.70
CA LYS A 60 46.34 -1.09 -14.80
C LYS A 60 46.48 0.24 -15.54
N GLU A 61 47.49 0.35 -16.41
CA GLU A 61 47.65 1.56 -17.22
C GLU A 61 46.42 1.83 -18.07
N ILE A 62 45.87 0.79 -18.71
CA ILE A 62 44.67 0.98 -19.52
C ILE A 62 43.48 1.36 -18.64
N ARG A 63 43.33 0.71 -17.49
CA ARG A 63 42.19 1.00 -16.62
C ARG A 63 42.23 2.44 -16.12
N ASP A 64 43.42 2.92 -15.71
CA ASP A 64 43.54 4.31 -15.32
C ASP A 64 43.24 5.25 -16.49
N ALA A 65 43.76 4.93 -17.68
CA ALA A 65 43.48 5.77 -18.84
C ALA A 65 42.00 5.77 -19.17
N ALA A 66 41.34 4.62 -19.01
CA ALA A 66 39.92 4.54 -19.33
C ALA A 66 39.08 5.35 -18.34
N ALA A 67 39.44 5.28 -17.06
CA ALA A 67 38.72 6.06 -16.06
C ALA A 67 38.85 7.56 -16.32
N SER A 68 40.04 7.99 -16.74
CA SER A 68 40.25 9.40 -17.06
C SER A 68 39.36 9.82 -18.24
N THR A 69 39.38 9.02 -19.31
CA THR A 69 38.54 9.32 -20.47
C THR A 69 37.05 9.34 -20.09
N ALA A 70 36.62 8.35 -19.29
CA ALA A 70 35.22 8.30 -18.89
C ALA A 70 34.84 9.50 -18.03
N ARG A 71 35.72 9.87 -17.09
CA ARG A 71 35.47 11.07 -16.29
C ARG A 71 35.38 12.30 -17.18
N LYS A 72 36.26 12.39 -18.19
CA LYS A 72 36.22 13.53 -19.10
C LYS A 72 34.91 13.59 -19.86
N LEU A 73 34.45 12.45 -20.40
CA LEU A 73 33.17 12.42 -21.10
C LEU A 73 32.02 12.80 -20.17
N ILE A 74 32.04 12.29 -18.93
CA ILE A 74 30.94 12.54 -18.00
C ILE A 74 30.94 14.01 -17.57
N GLU A 75 32.11 14.58 -17.32
CA GLU A 75 32.18 16.01 -17.01
C GLU A 75 31.63 16.85 -18.16
N ALA A 76 31.92 16.47 -19.40
CA ALA A 76 31.33 17.15 -20.55
C ALA A 76 29.81 16.98 -20.56
N LEU A 77 29.34 15.76 -20.33
CA LEU A 77 27.90 15.50 -20.36
C LEU A 77 27.18 16.34 -19.31
N ARG A 78 27.74 16.44 -18.11
CA ARG A 78 27.08 17.19 -17.04
C ARG A 78 27.21 18.69 -17.20
N GLY A 79 28.21 19.17 -17.94
CA GLY A 79 28.40 20.60 -18.10
C GLY A 79 27.51 21.24 -19.14
N LYS A 80 26.90 20.45 -20.01
CA LYS A 80 26.00 20.99 -21.03
C LYS A 80 24.57 20.49 -20.84
N SER A 84 14.93 19.83 -19.05
CA SER A 84 14.46 19.45 -20.38
C SER A 84 13.29 20.33 -20.83
N GLY A 85 12.73 20.01 -22.00
CA GLY A 85 11.60 20.77 -22.50
C GLY A 85 10.36 20.57 -21.65
N VAL A 86 10.00 19.32 -21.38
CA VAL A 86 8.84 19.04 -20.53
C VAL A 86 9.03 19.67 -19.16
N GLU A 87 10.26 19.62 -18.63
CA GLU A 87 10.52 20.16 -17.30
C GLU A 87 10.37 21.68 -17.28
N GLY A 88 10.80 22.36 -18.35
CA GLY A 88 10.59 23.79 -18.42
C GLY A 88 9.13 24.17 -18.54
N LEU A 89 8.35 23.34 -19.21
CA LEU A 89 6.91 23.58 -19.33
C LEU A 89 6.24 23.40 -17.97
N VAL A 90 6.57 22.32 -17.27
CA VAL A 90 6.06 22.11 -15.91
C VAL A 90 6.40 23.30 -15.02
N GLN A 91 7.63 23.79 -15.12
CA GLN A 91 8.06 24.90 -14.26
C GLN A 91 7.33 26.18 -14.63
N GLU A 92 7.20 26.49 -15.92
CA GLU A 92 6.60 27.76 -16.33
C GLU A 92 5.16 27.89 -15.85
N TYR A 93 4.41 26.79 -15.92
CA TYR A 93 2.99 26.82 -15.56
C TYR A 93 2.71 26.19 -14.21
N SER A 94 3.73 25.90 -13.42
CA SER A 94 3.57 25.33 -12.08
C SER A 94 2.67 24.11 -12.09
N LEU A 95 2.94 23.20 -13.03
CA LEU A 95 2.10 22.02 -13.18
C LEU A 95 2.50 20.98 -12.15
N SER A 96 1.51 20.28 -11.61
CA SER A 96 1.77 19.03 -10.92
C SER A 96 2.18 17.95 -11.94
N SER A 97 2.66 16.82 -11.41
CA SER A 97 2.99 15.69 -12.29
C SER A 97 1.79 15.24 -13.09
N GLN A 98 0.65 15.02 -12.44
CA GLN A 98 -0.55 14.58 -13.14
C GLN A 98 -0.98 15.61 -14.18
N GLU A 99 -0.84 16.91 -13.87
CA GLU A 99 -1.18 17.93 -14.86
C GLU A 99 -0.26 17.86 -16.06
N GLY A 100 1.04 17.68 -15.83
CA GLY A 100 1.96 17.55 -16.95
C GLY A 100 1.61 16.35 -17.82
N VAL A 101 1.29 15.22 -17.19
CA VAL A 101 0.90 14.02 -17.94
C VAL A 101 -0.38 14.28 -18.72
N ALA A 102 -1.39 14.84 -18.05
CA ALA A 102 -2.67 15.12 -18.70
C ALA A 102 -2.48 16.06 -19.87
N LEU A 103 -1.63 17.08 -19.70
CA LEU A 103 -1.37 18.03 -20.77
C LEU A 103 -0.79 17.34 -21.99
N MET A 104 0.19 16.44 -21.77
CA MET A 104 0.79 15.78 -22.92
C MET A 104 -0.19 14.83 -23.60
N CYS A 105 -1.10 14.22 -22.83
CA CYS A 105 -2.12 13.38 -23.44
C CYS A 105 -3.05 14.21 -24.30
N LEU A 106 -3.44 15.39 -23.81
CA LEU A 106 -4.25 16.29 -24.61
C LEU A 106 -3.51 16.70 -25.87
N ALA A 107 -2.24 17.08 -25.74
CA ALA A 107 -1.46 17.46 -26.91
C ALA A 107 -1.42 16.33 -27.93
N GLU A 108 -1.23 15.09 -27.45
CA GLU A 108 -1.24 13.93 -28.33
C GLU A 108 -2.55 13.82 -29.09
N ALA A 109 -3.68 14.00 -28.39
CA ALA A 109 -4.99 13.88 -29.04
C ALA A 109 -5.21 15.00 -30.05
N LEU A 110 -4.83 16.23 -29.70
CA LEU A 110 -4.95 17.34 -30.63
C LEU A 110 -4.11 17.11 -31.88
N LEU A 111 -2.96 16.44 -31.73
CA LEU A 111 -2.12 16.14 -32.88
C LEU A 111 -2.71 15.06 -33.77
N ARG A 112 -3.68 14.29 -33.27
CA ARG A 112 -4.41 13.36 -34.13
C ARG A 112 -5.34 14.08 -35.10
N ILE A 113 -5.53 15.38 -34.93
CA ILE A 113 -6.31 16.20 -35.86
C ILE A 113 -5.35 16.64 -36.98
N PRO A 114 -5.53 16.18 -38.22
CA PRO A 114 -4.48 16.40 -39.22
C PRO A 114 -4.35 17.84 -39.68
N ASP A 115 -5.45 18.54 -39.91
CA ASP A 115 -5.37 19.90 -40.41
C ASP A 115 -4.98 20.86 -39.29
N THR A 116 -3.90 21.62 -39.52
CA THR A 116 -3.38 22.50 -38.48
C THR A 116 -4.36 23.60 -38.13
N ALA A 117 -4.98 24.23 -39.13
CA ALA A 117 -5.93 25.30 -38.85
C ALA A 117 -7.17 24.79 -38.12
N THR A 118 -7.62 23.57 -38.43
CA THR A 118 -8.74 22.99 -37.70
C THR A 118 -8.37 22.80 -36.24
N ARG A 119 -7.16 22.26 -36.00
CA ARG A 119 -6.70 22.01 -34.64
C ARG A 119 -6.62 23.31 -33.84
N ASP A 120 -6.02 24.35 -34.43
CA ASP A 120 -5.90 25.63 -33.75
C ASP A 120 -7.26 26.24 -33.47
N ALA A 121 -8.23 26.05 -34.37
CA ALA A 121 -9.58 26.54 -34.12
C ALA A 121 -10.22 25.82 -32.95
N LEU A 122 -10.04 24.50 -32.87
CA LEU A 122 -10.60 23.75 -31.76
C LEU A 122 -9.98 24.19 -30.44
N ILE A 123 -8.66 24.43 -30.43
CA ILE A 123 -8.00 24.89 -29.21
C ILE A 123 -8.56 26.24 -28.76
N ARG A 124 -8.62 27.19 -29.70
CA ARG A 124 -9.02 28.55 -29.33
C ARG A 124 -10.50 28.62 -28.95
N ASP A 125 -11.36 27.98 -29.75
CA ASP A 125 -12.80 28.19 -29.61
C ASP A 125 -13.48 27.18 -28.70
N LYS A 126 -12.89 26.00 -28.49
CA LYS A 126 -13.59 24.96 -27.76
C LYS A 126 -12.79 24.43 -26.57
N ILE A 127 -11.50 24.14 -26.77
CA ILE A 127 -10.71 23.51 -25.71
C ILE A 127 -10.40 24.51 -24.60
N ALA A 128 -9.84 25.66 -24.96
CA ALA A 128 -9.44 26.63 -23.96
C ALA A 128 -10.64 27.19 -23.21
N ASP A 129 -11.80 27.26 -23.88
CA ASP A 129 -12.94 27.97 -23.32
C ASP A 129 -13.61 27.20 -22.19
N GLY A 130 -13.63 25.88 -22.26
CA GLY A 130 -14.24 25.12 -21.18
C GLY A 130 -14.04 23.63 -21.27
N ASN A 131 -15.13 22.91 -21.52
CA ASN A 131 -15.15 21.45 -21.45
C ASN A 131 -14.40 20.87 -22.63
N TRP A 132 -13.17 20.40 -22.37
CA TRP A 132 -12.46 19.59 -23.35
C TRP A 132 -13.13 18.24 -23.56
N LYS A 133 -13.90 17.77 -22.56
CA LYS A 133 -14.49 16.44 -22.62
C LYS A 133 -15.51 16.31 -23.74
N SER A 134 -16.23 17.39 -24.05
CA SER A 134 -17.25 17.35 -25.09
C SER A 134 -16.67 17.37 -26.50
N HIS A 135 -15.37 17.67 -26.65
CA HIS A 135 -14.76 17.76 -27.96
C HIS A 135 -13.70 16.70 -28.23
N LEU A 136 -13.16 16.08 -27.19
CA LEU A 136 -12.11 15.07 -27.37
C LEU A 136 -12.28 13.91 -26.38
N ARG A 140 -12.48 6.94 -27.43
CA ARG A 140 -11.09 6.71 -27.05
C ARG A 140 -10.67 7.70 -25.96
N SER A 141 -10.34 7.18 -24.77
CA SER A 141 -9.84 8.03 -23.70
C SER A 141 -8.69 8.88 -24.19
N LEU A 142 -8.66 10.15 -23.76
CA LEU A 142 -7.49 10.97 -24.02
C LEU A 142 -6.22 10.37 -23.44
N PHE A 143 -6.38 9.51 -22.44
CA PHE A 143 -5.29 9.10 -21.57
C PHE A 143 -4.80 7.69 -21.87
N VAL A 144 -5.10 7.17 -23.07
CA VAL A 144 -4.71 5.81 -23.45
C VAL A 144 -3.21 5.59 -23.28
N ASN A 145 -2.41 6.57 -23.67
CA ASN A 145 -0.96 6.44 -23.56
C ASN A 145 -0.37 7.19 -22.36
N ALA A 146 -1.18 7.41 -21.31
CA ALA A 146 -0.67 8.17 -20.18
C ALA A 146 0.46 7.46 -19.44
N ALA A 147 0.53 6.13 -19.51
CA ALA A 147 1.67 5.47 -18.88
C ALA A 147 2.98 5.89 -19.53
N THR A 148 2.96 6.02 -20.86
CA THR A 148 4.13 6.52 -21.56
C THR A 148 4.44 7.95 -21.19
N TRP A 149 3.45 8.84 -21.24
CA TRP A 149 3.70 10.22 -20.87
C TRP A 149 4.06 10.34 -19.40
N GLY A 150 3.53 9.47 -18.56
CA GLY A 150 3.98 9.44 -17.16
C GLY A 150 5.48 9.18 -17.07
N LEU A 151 6.01 8.25 -17.88
CA LEU A 151 7.45 8.03 -17.90
C LEU A 151 8.20 9.29 -18.32
N VAL A 152 7.68 10.00 -19.33
CA VAL A 152 8.32 11.22 -19.83
C VAL A 152 8.33 12.31 -18.75
N VAL A 153 7.21 12.47 -18.04
CA VAL A 153 7.10 13.58 -17.10
C VAL A 153 7.80 13.25 -15.77
N THR A 154 7.59 12.04 -15.26
CA THR A 154 8.01 11.71 -13.89
C THR A 154 9.20 10.77 -13.83
N GLY A 155 9.55 10.11 -14.93
CA GLY A 155 10.57 9.07 -14.91
C GLY A 155 10.13 7.78 -14.28
N LYS A 156 8.88 7.67 -13.84
CA LYS A 156 8.35 6.49 -13.19
C LYS A 156 7.27 5.87 -14.08
N LEU A 157 7.24 4.54 -14.09
CA LEU A 157 6.27 3.79 -14.88
C LEU A 157 5.15 3.33 -13.96
N THR A 158 3.92 3.69 -14.33
CA THR A 158 2.72 3.12 -13.73
C THR A 158 2.03 2.28 -14.78
N SER A 159 1.67 1.04 -14.42
CA SER A 159 1.20 0.09 -15.42
C SER A 159 -0.18 0.47 -15.98
N THR A 160 -1.06 0.99 -15.14
CA THR A 160 -2.36 1.45 -15.60
C THR A 160 -2.49 2.93 -15.28
N VAL A 161 -3.54 3.53 -15.84
CA VAL A 161 -3.72 4.98 -15.92
C VAL A 161 -4.84 5.37 -14.98
N ASN A 162 -4.57 6.30 -14.06
CA ASN A 162 -5.68 6.84 -13.25
C ASN A 162 -6.34 7.92 -14.07
N ASP A 163 -7.29 7.50 -14.92
CA ASP A 163 -7.89 8.43 -15.87
C ASP A 163 -8.78 9.47 -15.20
N ARG A 164 -9.34 9.16 -14.02
CA ARG A 164 -10.13 10.18 -13.35
C ARG A 164 -9.24 11.25 -12.74
N SER A 165 -8.07 10.86 -12.21
CA SER A 165 -7.11 11.85 -11.74
C SER A 165 -6.61 12.72 -12.88
N LEU A 166 -6.33 12.10 -14.04
CA LEU A 166 -5.86 12.88 -15.18
C LEU A 166 -6.95 13.80 -15.70
N ALA A 167 -8.20 13.34 -15.72
CA ALA A 167 -9.27 14.21 -16.18
C ALA A 167 -9.44 15.41 -15.27
N ALA A 168 -9.39 15.19 -13.95
CA ALA A 168 -9.45 16.30 -13.01
C ALA A 168 -8.28 17.26 -13.24
N ALA A 169 -7.06 16.71 -13.42
CA ALA A 169 -5.89 17.55 -13.60
C ALA A 169 -5.97 18.37 -14.88
N LEU A 170 -6.53 17.80 -15.94
CA LEU A 170 -6.61 18.52 -17.21
C LEU A 170 -7.62 19.66 -17.12
N THR A 171 -8.78 19.40 -16.50
CA THR A 171 -9.73 20.48 -16.27
C THR A 171 -9.10 21.58 -15.43
N ARG A 172 -8.37 21.19 -14.39
CA ARG A 172 -7.79 22.18 -13.48
C ARG A 172 -6.77 23.05 -14.21
N LEU A 173 -5.89 22.42 -15.00
CA LEU A 173 -4.84 23.19 -15.66
C LEU A 173 -5.40 24.07 -16.77
N ILE A 174 -6.41 23.58 -17.49
CA ILE A 174 -7.01 24.40 -18.54
C ILE A 174 -7.75 25.58 -17.94
N SER A 175 -8.53 25.34 -16.87
CA SER A 175 -9.26 26.43 -16.24
C SER A 175 -8.33 27.41 -15.58
N ARG A 176 -7.13 26.97 -15.19
CA ARG A 176 -6.19 27.87 -14.55
C ARG A 176 -5.37 28.66 -15.56
N CYS A 177 -4.88 27.99 -16.60
CA CYS A 177 -3.88 28.56 -17.50
C CYS A 177 -4.35 28.81 -18.91
N GLY A 178 -5.42 28.16 -19.36
CA GLY A 178 -6.02 28.53 -20.63
C GLY A 178 -5.23 28.13 -21.88
N GLU A 179 -5.54 28.81 -22.97
CA GLU A 179 -4.90 28.52 -24.25
C GLU A 179 -3.38 28.51 -24.21
N PRO A 180 -2.69 29.43 -23.54
CA PRO A 180 -1.22 29.41 -23.60
C PRO A 180 -0.59 28.09 -23.18
N VAL A 181 -1.10 27.44 -22.12
CA VAL A 181 -0.49 26.17 -21.72
C VAL A 181 -0.80 25.07 -22.74
N ILE A 182 -1.98 25.11 -23.36
CA ILE A 182 -2.32 24.12 -24.37
C ILE A 182 -1.41 24.26 -25.57
N ARG A 183 -1.24 25.50 -26.03
CA ARG A 183 -0.33 25.81 -27.12
C ARG A 183 1.06 25.24 -26.85
N ARG A 184 1.59 25.51 -25.66
CA ARG A 184 2.93 25.05 -25.32
C ARG A 184 3.01 23.53 -25.27
N GLY A 185 1.97 22.88 -24.74
CA GLY A 185 1.96 21.43 -24.72
C GLY A 185 1.90 20.83 -26.11
N VAL A 186 1.06 21.41 -26.99
CA VAL A 186 0.96 20.92 -28.35
C VAL A 186 2.31 21.04 -29.06
N ASP A 187 2.95 22.20 -28.94
CA ASP A 187 4.23 22.38 -29.63
C ASP A 187 5.30 21.47 -29.06
N MET A 188 5.25 21.21 -27.76
CA MET A 188 6.21 20.29 -27.14
C MET A 188 6.01 18.86 -27.62
N ALA A 189 4.76 18.38 -27.60
CA ALA A 189 4.49 17.03 -28.06
C ALA A 189 4.83 16.86 -29.53
N MET A 190 4.54 17.89 -30.33
CA MET A 190 4.86 17.83 -31.76
C MET A 190 6.36 17.65 -31.97
N ARG A 191 7.17 18.41 -31.22
CA ARG A 191 8.63 18.27 -31.30
C ARG A 191 9.08 16.88 -30.85
N MET A 192 8.59 16.43 -29.69
CA MET A 192 9.04 15.15 -29.15
C MET A 192 8.66 13.99 -30.06
N MET A 193 7.41 13.97 -30.53
CA MET A 193 6.94 12.85 -31.32
C MET A 193 7.38 12.92 -32.77
N GLY A 194 7.84 14.07 -33.24
CA GLY A 194 8.26 14.20 -34.62
C GLY A 194 9.77 14.24 -34.80
N GLU A 195 10.48 14.66 -33.75
CA GLU A 195 11.91 14.94 -33.84
C GLU A 195 12.77 14.27 -32.79
N GLN A 196 12.20 13.82 -31.66
CA GLN A 196 12.98 13.24 -30.59
C GLN A 196 12.80 11.73 -30.49
N PHE A 197 11.56 11.26 -30.32
CA PHE A 197 11.34 9.82 -30.26
C PHE A 197 11.54 9.17 -31.62
N VAL A 198 11.50 9.96 -32.69
CA VAL A 198 11.82 9.47 -34.03
C VAL A 198 12.69 10.50 -34.69
N THR A 199 13.52 10.03 -35.63
CA THR A 199 14.28 10.95 -36.48
C THR A 199 13.35 11.64 -37.47
N GLY A 200 12.30 10.94 -37.90
CA GLY A 200 11.27 11.55 -38.74
C GLY A 200 10.08 10.62 -38.83
N GLU A 201 8.98 11.19 -39.32
CA GLU A 201 7.73 10.43 -39.45
C GLU A 201 7.82 9.40 -40.57
N THR A 202 8.53 9.76 -41.65
CA THR A 202 8.70 8.90 -42.81
C THR A 202 10.20 8.76 -43.08
N ILE A 203 10.57 7.77 -43.88
CA ILE A 203 11.98 7.56 -44.18
C ILE A 203 12.56 8.78 -44.89
N ARG A 204 11.78 9.41 -45.79
CA ARG A 204 12.29 10.60 -46.47
C ARG A 204 12.55 11.75 -45.51
N GLU A 205 11.65 11.95 -44.55
CA GLU A 205 11.86 12.99 -43.55
C GLU A 205 13.07 12.66 -42.69
N ALA A 206 13.19 11.40 -42.27
CA ALA A 206 14.33 11.00 -41.44
C ALA A 206 15.64 11.21 -42.18
N LEU A 207 15.69 10.84 -43.47
CA LEU A 207 16.89 11.04 -44.28
C LEU A 207 17.25 12.50 -44.39
N LYS A 208 16.24 13.37 -44.59
CA LYS A 208 16.52 14.80 -44.68
C LYS A 208 17.17 15.33 -43.42
N ARG A 209 16.71 14.86 -42.25
CA ARG A 209 17.22 15.31 -40.97
C ARG A 209 18.53 14.67 -40.57
N SER A 210 19.03 13.70 -41.35
CA SER A 210 20.27 13.02 -41.01
C SER A 210 21.51 13.73 -41.55
N LYS A 211 21.35 14.67 -42.48
CA LYS A 211 22.51 15.26 -43.14
C LYS A 211 23.38 16.04 -42.17
N GLU A 212 22.76 16.71 -41.19
CA GLU A 212 23.50 17.55 -40.26
C GLU A 212 24.58 16.76 -39.52
N LEU A 213 24.19 15.62 -38.93
CA LEU A 213 25.17 14.85 -38.15
C LEU A 213 26.06 13.97 -39.03
N GLU A 214 25.58 13.57 -40.21
CA GLU A 214 26.48 12.91 -41.13
C GLU A 214 27.65 13.81 -41.51
N GLU A 215 27.39 15.11 -41.65
CA GLU A 215 28.45 16.06 -41.94
C GLU A 215 29.46 16.16 -40.80
N LYS A 216 29.08 15.77 -39.59
CA LYS A 216 29.96 15.80 -38.43
C LYS A 216 30.74 14.50 -38.23
N GLY A 217 30.45 13.46 -39.01
CA GLY A 217 31.11 12.18 -38.87
C GLY A 217 30.23 11.04 -38.38
N PHE A 218 28.95 11.30 -38.09
CA PHE A 218 28.07 10.23 -37.70
C PHE A 218 27.57 9.48 -38.93
N SER A 219 27.06 8.28 -38.71
CA SER A 219 26.32 7.51 -39.71
C SER A 219 24.98 7.12 -39.09
N TYR A 220 24.14 6.44 -39.89
CA TYR A 220 22.77 6.12 -39.47
C TYR A 220 22.42 4.67 -39.78
N SER A 221 21.57 4.09 -38.94
CA SER A 221 20.84 2.86 -39.22
C SER A 221 19.38 3.09 -38.89
N TYR A 222 18.50 2.96 -39.88
CA TYR A 222 17.09 3.32 -39.68
C TYR A 222 16.27 2.16 -39.18
N ASP A 223 15.46 2.42 -38.15
CA ASP A 223 14.59 1.45 -37.50
C ASP A 223 13.15 1.82 -37.84
N MET A 224 12.52 1.01 -38.67
CA MET A 224 11.15 1.30 -39.10
C MET A 224 10.09 0.93 -38.06
N LEU A 225 10.50 0.60 -36.84
CA LEU A 225 9.58 0.49 -35.69
C LEU A 225 8.54 -0.61 -35.87
N GLY A 226 8.82 -1.61 -36.70
CA GLY A 226 7.93 -2.75 -36.86
C GLY A 226 8.39 -3.90 -36.00
N GLU A 227 7.43 -4.63 -35.44
CA GLU A 227 7.71 -5.84 -34.70
C GLU A 227 6.39 -6.53 -34.38
N ALA A 228 6.48 -7.83 -34.11
CA ALA A 228 5.36 -8.64 -33.67
C ALA A 228 4.19 -8.56 -34.67
N ALA A 229 4.45 -9.00 -35.90
CA ALA A 229 3.34 -9.25 -36.80
C ALA A 229 2.40 -10.29 -36.20
N THR A 230 1.10 -10.02 -36.28
CA THR A 230 0.07 -10.95 -35.80
C THR A 230 -0.61 -11.70 -36.94
N THR A 231 -0.58 -11.15 -38.15
CA THR A 231 -1.26 -11.75 -39.30
C THR A 231 -0.32 -11.73 -40.49
N ALA A 232 -0.65 -12.54 -41.49
CA ALA A 232 0.08 -12.51 -42.76
C ALA A 232 0.03 -11.12 -43.37
N ALA A 233 -1.14 -10.48 -43.38
CA ALA A 233 -1.25 -9.16 -43.99
C ALA A 233 -0.35 -8.15 -43.28
N ASP A 234 -0.22 -8.25 -41.95
CA ASP A 234 0.65 -7.32 -41.26
C ASP A 234 2.11 -7.60 -41.56
N ALA A 235 2.49 -8.86 -41.67
CA ALA A 235 3.87 -9.18 -42.04
C ALA A 235 4.18 -8.65 -43.43
N GLU A 236 3.22 -8.79 -44.35
CA GLU A 236 3.41 -8.28 -45.72
C GLU A 236 3.51 -6.77 -45.72
N ARG A 237 2.73 -6.09 -44.87
CA ARG A 237 2.85 -4.64 -44.74
C ARG A 237 4.23 -4.25 -44.22
N TYR A 238 4.71 -4.93 -43.19
CA TYR A 238 6.03 -4.62 -42.68
C TYR A 238 7.09 -4.88 -43.75
N TYR A 239 6.90 -5.95 -44.53
CA TYR A 239 7.83 -6.23 -45.63
C TYR A 239 7.88 -5.07 -46.60
N ARG A 240 6.72 -4.63 -47.10
CA ARG A 240 6.77 -3.57 -48.11
C ARG A 240 7.29 -2.27 -47.51
N ASP A 241 7.10 -2.07 -46.21
CA ASP A 241 7.67 -0.89 -45.55
CA ASP A 241 7.67 -0.90 -45.55
C ASP A 241 9.20 -0.97 -45.53
N TYR A 242 9.76 -2.14 -45.20
CA TYR A 242 11.22 -2.28 -45.22
C TYR A 242 11.77 -2.10 -46.62
N GLU A 243 11.09 -2.70 -47.61
CA GLU A 243 11.56 -2.60 -48.99
C GLU A 243 11.58 -1.15 -49.44
N SER A 244 10.50 -0.41 -49.15
CA SER A 244 10.47 0.99 -49.55
C SER A 244 11.56 1.81 -48.83
N ALA A 245 11.80 1.50 -47.55
CA ALA A 245 12.86 2.20 -46.84
C ALA A 245 14.23 1.87 -47.42
N ILE A 246 14.47 0.61 -47.78
CA ILE A 246 15.76 0.27 -48.37
C ILE A 246 16.01 1.07 -49.65
N HIS A 247 14.98 1.22 -50.49
CA HIS A 247 15.14 2.05 -51.69
C HIS A 247 15.53 3.48 -51.31
N ALA A 248 14.82 4.08 -50.35
CA ALA A 248 15.10 5.47 -49.98
C ALA A 248 16.49 5.61 -49.38
N ILE A 249 16.86 4.71 -48.47
CA ILE A 249 18.18 4.75 -47.87
C ILE A 249 19.27 4.50 -48.91
N GLY A 250 19.05 3.53 -49.80
CA GLY A 250 20.05 3.24 -50.81
C GLY A 250 20.23 4.36 -51.81
N LYS A 251 19.13 5.00 -52.22
CA LYS A 251 19.23 6.17 -53.08
C LYS A 251 20.03 7.27 -52.40
N ALA A 252 19.76 7.49 -51.11
CA ALA A 252 20.45 8.56 -50.38
C ALA A 252 21.90 8.18 -50.12
N SER A 253 22.16 6.90 -49.83
CA SER A 253 23.54 6.48 -49.61
C SER A 253 24.43 6.87 -50.78
N ALA A 254 23.93 6.70 -52.00
CA ALA A 254 24.59 7.18 -53.21
C ALA A 254 26.03 6.67 -53.30
N GLY A 255 26.20 5.38 -53.05
CA GLY A 255 27.51 4.77 -53.18
C GLY A 255 28.48 4.98 -52.04
N ARG A 256 28.03 5.52 -50.90
CA ARG A 256 28.95 5.74 -49.79
C ARG A 256 29.43 4.44 -49.15
N GLY A 257 28.74 3.33 -49.40
CA GLY A 257 29.15 2.06 -48.85
C GLY A 257 28.60 1.79 -47.47
N ILE A 258 28.98 0.64 -46.92
CA ILE A 258 28.30 0.14 -45.72
C ILE A 258 28.82 0.78 -44.44
N TYR A 259 30.00 1.38 -44.45
CA TYR A 259 30.57 2.00 -43.24
C TYR A 259 30.23 3.48 -43.14
N GLU A 260 30.53 4.25 -44.19
CA GLU A 260 30.22 5.67 -44.17
C GLU A 260 28.74 5.94 -44.38
N GLY A 261 28.07 5.12 -45.19
CA GLY A 261 26.71 5.38 -45.59
C GLY A 261 25.71 4.72 -44.67
N PRO A 262 24.45 5.12 -44.81
CA PRO A 262 23.39 4.65 -43.90
C PRO A 262 22.99 3.22 -44.22
N GLY A 263 22.36 2.59 -43.22
CA GLY A 263 21.84 1.25 -43.39
C GLY A 263 20.47 1.12 -42.77
N ILE A 264 19.95 -0.10 -42.71
CA ILE A 264 18.63 -0.36 -42.15
C ILE A 264 18.75 -1.44 -41.09
N SER A 265 17.84 -1.41 -40.13
CA SER A 265 17.70 -2.46 -39.13
C SER A 265 16.32 -3.06 -39.24
N ILE A 266 16.23 -4.39 -39.14
CA ILE A 266 14.95 -5.08 -39.24
C ILE A 266 14.76 -5.97 -38.03
N LYS A 267 13.50 -6.28 -37.74
CA LYS A 267 13.17 -7.27 -36.71
C LYS A 267 12.50 -8.46 -37.39
N LEU A 268 13.03 -9.66 -37.16
CA LEU A 268 12.42 -10.83 -37.81
C LEU A 268 10.97 -11.03 -37.39
N SER A 269 10.61 -10.66 -36.17
CA SER A 269 9.23 -10.83 -35.72
C SER A 269 8.26 -9.96 -36.51
N ALA A 270 8.74 -8.91 -37.18
CA ALA A 270 7.88 -8.11 -38.06
C ALA A 270 7.55 -8.82 -39.35
N LEU A 271 8.35 -9.79 -39.76
CA LEU A 271 8.27 -10.33 -41.10
C LEU A 271 7.55 -11.68 -41.18
N HIS A 272 7.09 -12.21 -40.04
CA HIS A 272 6.33 -13.44 -40.11
C HIS A 272 5.49 -13.48 -38.84
N PRO A 273 4.21 -13.86 -38.92
CA PRO A 273 3.36 -13.88 -37.72
C PRO A 273 3.62 -15.07 -36.81
N ARG A 274 4.36 -16.09 -37.26
CA ARG A 274 4.68 -17.23 -36.39
C ARG A 274 6.18 -17.42 -36.28
N TYR A 275 6.88 -16.37 -35.86
CA TYR A 275 8.34 -16.42 -35.72
C TYR A 275 8.68 -17.05 -34.36
N SER A 276 8.89 -18.36 -34.37
CA SER A 276 9.20 -19.08 -33.15
C SER A 276 9.81 -20.43 -33.50
N ARG A 277 10.55 -20.98 -32.53
CA ARG A 277 11.15 -22.29 -32.69
C ARG A 277 10.10 -23.36 -33.00
N ALA A 278 8.92 -23.26 -32.37
CA ALA A 278 7.89 -24.27 -32.62
C ALA A 278 7.47 -24.28 -34.08
N GLN A 279 7.62 -23.14 -34.76
CA GLN A 279 7.24 -23.00 -36.17
C GLN A 279 8.47 -22.88 -37.05
N ALA A 280 9.58 -23.50 -36.65
CA ALA A 280 10.86 -23.30 -37.34
C ALA A 280 10.77 -23.64 -38.83
N ALA A 281 10.05 -24.70 -39.19
CA ALA A 281 9.94 -25.06 -40.61
C ALA A 281 9.26 -23.95 -41.41
N ARG A 282 8.19 -23.37 -40.87
CA ARG A 282 7.57 -22.24 -41.56
C ARG A 282 8.51 -21.06 -41.61
N VAL A 283 9.29 -20.84 -40.55
CA VAL A 283 10.23 -19.72 -40.53
C VAL A 283 11.25 -19.86 -41.66
N MET A 284 11.85 -21.04 -41.80
CA MET A 284 12.85 -21.23 -42.84
C MET A 284 12.23 -21.20 -44.22
N GLY A 285 11.01 -21.70 -44.37
CA GLY A 285 10.37 -21.76 -45.67
C GLY A 285 9.79 -20.44 -46.13
N GLU A 286 9.30 -19.63 -45.20
CA GLU A 286 8.51 -18.46 -45.53
C GLU A 286 9.16 -17.15 -45.12
N LEU A 287 9.80 -17.11 -43.95
CA LEU A 287 10.43 -15.88 -43.50
C LEU A 287 11.78 -15.67 -44.20
N LEU A 288 12.61 -16.72 -44.23
CA LEU A 288 13.92 -16.63 -44.87
C LEU A 288 13.90 -16.02 -46.26
N PRO A 289 13.05 -16.48 -47.20
CA PRO A 289 13.05 -15.84 -48.53
C PRO A 289 12.77 -14.36 -48.50
N ARG A 290 11.94 -13.91 -47.56
CA ARG A 290 11.65 -12.49 -47.45
C ARG A 290 12.89 -11.71 -47.02
N VAL A 291 13.62 -12.22 -46.02
CA VAL A 291 14.85 -11.54 -45.61
C VAL A 291 15.83 -11.54 -46.76
N LYS A 292 15.94 -12.67 -47.48
CA LYS A 292 16.86 -12.73 -48.60
C LYS A 292 16.53 -11.67 -49.64
N ALA A 293 15.24 -11.46 -49.91
CA ALA A 293 14.87 -10.47 -50.91
C ALA A 293 15.26 -9.06 -50.46
N LEU A 294 15.06 -8.75 -49.18
CA LEU A 294 15.49 -7.45 -48.67
C LEU A 294 17.01 -7.34 -48.70
N ALA A 295 17.71 -8.42 -48.37
CA ALA A 295 19.17 -8.39 -48.39
C ALA A 295 19.71 -8.21 -49.80
N LEU A 296 19.07 -8.84 -50.78
CA LEU A 296 19.49 -8.64 -52.18
C LEU A 296 19.37 -7.17 -52.58
N LEU A 297 18.30 -6.50 -52.13
CA LEU A 297 18.15 -5.08 -52.42
C LEU A 297 19.20 -4.25 -51.67
N ALA A 298 19.46 -4.58 -50.39
CA ALA A 298 20.53 -3.90 -49.67
C ALA A 298 21.88 -4.10 -50.35
N LYS A 299 22.14 -5.32 -50.84
CA LYS A 299 23.36 -5.58 -51.58
C LYS A 299 23.49 -4.67 -52.80
N ASN A 300 22.40 -4.50 -53.55
CA ASN A 300 22.52 -3.73 -54.80
C ASN A 300 22.86 -2.28 -54.53
N TYR A 301 22.30 -1.71 -53.47
CA TYR A 301 22.63 -0.34 -53.07
C TYR A 301 23.90 -0.28 -52.22
N ASP A 302 24.42 -1.42 -51.78
CA ASP A 302 25.60 -1.50 -50.90
C ASP A 302 25.39 -0.74 -49.58
N ILE A 303 24.32 -1.10 -48.88
CA ILE A 303 24.02 -0.55 -47.56
C ILE A 303 24.01 -1.68 -46.54
N GLY A 304 24.12 -1.31 -45.27
CA GLY A 304 24.00 -2.28 -44.21
C GLY A 304 22.56 -2.70 -43.99
N LEU A 305 22.40 -3.98 -43.64
CA LEU A 305 21.11 -4.54 -43.25
C LEU A 305 21.34 -5.35 -41.98
N ASN A 306 20.82 -4.87 -40.86
CA ASN A 306 21.09 -5.45 -39.56
C ASN A 306 19.85 -6.17 -39.06
N ILE A 307 20.04 -7.41 -38.58
CA ILE A 307 18.99 -8.15 -37.90
C ILE A 307 19.03 -7.85 -36.40
N ASP A 308 17.99 -7.17 -35.90
CA ASP A 308 17.91 -6.85 -34.48
C ASP A 308 17.67 -8.12 -33.67
N ALA A 309 18.13 -8.11 -32.42
CA ALA A 309 17.94 -9.22 -31.50
C ALA A 309 16.72 -8.99 -30.61
N GLU A 310 15.97 -10.06 -30.39
CA GLU A 310 14.69 -9.98 -29.68
C GLU A 310 14.71 -10.88 -28.44
N GLU A 311 13.65 -11.65 -28.21
CA GLU A 311 13.59 -12.42 -26.97
C GLU A 311 14.60 -13.56 -26.99
N ALA A 312 14.93 -14.05 -25.80
CA ALA A 312 15.95 -15.10 -25.68
C ALA A 312 15.55 -16.37 -26.40
N ASP A 313 14.25 -16.68 -26.49
CA ASP A 313 13.83 -17.90 -27.18
C ASP A 313 13.84 -17.75 -28.70
N ARG A 314 14.27 -16.60 -29.23
CA ARG A 314 14.42 -16.42 -30.66
C ARG A 314 15.87 -16.37 -31.10
N LEU A 315 16.81 -16.31 -30.15
CA LEU A 315 18.23 -16.16 -30.50
C LEU A 315 18.71 -17.28 -31.40
N GLU A 316 18.61 -18.52 -30.94
CA GLU A 316 19.21 -19.61 -31.71
C GLU A 316 18.49 -19.82 -33.04
N LEU A 317 17.16 -19.65 -33.06
CA LEU A 317 16.42 -19.72 -34.32
C LEU A 317 16.97 -18.70 -35.32
N SER A 318 17.24 -17.47 -34.86
CA SER A 318 17.73 -16.44 -35.79
C SER A 318 19.08 -16.83 -36.37
N LEU A 319 19.88 -17.62 -35.65
CA LEU A 319 21.19 -18.03 -36.19
C LEU A 319 21.04 -18.89 -37.43
N ASP A 320 19.97 -19.68 -37.52
CA ASP A 320 19.78 -20.47 -38.72
C ASP A 320 19.51 -19.61 -39.94
N LEU A 321 18.81 -18.49 -39.76
CA LEU A 321 18.64 -17.56 -40.87
C LEU A 321 19.95 -16.88 -41.22
N LEU A 322 20.71 -16.45 -40.21
CA LEU A 322 22.00 -15.81 -40.46
C LEU A 322 22.92 -16.75 -41.24
N GLU A 323 22.97 -18.02 -40.83
CA GLU A 323 23.82 -18.99 -41.53
C GLU A 323 23.41 -19.15 -42.98
N VAL A 324 22.13 -19.41 -43.25
CA VAL A 324 21.72 -19.63 -44.63
C VAL A 324 22.01 -18.41 -45.48
N LEU A 325 21.74 -17.22 -44.95
CA LEU A 325 21.98 -16.00 -45.72
C LEU A 325 23.46 -15.80 -46.01
N CYS A 326 24.33 -16.06 -45.01
CA CYS A 326 25.75 -15.83 -45.25
C CYS A 326 26.36 -16.87 -46.16
N LEU A 327 25.73 -18.03 -46.32
CA LEU A 327 26.21 -19.06 -47.23
C LEU A 327 25.55 -18.99 -48.60
N ASP A 328 24.61 -18.08 -48.80
CA ASP A 328 23.86 -18.01 -50.05
C ASP A 328 24.69 -17.21 -51.06
N GLY A 329 25.09 -17.88 -52.14
CA GLY A 329 25.95 -17.23 -53.13
C GLY A 329 25.32 -16.02 -53.80
N ASP A 330 23.99 -15.93 -53.82
CA ASP A 330 23.38 -14.76 -54.44
C ASP A 330 23.70 -13.48 -53.70
N LEU A 331 24.11 -13.57 -52.43
CA LEU A 331 24.44 -12.42 -51.62
C LEU A 331 25.93 -12.14 -51.57
N SER A 332 26.73 -12.89 -52.34
CA SER A 332 28.17 -12.73 -52.22
C SER A 332 28.61 -11.39 -52.79
N GLY A 333 29.75 -10.91 -52.28
CA GLY A 333 30.30 -9.65 -52.70
C GLY A 333 29.86 -8.47 -51.86
N TRP A 334 28.95 -8.69 -50.91
CA TRP A 334 28.37 -7.65 -50.08
C TRP A 334 28.65 -7.99 -48.63
N ASN A 335 29.19 -7.02 -47.89
CA ASN A 335 29.54 -7.20 -46.50
C ASN A 335 28.59 -6.48 -45.55
N GLY A 336 27.42 -6.08 -46.04
CA GLY A 336 26.48 -5.31 -45.25
C GLY A 336 25.59 -6.08 -44.30
N MET A 337 25.56 -7.42 -44.35
CA MET A 337 24.73 -8.18 -43.43
CA MET A 337 24.73 -8.16 -43.43
C MET A 337 25.21 -7.99 -41.99
N GLY A 338 24.29 -7.58 -41.11
CA GLY A 338 24.61 -7.34 -39.73
C GLY A 338 23.69 -8.11 -38.79
N PHE A 339 24.15 -8.24 -37.54
CA PHE A 339 23.45 -9.10 -36.59
C PHE A 339 23.77 -8.64 -35.18
N VAL A 340 22.73 -8.49 -34.35
CA VAL A 340 22.88 -8.03 -32.97
C VAL A 340 23.10 -9.24 -32.05
N VAL A 341 23.99 -9.07 -31.07
CA VAL A 341 24.11 -10.01 -29.97
CA VAL A 341 24.12 -10.01 -29.97
C VAL A 341 24.00 -9.26 -28.66
N GLN A 342 23.29 -9.86 -27.70
CA GLN A 342 22.94 -9.19 -26.45
C GLN A 342 23.84 -9.67 -25.31
N ALA A 343 24.65 -8.77 -24.76
CA ALA A 343 25.62 -9.12 -23.74
C ALA A 343 24.97 -9.49 -22.40
N TYR A 344 23.71 -9.12 -22.18
CA TYR A 344 23.04 -9.61 -20.98
C TYR A 344 22.73 -11.09 -21.03
N GLY A 345 22.95 -11.73 -22.18
CA GLY A 345 22.62 -13.13 -22.35
C GLY A 345 23.82 -14.03 -22.05
N LYS A 346 23.56 -15.14 -21.38
CA LYS A 346 24.61 -16.07 -20.99
C LYS A 346 25.26 -16.75 -22.17
N ARG A 347 24.59 -16.80 -23.33
CA ARG A 347 25.16 -17.43 -24.50
C ARG A 347 26.04 -16.49 -25.32
N CYS A 348 26.08 -15.20 -24.97
CA CYS A 348 26.70 -14.19 -25.84
C CYS A 348 28.09 -14.53 -26.36
N PRO A 349 29.08 -14.87 -25.53
CA PRO A 349 30.42 -15.15 -26.10
C PRO A 349 30.42 -16.36 -27.02
N PHE A 350 29.57 -17.34 -26.74
CA PHE A 350 29.50 -18.53 -27.59
C PHE A 350 28.81 -18.22 -28.91
N VAL A 351 27.81 -17.35 -28.87
CA VAL A 351 27.19 -16.86 -30.11
C VAL A 351 28.23 -16.12 -30.95
N LEU A 352 29.04 -15.29 -30.30
CA LEU A 352 30.08 -14.56 -31.02
C LEU A 352 31.08 -15.52 -31.63
N ASP A 353 31.45 -16.58 -30.90
CA ASP A 353 32.34 -17.58 -31.48
C ASP A 353 31.74 -18.19 -32.73
N PHE A 354 30.43 -18.51 -32.67
CA PHE A 354 29.74 -19.04 -33.84
C PHE A 354 29.74 -18.04 -34.99
N ILE A 355 29.43 -16.77 -34.71
CA ILE A 355 29.34 -15.76 -35.76
C ILE A 355 30.70 -15.51 -36.41
N ILE A 356 31.75 -15.38 -35.59
CA ILE A 356 33.08 -15.15 -36.12
C ILE A 356 33.50 -16.32 -37.01
N ASP A 357 33.18 -17.55 -36.59
CA ASP A 357 33.49 -18.70 -37.44
C ASP A 357 32.69 -18.68 -38.73
N LEU A 358 31.39 -18.31 -38.65
CA LEU A 358 30.58 -18.20 -39.86
C LEU A 358 31.12 -17.15 -40.80
N ALA A 359 31.57 -16.01 -40.25
CA ALA A 359 32.21 -14.98 -41.07
C ALA A 359 33.47 -15.52 -41.74
N ARG A 360 34.23 -16.35 -41.02
CA ARG A 360 35.43 -16.97 -41.61
C ARG A 360 35.05 -17.92 -42.75
N ARG A 361 34.09 -18.82 -42.50
CA ARG A 361 33.72 -19.80 -43.52
C ARG A 361 33.13 -19.15 -44.76
N SER A 362 32.27 -18.16 -44.56
CA SER A 362 31.56 -17.52 -45.67
C SER A 362 32.41 -16.45 -46.33
N GLY A 363 33.42 -15.93 -45.64
CA GLY A 363 34.17 -14.81 -46.14
C GLY A 363 33.43 -13.49 -46.12
N ARG A 364 32.31 -13.42 -45.40
CA ARG A 364 31.52 -12.20 -45.25
C ARG A 364 31.93 -11.54 -43.95
N ARG A 365 32.25 -10.25 -44.01
CA ARG A 365 32.66 -9.52 -42.83
C ARG A 365 31.40 -9.09 -42.09
N ILE A 366 30.87 -9.99 -41.24
CA ILE A 366 29.58 -9.75 -40.61
C ILE A 366 29.68 -8.54 -39.69
N MET A 367 28.70 -7.64 -39.81
CA MET A 367 28.62 -6.46 -38.94
C MET A 367 27.93 -6.89 -37.67
N VAL A 368 28.64 -6.86 -36.56
CA VAL A 368 28.15 -7.43 -35.32
C VAL A 368 27.86 -6.28 -34.37
N ARG A 369 26.58 -6.03 -34.08
CA ARG A 369 26.20 -4.99 -33.13
C ARG A 369 26.10 -5.63 -31.75
N LEU A 370 27.00 -5.23 -30.87
CA LEU A 370 26.98 -5.67 -29.47
C LEU A 370 26.12 -4.69 -28.67
N VAL A 371 25.02 -5.18 -28.09
CA VAL A 371 24.15 -4.39 -27.23
C VAL A 371 24.14 -5.08 -25.87
N LYS A 372 23.59 -4.38 -24.87
CA LYS A 372 23.41 -5.07 -23.59
C LYS A 372 22.15 -5.93 -23.60
N GLY A 373 21.00 -5.36 -23.97
CA GLY A 373 19.78 -6.14 -24.16
C GLY A 373 18.55 -5.38 -23.71
N ALA A 374 17.44 -5.47 -24.45
CA ALA A 374 16.29 -4.61 -24.22
C ALA A 374 15.11 -5.27 -23.51
N TYR A 375 15.18 -6.57 -23.22
CA TYR A 375 14.01 -7.32 -22.78
C TYR A 375 14.19 -7.89 -21.38
N TRP A 376 14.99 -7.23 -20.54
CA TRP A 376 15.44 -7.87 -19.30
C TRP A 376 14.26 -8.26 -18.41
N ASP A 377 13.38 -7.30 -18.07
CA ASP A 377 12.32 -7.66 -17.14
CA ASP A 377 12.25 -7.58 -17.19
C ASP A 377 11.42 -8.74 -17.71
N ALA A 378 11.21 -8.76 -19.03
CA ALA A 378 10.36 -9.77 -19.62
C ALA A 378 11.02 -11.14 -19.56
N GLU A 379 12.34 -11.19 -19.68
CA GLU A 379 13.02 -12.47 -19.57
C GLU A 379 12.91 -13.03 -18.15
N ILE A 380 12.99 -12.15 -17.13
CA ILE A 380 12.86 -12.63 -15.76
C ILE A 380 11.48 -13.23 -15.54
N LYS A 381 10.44 -12.51 -15.98
CA LYS A 381 9.07 -12.98 -15.80
C LYS A 381 8.84 -14.30 -16.52
N ARG A 382 9.29 -14.40 -17.77
CA ARG A 382 9.04 -15.60 -18.57
C ARG A 382 9.68 -16.84 -17.95
N ALA A 383 10.93 -16.73 -17.48
CA ALA A 383 11.59 -17.89 -16.89
C ALA A 383 10.88 -18.32 -15.61
N GLN A 384 10.38 -17.35 -14.84
CA GLN A 384 9.64 -17.69 -13.63
C GLN A 384 8.32 -18.37 -13.98
N LEU A 385 7.55 -17.78 -14.91
CA LEU A 385 6.28 -18.40 -15.29
C LEU A 385 6.47 -19.82 -15.78
N ASP A 386 7.54 -20.07 -16.54
CA ASP A 386 7.74 -21.38 -17.15
C ASP A 386 8.46 -22.36 -16.22
N GLY A 387 8.79 -21.95 -15.01
CA GLY A 387 9.43 -22.87 -14.07
C GLY A 387 10.73 -23.45 -14.56
N LEU A 388 11.54 -22.64 -15.25
CA LEU A 388 12.77 -23.16 -15.83
C LEU A 388 13.94 -23.10 -14.85
N ALA A 389 15.04 -23.76 -15.23
CA ALA A 389 16.10 -23.99 -14.26
C ALA A 389 16.77 -22.70 -13.81
N ASP A 390 16.85 -21.71 -14.69
CA ASP A 390 17.57 -20.48 -14.39
C ASP A 390 17.17 -19.48 -15.47
N PHE A 391 17.74 -18.31 -15.38
CA PHE A 391 17.42 -17.30 -16.38
C PHE A 391 18.38 -17.40 -17.55
N PRO A 392 17.94 -16.94 -18.73
CA PRO A 392 18.83 -16.89 -19.89
C PRO A 392 19.59 -15.56 -19.99
N VAL A 393 19.43 -14.70 -18.99
CA VAL A 393 20.13 -13.44 -18.90
C VAL A 393 20.68 -13.32 -17.49
N PHE A 394 21.66 -12.43 -17.33
CA PHE A 394 22.18 -12.12 -16.00
C PHE A 394 21.13 -11.40 -15.16
N THR A 395 21.30 -11.46 -13.84
CA THR A 395 20.39 -10.81 -12.91
C THR A 395 21.01 -9.63 -12.16
N ARG A 396 22.32 -9.44 -12.27
CA ARG A 396 22.98 -8.24 -11.76
C ARG A 396 23.48 -7.42 -12.93
N LYS A 397 23.16 -6.12 -12.92
CA LYS A 397 23.50 -5.27 -14.05
C LYS A 397 25.00 -5.25 -14.30
N ILE A 398 25.79 -5.30 -13.22
CA ILE A 398 27.24 -5.28 -13.37
C ILE A 398 27.73 -6.51 -14.12
N HIS A 399 27.01 -7.63 -14.00
CA HIS A 399 27.38 -8.82 -14.76
C HIS A 399 27.23 -8.59 -16.26
N THR A 400 26.14 -7.94 -16.67
CA THR A 400 25.99 -7.58 -18.06
C THR A 400 27.12 -6.67 -18.52
N ASP A 401 27.56 -5.75 -17.66
CA ASP A 401 28.63 -4.84 -18.06
C ASP A 401 29.93 -5.60 -18.27
N VAL A 402 30.25 -6.54 -17.37
CA VAL A 402 31.45 -7.35 -17.56
C VAL A 402 31.33 -8.20 -18.82
N SER A 403 30.15 -8.80 -19.03
CA SER A 403 29.94 -9.59 -20.24
C SER A 403 30.16 -8.75 -21.50
N TYR A 404 29.66 -7.51 -21.50
CA TYR A 404 29.85 -6.64 -22.66
C TYR A 404 31.34 -6.40 -22.93
N ILE A 405 32.09 -6.06 -21.88
CA ILE A 405 33.51 -5.77 -22.07
C ILE A 405 34.26 -7.02 -22.51
N ALA A 406 33.93 -8.17 -21.93
CA ALA A 406 34.58 -9.42 -22.35
C ALA A 406 34.29 -9.73 -23.80
N CYS A 407 33.03 -9.52 -24.22
CA CYS A 407 32.68 -9.79 -25.61
C CYS A 407 33.30 -8.77 -26.56
N ALA A 408 33.49 -7.52 -26.09
CA ALA A 408 34.22 -6.55 -26.89
C ALA A 408 35.66 -6.98 -27.13
N ALA A 409 36.30 -7.56 -26.10
CA ALA A 409 37.65 -8.05 -26.28
C ALA A 409 37.70 -9.13 -27.34
N LYS A 410 36.73 -10.05 -27.32
CA LYS A 410 36.67 -11.08 -28.35
C LYS A 410 36.48 -10.47 -29.74
N LEU A 411 35.57 -9.50 -29.86
CA LEU A 411 35.33 -8.87 -31.15
C LEU A 411 36.54 -8.09 -31.65
N LEU A 412 37.23 -7.38 -30.77
CA LEU A 412 38.35 -6.56 -31.18
C LEU A 412 39.55 -7.38 -31.61
N ALA A 413 39.57 -8.67 -31.26
CA ALA A 413 40.62 -9.56 -31.74
C ALA A 413 40.29 -10.16 -33.10
N ALA A 414 39.12 -9.86 -33.65
CA ALA A 414 38.62 -10.49 -34.87
C ALA A 414 38.21 -9.45 -35.91
N THR A 415 38.79 -8.24 -35.85
CA THR A 415 38.37 -7.18 -36.77
C THR A 415 38.70 -7.47 -38.22
N ASP A 416 39.61 -8.40 -38.50
CA ASP A 416 39.81 -8.81 -39.88
C ASP A 416 38.65 -9.66 -40.39
N VAL A 417 37.86 -10.24 -39.49
CA VAL A 417 36.82 -11.19 -39.86
C VAL A 417 35.42 -10.62 -39.70
N VAL A 418 35.20 -9.75 -38.70
CA VAL A 418 33.91 -9.12 -38.45
C VAL A 418 34.11 -7.62 -38.26
N PHE A 419 33.01 -6.89 -38.34
CA PHE A 419 33.02 -5.44 -38.09
C PHE A 419 32.28 -5.19 -36.78
N PRO A 420 32.99 -4.99 -35.66
CA PRO A 420 32.31 -4.77 -34.37
C PRO A 420 31.64 -3.40 -34.32
N GLN A 421 30.45 -3.36 -33.72
CA GLN A 421 29.66 -2.14 -33.58
C GLN A 421 29.23 -2.09 -32.12
N PHE A 422 29.80 -1.17 -31.36
CA PHE A 422 29.62 -1.13 -29.91
C PHE A 422 28.50 -0.14 -29.58
N ALA A 423 27.29 -0.68 -29.43
CA ALA A 423 26.09 0.13 -29.17
C ALA A 423 25.97 0.31 -27.67
N THR A 424 26.24 1.51 -27.18
CA THR A 424 26.09 1.78 -25.75
C THR A 424 26.04 3.29 -25.51
N HIS A 425 25.29 3.68 -24.49
CA HIS A 425 25.30 5.05 -23.97
C HIS A 425 26.11 5.19 -22.70
N ASN A 426 26.76 4.11 -22.25
CA ASN A 426 27.49 4.11 -20.98
C ASN A 426 28.91 4.59 -21.23
N ALA A 427 29.24 5.76 -20.68
CA ALA A 427 30.55 6.37 -20.92
C ALA A 427 31.69 5.50 -20.38
N GLN A 428 31.44 4.76 -19.30
CA GLN A 428 32.47 3.88 -18.76
C GLN A 428 32.73 2.71 -19.70
N THR A 429 31.65 2.09 -20.20
CA THR A 429 31.78 1.01 -21.19
C THR A 429 32.51 1.51 -22.43
N LEU A 430 32.10 2.68 -22.93
CA LEU A 430 32.73 3.27 -24.10
C LEU A 430 34.22 3.48 -23.88
N ALA A 431 34.58 4.12 -22.77
CA ALA A 431 35.99 4.42 -22.51
C ALA A 431 36.82 3.16 -22.41
N ALA A 432 36.30 2.13 -21.74
CA ALA A 432 37.01 0.87 -21.62
C ALA A 432 37.33 0.27 -22.99
N ILE A 433 36.36 0.30 -23.90
CA ILE A 433 36.55 -0.28 -25.22
C ILE A 433 37.44 0.62 -26.07
N TYR A 434 37.27 1.94 -25.93
CA TYR A 434 38.11 2.87 -26.68
C TYR A 434 39.59 2.62 -26.42
N HIS A 435 39.97 2.43 -25.15
CA HIS A 435 41.37 2.14 -24.86
C HIS A 435 41.74 0.68 -25.16
N MET A 436 40.78 -0.23 -25.00
CA MET A 436 41.03 -1.63 -25.35
C MET A 436 41.44 -1.77 -26.81
N ALA A 437 40.81 -1.00 -27.70
CA ALA A 437 41.07 -1.10 -29.13
C ALA A 437 42.43 -0.53 -29.53
N GLY A 438 43.08 0.21 -28.65
CA GLY A 438 44.43 0.65 -28.92
C GLY A 438 44.51 1.81 -29.88
N LYS A 439 45.74 2.03 -30.37
CA LYS A 439 46.11 3.26 -31.06
C LYS A 439 45.72 3.25 -32.54
N ASP A 440 45.74 2.09 -33.19
CA ASP A 440 45.52 2.03 -34.63
C ASP A 440 44.03 2.08 -34.91
N PHE A 441 43.62 2.98 -35.79
CA PHE A 441 42.23 2.99 -36.19
C PHE A 441 42.12 3.40 -37.64
N HIS A 442 41.13 2.83 -38.32
CA HIS A 442 40.72 3.28 -39.64
C HIS A 442 39.23 3.08 -39.75
N VAL A 443 38.56 3.93 -40.52
CA VAL A 443 37.13 3.75 -40.73
C VAL A 443 36.90 2.39 -41.37
N GLY A 444 35.99 1.62 -40.79
CA GLY A 444 35.78 0.24 -41.17
C GLY A 444 36.37 -0.77 -40.21
N LYS A 445 37.23 -0.35 -39.28
CA LYS A 445 37.78 -1.30 -38.32
C LYS A 445 36.72 -1.68 -37.30
N TYR A 446 36.07 -0.69 -36.69
CA TYR A 446 34.94 -0.89 -35.81
C TYR A 446 34.26 0.46 -35.65
N GLU A 447 33.11 0.47 -34.98
CA GLU A 447 32.44 1.74 -34.71
C GLU A 447 31.69 1.61 -33.40
N PHE A 448 31.28 2.76 -32.89
CA PHE A 448 30.28 2.83 -31.83
C PHE A 448 28.90 3.09 -32.43
N GLN A 449 27.88 2.89 -31.62
CA GLN A 449 26.51 3.20 -32.02
C GLN A 449 25.74 3.75 -30.84
N CYS A 450 24.70 4.53 -31.15
CA CYS A 450 23.86 5.12 -30.10
C CYS A 450 22.47 5.29 -30.66
N LEU A 451 21.54 5.67 -29.78
CA LEU A 451 20.16 5.88 -30.15
C LEU A 451 19.92 7.35 -30.49
N HIS A 452 19.14 7.59 -31.54
CA HIS A 452 18.74 8.95 -31.87
C HIS A 452 18.09 9.64 -30.68
N GLY A 453 18.38 10.93 -30.52
CA GLY A 453 17.74 11.71 -29.47
C GLY A 453 18.06 11.23 -28.08
N MET A 454 19.23 10.64 -27.88
CA MET A 454 19.58 10.05 -26.59
C MET A 454 21.11 10.00 -26.44
N GLY A 455 21.79 9.49 -27.46
CA GLY A 455 23.23 9.33 -27.37
C GLY A 455 24.07 10.44 -27.98
N GLU A 456 23.44 11.39 -28.67
CA GLU A 456 24.21 12.46 -29.30
C GLU A 456 25.03 13.29 -28.32
N PRO A 457 24.53 13.68 -27.13
CA PRO A 457 25.39 14.42 -26.20
C PRO A 457 26.68 13.69 -25.87
N LEU A 458 26.61 12.39 -25.60
CA LEU A 458 27.83 11.62 -25.34
C LEU A 458 28.71 11.53 -26.58
N TYR A 459 28.11 11.18 -27.72
CA TYR A 459 28.95 10.90 -28.89
C TYR A 459 29.45 12.15 -29.60
N GLU A 460 28.86 13.31 -29.36
CA GLU A 460 29.49 14.55 -29.82
C GLU A 460 30.80 14.82 -29.10
N GLU A 461 31.08 14.11 -28.01
CA GLU A 461 32.39 14.14 -27.36
C GLU A 461 33.30 13.02 -27.85
N VAL A 462 32.86 12.26 -28.85
CA VAL A 462 33.59 11.10 -29.37
C VAL A 462 33.94 11.28 -30.84
N VAL A 463 32.94 11.61 -31.66
CA VAL A 463 33.14 11.69 -33.11
C VAL A 463 33.96 12.93 -33.45
N GLY A 464 34.87 12.79 -34.40
CA GLY A 464 35.58 13.94 -34.92
C GLY A 464 37.03 14.00 -34.46
N ARG A 465 37.86 14.64 -35.29
CA ARG A 465 39.28 14.77 -34.96
C ARG A 465 39.51 15.55 -33.67
N GLY A 466 38.61 16.48 -33.35
CA GLY A 466 38.74 17.24 -32.11
C GLY A 466 38.34 16.49 -30.86
N LYS A 467 37.79 15.29 -31.01
CA LYS A 467 37.36 14.49 -29.86
C LYS A 467 38.20 13.22 -29.84
N LEU A 468 37.58 12.03 -29.85
CA LEU A 468 38.30 10.77 -29.86
C LEU A 468 38.50 10.23 -31.27
N ASP A 469 37.88 10.85 -32.27
CA ASP A 469 38.06 10.47 -33.68
C ASP A 469 37.64 9.02 -33.92
N ARG A 470 36.51 8.63 -33.32
CA ARG A 470 35.88 7.35 -33.55
C ARG A 470 34.45 7.56 -34.02
N PRO A 471 34.03 6.84 -35.04
CA PRO A 471 32.70 7.05 -35.62
C PRO A 471 31.60 6.46 -34.75
N CYS A 472 30.40 6.99 -34.95
CA CYS A 472 29.23 6.51 -34.25
C CYS A 472 28.08 6.43 -35.25
N ARG A 473 27.39 5.30 -35.24
CA ARG A 473 26.19 5.13 -36.04
C ARG A 473 24.97 5.36 -35.16
N ILE A 474 24.09 6.24 -35.61
CA ILE A 474 22.86 6.57 -34.91
C ILE A 474 21.75 5.64 -35.36
N TYR A 475 21.17 4.91 -34.41
CA TYR A 475 20.00 4.07 -34.62
C TYR A 475 18.78 4.98 -34.59
N ALA A 476 18.13 5.16 -35.74
CA ALA A 476 17.17 6.23 -35.98
C ALA A 476 15.76 5.65 -36.15
N PRO A 477 14.90 5.75 -35.15
CA PRO A 477 13.52 5.29 -35.34
C PRO A 477 12.80 6.17 -36.32
N VAL A 478 11.92 5.56 -37.11
CA VAL A 478 11.16 6.24 -38.15
C VAL A 478 9.72 5.76 -38.03
N GLY A 479 8.78 6.71 -37.90
CA GLY A 479 7.40 6.26 -37.82
C GLY A 479 6.44 7.34 -37.39
N THR A 480 5.17 7.07 -37.63
CA THR A 480 4.10 7.96 -37.20
C THR A 480 3.94 7.90 -35.70
N HIS A 481 3.12 8.82 -35.17
CA HIS A 481 2.85 8.86 -33.73
C HIS A 481 2.33 7.53 -33.22
N GLU A 482 1.38 6.92 -33.93
CA GLU A 482 0.83 5.65 -33.50
C GLU A 482 1.92 4.59 -33.42
N THR A 483 2.76 4.51 -34.45
CA THR A 483 3.78 3.46 -34.50
C THR A 483 4.80 3.63 -33.38
N LEU A 484 5.23 4.86 -33.10
CA LEU A 484 6.28 5.02 -32.12
C LEU A 484 5.76 4.79 -30.70
N LEU A 485 4.48 5.08 -30.46
CA LEU A 485 3.92 4.92 -29.12
C LEU A 485 3.74 3.46 -28.74
N ALA A 486 3.69 2.55 -29.72
CA ALA A 486 3.31 1.16 -29.44
C ALA A 486 4.24 0.51 -28.44
N TYR A 487 5.56 0.66 -28.62
CA TYR A 487 6.52 0.05 -27.70
C TYR A 487 7.49 1.08 -27.14
N LEU A 488 7.02 2.33 -26.98
CA LEU A 488 7.90 3.40 -26.51
C LEU A 488 8.34 3.17 -25.07
N VAL A 489 7.49 2.54 -24.25
CA VAL A 489 7.84 2.30 -22.85
C VAL A 489 9.10 1.44 -22.74
N ARG A 490 9.16 0.35 -23.50
CA ARG A 490 10.35 -0.51 -23.47
C ARG A 490 11.60 0.26 -23.88
N ARG A 491 11.47 1.11 -24.90
CA ARG A 491 12.62 1.93 -25.33
C ARG A 491 13.01 2.93 -24.26
N LEU A 492 12.04 3.54 -23.60
CA LEU A 492 12.36 4.51 -22.56
C LEU A 492 13.11 3.84 -21.40
N LEU A 493 12.72 2.61 -21.05
CA LEU A 493 13.35 1.93 -19.92
C LEU A 493 14.78 1.48 -20.22
N GLU A 494 15.14 1.32 -21.50
CA GLU A 494 16.53 1.03 -21.85
C GLU A 494 17.48 1.99 -21.15
N ASN A 495 17.13 3.28 -21.14
CA ASN A 495 17.98 4.32 -20.55
C ASN A 495 17.33 4.99 -19.35
N GLY A 496 16.18 4.50 -18.87
CA GLY A 496 15.46 5.19 -17.83
C GLY A 496 15.36 4.50 -16.48
N ALA A 497 15.81 3.25 -16.40
CA ALA A 497 15.75 2.52 -15.14
C ALA A 497 16.78 3.05 -14.15
N ASN A 498 16.56 2.74 -12.87
CA ASN A 498 17.44 3.26 -11.83
C ASN A 498 18.88 2.80 -11.99
N SER A 499 19.09 1.65 -12.62
CA SER A 499 20.43 1.15 -12.89
C SER A 499 21.01 1.67 -14.19
N SER A 500 20.21 2.36 -15.00
CA SER A 500 20.67 2.81 -16.32
C SER A 500 21.64 3.97 -16.20
N PHE A 501 22.67 3.95 -17.05
CA PHE A 501 23.67 5.01 -17.04
C PHE A 501 23.03 6.38 -17.25
N VAL A 502 22.17 6.50 -18.26
CA VAL A 502 21.59 7.79 -18.60
C VAL A 502 20.78 8.34 -17.44
N HIS A 503 20.08 7.46 -16.72
CA HIS A 503 19.40 7.88 -15.51
C HIS A 503 20.38 8.34 -14.44
N ARG A 504 21.44 7.56 -14.22
CA ARG A 504 22.37 7.84 -13.13
C ARG A 504 23.17 9.11 -13.39
N ILE A 505 23.53 9.38 -14.65
CA ILE A 505 24.26 10.60 -14.94
C ILE A 505 23.42 11.84 -14.64
N ASN A 506 22.10 11.74 -14.80
CA ASN A 506 21.19 12.83 -14.50
C ASN A 506 20.75 12.86 -13.04
N ASP A 507 21.26 11.95 -12.21
CA ASP A 507 20.94 11.93 -10.79
C ASP A 507 22.04 12.66 -10.03
N PRO A 508 21.74 13.75 -9.33
CA PRO A 508 22.80 14.48 -8.63
C PRO A 508 23.45 13.68 -7.51
N LYS A 509 22.72 12.78 -6.87
CA LYS A 509 23.25 11.98 -5.78
C LYS A 509 24.28 10.95 -6.25
N VAL A 510 24.45 10.75 -7.55
CA VAL A 510 25.41 9.81 -8.10
C VAL A 510 26.65 10.59 -8.53
N SER A 511 27.80 10.27 -7.93
CA SER A 511 29.03 11.00 -8.20
C SER A 511 29.71 10.46 -9.46
N ILE A 512 30.64 11.26 -9.97
CA ILE A 512 31.41 10.84 -11.15
C ILE A 512 32.25 9.61 -10.82
N ASP A 513 32.75 9.54 -9.58
CA ASP A 513 33.51 8.37 -9.16
C ASP A 513 32.67 7.11 -9.22
N GLU A 514 31.40 7.20 -8.81
CA GLU A 514 30.50 6.05 -8.91
C GLU A 514 30.28 5.66 -10.38
N LEU A 515 30.23 6.65 -11.27
CA LEU A 515 29.94 6.37 -12.67
C LEU A 515 31.13 5.77 -13.40
N ILE A 516 32.35 6.04 -12.96
CA ILE A 516 33.53 5.55 -13.67
C ILE A 516 34.07 4.31 -12.98
N ALA A 517 33.33 3.80 -11.99
CA ALA A 517 33.70 2.56 -11.33
C ALA A 517 33.82 1.44 -12.36
N ASP A 518 34.89 0.68 -12.27
CA ASP A 518 35.18 -0.40 -13.20
C ASP A 518 34.39 -1.65 -12.81
N PRO A 519 33.38 -2.03 -13.60
CA PRO A 519 32.60 -3.21 -13.24
C PRO A 519 33.41 -4.49 -13.20
N VAL A 520 34.47 -4.60 -14.00
CA VAL A 520 35.30 -5.80 -14.04
C VAL A 520 35.96 -6.01 -12.68
N GLU A 521 36.57 -4.97 -12.13
CA GLU A 521 37.24 -5.12 -10.84
C GLU A 521 36.24 -5.26 -9.70
N VAL A 522 35.07 -4.63 -9.81
CA VAL A 522 34.07 -4.77 -8.75
C VAL A 522 33.56 -6.21 -8.69
N VAL A 523 33.29 -6.82 -9.84
CA VAL A 523 32.88 -8.22 -9.85
C VAL A 523 33.99 -9.12 -9.32
N ARG A 524 35.24 -8.85 -9.70
CA ARG A 524 36.34 -9.72 -9.32
C ARG A 524 36.50 -9.78 -7.80
N ALA A 525 36.12 -8.73 -7.10
CA ALA A 525 36.33 -8.62 -5.67
C ALA A 525 35.11 -8.99 -4.84
N MET A 526 33.98 -9.28 -5.47
CA MET A 526 32.82 -9.71 -4.72
C MET A 526 33.14 -11.04 -4.04
N PRO A 527 32.52 -11.32 -2.88
CA PRO A 527 32.89 -12.56 -2.15
C PRO A 527 32.60 -13.81 -2.94
N VAL A 528 31.41 -13.90 -3.52
CA VAL A 528 31.05 -14.97 -4.45
C VAL A 528 30.96 -14.31 -5.83
N VAL A 529 31.88 -14.65 -6.72
CA VAL A 529 31.88 -14.06 -8.05
C VAL A 529 30.66 -14.55 -8.83
N GLY A 530 29.90 -13.62 -9.39
CA GLY A 530 28.79 -13.98 -10.23
C GLY A 530 27.54 -14.46 -9.53
N ALA A 531 27.39 -14.19 -8.23
CA ALA A 531 26.18 -14.60 -7.53
C ALA A 531 24.94 -13.95 -8.14
N LYS A 532 23.85 -14.72 -8.16
CA LYS A 532 22.53 -14.23 -8.57
C LYS A 532 22.11 -13.04 -7.71
N HIS A 533 21.33 -12.15 -8.30
CA HIS A 533 20.75 -11.04 -7.55
C HIS A 533 20.00 -11.56 -6.32
N ASP A 534 20.22 -10.91 -5.18
CA ASP A 534 19.60 -11.36 -3.93
C ASP A 534 18.08 -11.23 -3.93
N ARG A 535 17.53 -10.34 -4.73
CA ARG A 535 16.10 -10.04 -4.69
C ARG A 535 15.34 -10.60 -5.88
N ILE A 536 15.95 -11.48 -6.67
CA ILE A 536 15.27 -12.12 -7.79
C ILE A 536 15.26 -13.62 -7.51
N ALA A 537 14.07 -14.19 -7.41
CA ALA A 537 13.95 -15.59 -7.08
C ALA A 537 14.17 -16.44 -8.32
N LEU A 538 14.97 -17.51 -8.17
CA LEU A 538 14.97 -18.51 -9.21
C LEU A 538 13.56 -19.08 -9.34
N PRO A 539 13.18 -19.54 -10.54
CA PRO A 539 11.83 -20.09 -10.70
C PRO A 539 11.46 -21.15 -9.68
N ALA A 540 12.38 -22.05 -9.34
CA ALA A 540 12.10 -23.09 -8.35
C ALA A 540 11.80 -22.50 -6.98
N GLU A 541 12.24 -21.28 -6.70
CA GLU A 541 12.14 -20.71 -5.36
C GLU A 541 11.05 -19.65 -5.26
N LEU A 542 10.10 -19.63 -6.19
CA LEU A 542 9.05 -18.60 -6.23
C LEU A 542 8.26 -18.55 -4.93
N PHE A 543 8.06 -19.68 -4.28
CA PHE A 543 7.24 -19.73 -3.08
C PHE A 543 8.07 -19.83 -1.81
N GLY A 544 9.38 -19.69 -1.91
CA GLY A 544 10.22 -19.65 -0.72
C GLY A 544 10.09 -20.93 0.10
N ASP A 545 9.96 -20.76 1.42
CA ASP A 545 9.93 -21.89 2.34
C ASP A 545 8.61 -22.65 2.30
N ALA A 546 7.57 -22.10 1.69
CA ALA A 546 6.26 -22.76 1.71
C ALA A 546 6.28 -24.07 0.94
N ARG A 547 6.83 -24.06 -0.27
CA ARG A 547 6.90 -25.28 -1.07
C ARG A 547 7.80 -25.02 -2.26
N THR A 548 8.22 -26.12 -2.89
CA THR A 548 9.08 -26.05 -4.06
C THR A 548 8.22 -25.95 -5.31
N ASN A 549 8.48 -24.93 -6.13
CA ASN A 549 7.76 -24.79 -7.38
C ASN A 549 8.04 -25.99 -8.27
N SER A 550 7.03 -26.38 -9.04
CA SER A 550 7.23 -27.40 -10.06
C SER A 550 8.14 -26.83 -11.15
N ALA A 551 8.81 -27.72 -11.85
CA ALA A 551 9.74 -27.35 -12.92
C ALA A 551 9.15 -27.69 -14.28
N GLY A 552 9.33 -26.79 -15.23
CA GLY A 552 8.90 -27.00 -16.60
C GLY A 552 10.02 -27.50 -17.49
N LEU A 553 9.83 -27.32 -18.80
CA LEU A 553 10.81 -27.72 -19.79
C LEU A 553 10.87 -26.65 -20.87
N ASP A 554 12.06 -26.38 -21.39
CA ASP A 554 12.24 -25.29 -22.36
C ASP A 554 12.14 -25.87 -23.76
N LEU A 555 11.01 -25.64 -24.42
CA LEU A 555 10.81 -26.17 -25.78
C LEU A 555 11.51 -25.35 -26.84
N SER A 556 12.32 -24.37 -26.43
CA SER A 556 13.22 -23.69 -27.35
C SER A 556 14.65 -24.21 -27.25
N ASN A 557 14.91 -25.16 -26.35
CA ASN A 557 16.25 -25.66 -26.10
C ASN A 557 16.43 -26.95 -26.88
N GLU A 558 17.42 -26.97 -27.79
CA GLU A 558 17.59 -28.14 -28.65
C GLU A 558 17.94 -29.38 -27.85
N GLU A 559 18.73 -29.23 -26.78
CA GLU A 559 19.02 -30.39 -25.95
C GLU A 559 17.75 -30.95 -25.34
N THR A 560 16.88 -30.06 -24.86
CA THR A 560 15.60 -30.50 -24.30
C THR A 560 14.73 -31.15 -25.37
N LEU A 561 14.67 -30.55 -26.55
CA LEU A 561 13.85 -31.13 -27.61
C LEU A 561 14.37 -32.50 -28.02
N ALA A 562 15.70 -32.67 -28.06
CA ALA A 562 16.27 -33.96 -28.44
C ALA A 562 16.00 -35.02 -27.38
N SER A 563 16.20 -34.69 -26.11
CA SER A 563 15.92 -35.63 -25.03
C SER A 563 14.44 -35.97 -24.96
N LEU A 564 13.58 -34.95 -25.09
CA LEU A 564 12.13 -35.17 -25.07
C LEU A 564 11.70 -36.04 -26.24
N THR A 565 12.28 -35.82 -27.42
CA THR A 565 11.95 -36.67 -28.56
C THR A 565 12.13 -38.14 -28.23
N GLU A 566 13.25 -38.49 -27.59
CA GLU A 566 13.51 -39.89 -27.28
C GLU A 566 12.57 -40.39 -26.18
N ALA A 567 12.36 -39.59 -25.14
CA ALA A 567 11.47 -40.00 -24.07
C ALA A 567 10.03 -40.14 -24.58
N LEU A 568 9.61 -39.26 -25.48
CA LEU A 568 8.24 -39.34 -26.00
C LEU A 568 8.06 -40.60 -26.85
N ARG A 569 9.01 -40.87 -27.75
CA ARG A 569 8.98 -42.10 -28.55
C ARG A 569 8.94 -43.33 -27.67
N GLU A 570 9.76 -43.35 -26.61
CA GLU A 570 9.76 -44.49 -25.70
C GLU A 570 8.41 -44.65 -25.01
N SER A 571 7.76 -43.54 -24.66
CA SER A 571 6.46 -43.65 -24.00
C SER A 571 5.42 -44.25 -24.93
N ALA A 572 5.55 -44.04 -26.23
CA ALA A 572 4.58 -44.57 -27.19
C ALA A 572 4.76 -46.06 -27.42
N ALA A 573 5.89 -46.62 -27.02
CA ALA A 573 6.11 -48.06 -27.15
C ALA A 573 5.61 -48.84 -25.94
N MET A 574 5.22 -48.15 -24.86
CA MET A 574 4.82 -48.83 -23.64
C MET A 574 3.41 -49.37 -23.77
N LYS A 575 3.17 -50.49 -23.09
CA LYS A 575 1.85 -51.13 -23.06
C LYS A 575 1.07 -50.60 -21.85
N TRP A 576 0.61 -49.36 -21.98
CA TRP A 576 -0.14 -48.72 -20.91
C TRP A 576 -1.46 -49.45 -20.65
N THR A 577 -1.80 -49.64 -19.39
CA THR A 577 -3.07 -50.26 -19.02
C THR A 577 -3.67 -49.52 -17.83
N ALA A 578 -4.98 -49.72 -17.67
CA ALA A 578 -5.73 -49.25 -16.52
C ALA A 578 -6.66 -50.38 -16.15
N LEU A 579 -6.68 -50.74 -14.87
CA LEU A 579 -7.50 -51.83 -14.37
C LEU A 579 -8.27 -51.34 -13.16
N PRO A 580 -9.37 -52.00 -12.82
CA PRO A 580 -10.00 -51.72 -11.51
C PRO A 580 -9.05 -52.19 -10.42
N GLN A 581 -8.44 -51.24 -9.71
CA GLN A 581 -7.48 -51.54 -8.65
C GLN A 581 -8.21 -51.39 -7.32
N LEU A 582 -8.82 -52.48 -6.87
CA LEU A 582 -9.50 -52.51 -5.59
C LEU A 582 -8.48 -52.71 -4.46
N ALA A 583 -8.98 -52.58 -3.22
CA ALA A 583 -8.09 -52.70 -2.07
C ALA A 583 -7.42 -54.06 -2.04
N THR A 584 -8.11 -55.08 -2.50
CA THR A 584 -7.66 -56.47 -2.45
C THR A 584 -6.78 -56.85 -3.62
N GLY A 585 -6.62 -55.97 -4.62
CA GLY A 585 -5.86 -56.27 -5.81
C GLY A 585 -6.63 -55.95 -7.07
N PRO A 586 -6.00 -56.13 -8.23
CA PRO A 586 -6.68 -55.82 -9.50
C PRO A 586 -7.86 -56.74 -9.71
N ALA A 587 -8.92 -56.20 -10.30
CA ALA A 587 -10.15 -56.96 -10.54
C ALA A 587 -10.34 -57.22 -12.03
N ALA A 588 -11.07 -58.29 -12.32
CA ALA A 588 -11.41 -58.61 -13.71
C ALA A 588 -12.56 -57.74 -14.19
N GLY A 589 -12.67 -57.60 -15.51
CA GLY A 589 -13.74 -56.83 -16.09
C GLY A 589 -13.65 -56.81 -17.60
N GLU A 590 -14.52 -56.00 -18.21
CA GLU A 590 -14.53 -55.85 -19.65
C GLU A 590 -13.37 -54.97 -20.10
N THR A 591 -12.60 -55.45 -21.07
CA THR A 591 -11.39 -54.80 -21.52
C THR A 591 -11.55 -54.29 -22.96
N ARG A 592 -11.10 -53.05 -23.19
CA ARG A 592 -11.14 -52.46 -24.53
C ARG A 592 -9.93 -51.56 -24.71
N THR A 593 -9.65 -51.19 -25.96
CA THR A 593 -8.51 -50.34 -26.22
C THR A 593 -8.85 -48.87 -25.98
N VAL A 594 -7.80 -48.08 -25.79
CA VAL A 594 -7.90 -46.62 -25.68
C VAL A 594 -7.19 -46.04 -26.88
N LEU A 595 -7.89 -45.16 -27.61
CA LEU A 595 -7.41 -44.64 -28.88
C LEU A 595 -7.01 -43.18 -28.78
N ASN A 596 -6.00 -42.80 -29.56
CA ASN A 596 -5.57 -41.41 -29.64
C ASN A 596 -6.67 -40.60 -30.31
N PRO A 597 -7.19 -39.54 -29.67
CA PRO A 597 -8.23 -38.74 -30.34
C PRO A 597 -7.78 -38.06 -31.62
N GLY A 598 -6.48 -37.88 -31.81
CA GLY A 598 -5.99 -37.28 -33.05
C GLY A 598 -5.78 -38.25 -34.18
N ASP A 599 -5.92 -39.55 -33.90
CA ASP A 599 -5.69 -40.60 -34.90
C ASP A 599 -6.12 -41.91 -34.27
N HIS A 600 -7.35 -42.34 -34.57
CA HIS A 600 -7.90 -43.54 -33.94
C HIS A 600 -7.14 -44.81 -34.28
N ARG A 601 -6.24 -44.76 -35.25
CA ARG A 601 -5.39 -45.92 -35.54
C ARG A 601 -4.32 -46.12 -34.49
N ASP A 602 -4.01 -45.08 -33.71
CA ASP A 602 -2.94 -45.12 -32.72
C ASP A 602 -3.55 -45.61 -31.42
N VAL A 603 -3.37 -46.89 -31.13
CA VAL A 603 -3.85 -47.49 -29.89
C VAL A 603 -2.89 -47.12 -28.77
N VAL A 604 -3.40 -46.46 -27.74
CA VAL A 604 -2.55 -45.96 -26.66
C VAL A 604 -2.41 -46.98 -25.55
N GLY A 605 -3.45 -47.79 -25.32
CA GLY A 605 -3.39 -48.79 -24.29
C GLY A 605 -4.72 -49.49 -24.16
N SER A 606 -4.89 -50.17 -23.03
CA SER A 606 -6.08 -50.97 -22.80
C SER A 606 -6.61 -50.67 -21.41
N VAL A 607 -7.92 -50.56 -21.31
CA VAL A 607 -8.59 -50.30 -20.03
C VAL A 607 -9.50 -51.49 -19.73
N THR A 608 -9.46 -51.95 -18.48
CA THR A 608 -10.42 -52.91 -17.96
C THR A 608 -11.36 -52.13 -17.06
N GLU A 609 -12.64 -52.11 -17.40
CA GLU A 609 -13.59 -51.25 -16.71
C GLU A 609 -14.29 -51.99 -15.57
N THR A 610 -14.80 -51.22 -14.62
CA THR A 610 -15.26 -51.73 -13.34
C THR A 610 -16.72 -52.14 -13.42
N SER A 611 -17.04 -53.34 -12.94
CA SER A 611 -18.43 -53.74 -12.82
C SER A 611 -19.10 -52.92 -11.72
N GLU A 612 -20.41 -52.75 -11.84
CA GLU A 612 -21.15 -52.04 -10.80
C GLU A 612 -21.01 -52.75 -9.46
N GLU A 613 -20.93 -54.07 -9.47
CA GLU A 613 -20.74 -54.83 -8.23
C GLU A 613 -19.41 -54.48 -7.59
N ASP A 614 -18.34 -54.44 -8.38
CA ASP A 614 -17.02 -54.15 -7.81
C ASP A 614 -16.91 -52.70 -7.35
N ALA A 615 -17.64 -51.78 -7.98
CA ALA A 615 -17.64 -50.40 -7.51
C ALA A 615 -18.26 -50.30 -6.12
N ARG A 616 -19.39 -50.99 -5.91
CA ARG A 616 -19.99 -51.01 -4.58
C ARG A 616 -19.08 -51.71 -3.59
N ARG A 617 -18.42 -52.80 -4.01
CA ARG A 617 -17.47 -53.47 -3.14
C ARG A 617 -16.31 -52.54 -2.78
N ALA A 618 -15.83 -51.75 -3.75
CA ALA A 618 -14.72 -50.85 -3.46
C ALA A 618 -15.09 -49.84 -2.37
N VAL A 619 -16.33 -49.32 -2.40
CA VAL A 619 -16.73 -48.38 -1.35
C VAL A 619 -16.74 -49.08 0.01
N ARG A 620 -17.23 -50.33 0.05
CA ARG A 620 -17.23 -51.05 1.33
C ARG A 620 -15.81 -51.25 1.84
N LEU A 621 -14.89 -51.62 0.94
CA LEU A 621 -13.49 -51.79 1.34
C LEU A 621 -12.90 -50.48 1.84
N ALA A 622 -13.22 -49.36 1.17
CA ALA A 622 -12.74 -48.06 1.62
C ALA A 622 -13.27 -47.73 3.02
N ALA A 623 -14.53 -48.05 3.27
CA ALA A 623 -15.10 -47.79 4.59
C ALA A 623 -14.39 -48.62 5.65
N ASP A 624 -14.14 -49.90 5.36
CA ASP A 624 -13.42 -50.76 6.29
C ASP A 624 -12.02 -50.23 6.57
N ALA A 625 -11.38 -49.66 5.56
CA ALA A 625 -10.02 -49.15 5.66
C ALA A 625 -9.95 -47.73 6.19
N ALA A 626 -11.08 -47.04 6.31
CA ALA A 626 -11.05 -45.62 6.66
C ALA A 626 -10.36 -45.32 7.98
N PRO A 627 -10.59 -46.05 9.09
CA PRO A 627 -9.87 -45.71 10.32
C PRO A 627 -8.37 -45.81 10.19
N ASP A 628 -7.87 -46.79 9.44
CA ASP A 628 -6.43 -47.00 9.34
C ASP A 628 -5.75 -45.89 8.57
N TRP A 629 -6.43 -45.32 7.57
CA TRP A 629 -5.84 -44.22 6.83
C TRP A 629 -5.93 -42.92 7.63
N ALA A 630 -7.05 -42.72 8.33
CA ALA A 630 -7.19 -41.54 9.18
C ALA A 630 -6.14 -41.53 10.28
N ALA A 631 -5.65 -42.70 10.67
CA ALA A 631 -4.67 -42.80 11.75
C ALA A 631 -3.26 -42.44 11.30
N VAL A 632 -3.01 -42.37 9.99
CA VAL A 632 -1.71 -41.91 9.51
C VAL A 632 -1.68 -40.41 9.78
N PRO A 633 -0.71 -39.91 10.54
CA PRO A 633 -0.74 -38.52 10.95
C PRO A 633 -0.71 -37.59 9.74
N PRO A 634 -1.31 -36.41 9.84
CA PRO A 634 -1.36 -35.51 8.69
C PRO A 634 -0.01 -35.22 8.08
N SER A 635 1.03 -35.07 8.89
CA SER A 635 2.36 -34.77 8.34
C SER A 635 2.85 -35.92 7.45
N GLU A 636 2.53 -37.16 7.83
CA GLU A 636 2.94 -38.31 7.03
C GLU A 636 2.09 -38.45 5.77
N ARG A 637 0.79 -38.16 5.86
CA ARG A 637 -0.02 -38.10 4.65
C ARG A 637 0.53 -37.06 3.69
N ALA A 638 0.88 -35.87 4.21
CA ALA A 638 1.49 -34.84 3.37
C ALA A 638 2.82 -35.29 2.78
N ALA A 639 3.59 -36.08 3.54
CA ALA A 639 4.85 -36.61 3.02
C ALA A 639 4.62 -37.51 1.81
N CYS A 640 3.54 -38.30 1.84
CA CYS A 640 3.19 -39.11 0.67
C CYS A 640 2.96 -38.23 -0.54
N LEU A 641 2.18 -37.15 -0.37
CA LEU A 641 1.95 -36.24 -1.48
C LEU A 641 3.24 -35.63 -2.00
N ASP A 642 4.13 -35.21 -1.09
CA ASP A 642 5.40 -34.64 -1.54
C ASP A 642 6.23 -35.67 -2.31
N ARG A 643 6.24 -36.92 -1.84
CA ARG A 643 6.97 -37.96 -2.56
C ARG A 643 6.36 -38.20 -3.93
N ALA A 644 5.03 -38.17 -4.02
CA ALA A 644 4.37 -38.35 -5.32
C ALA A 644 4.72 -37.21 -6.27
N ALA A 645 4.83 -36.00 -5.74
CA ALA A 645 5.21 -34.86 -6.58
C ALA A 645 6.62 -35.03 -7.14
N GLU A 646 7.55 -35.51 -6.31
CA GLU A 646 8.88 -35.80 -6.81
C GLU A 646 8.83 -36.85 -7.91
N LEU A 647 8.05 -37.91 -7.71
CA LEU A 647 7.92 -38.95 -8.72
C LEU A 647 7.35 -38.40 -10.02
N MET A 648 6.34 -37.53 -9.94
CA MET A 648 5.77 -36.99 -11.17
C MET A 648 6.75 -36.06 -11.85
N GLN A 649 7.50 -35.28 -11.07
CA GLN A 649 8.51 -34.41 -11.68
C GLN A 649 9.54 -35.21 -12.44
N ALA A 650 10.03 -36.30 -11.84
CA ALA A 650 11.05 -37.13 -12.48
C ALA A 650 10.49 -37.84 -13.71
N ARG A 651 9.21 -38.19 -13.68
CA ARG A 651 8.57 -38.92 -14.76
C ARG A 651 7.89 -38.01 -15.76
N MET A 652 8.07 -36.69 -15.62
CA MET A 652 7.38 -35.75 -16.50
C MET A 652 7.47 -36.10 -17.97
N PRO A 653 8.66 -36.40 -18.55
CA PRO A 653 8.69 -36.65 -20.00
C PRO A 653 7.80 -37.82 -20.42
N THR A 654 7.82 -38.92 -19.66
CA THR A 654 6.94 -40.04 -19.97
C THR A 654 5.47 -39.68 -19.76
N LEU A 655 5.16 -38.98 -18.66
CA LEU A 655 3.79 -38.53 -18.46
C LEU A 655 3.33 -37.62 -19.59
N LEU A 656 4.22 -36.75 -20.10
CA LEU A 656 3.87 -35.91 -21.24
C LEU A 656 3.41 -36.75 -22.42
N GLY A 657 4.19 -37.79 -22.72
CA GLY A 657 3.88 -38.62 -23.88
C GLY A 657 2.52 -39.25 -23.76
N LEU A 658 2.15 -39.71 -22.55
CA LEU A 658 0.86 -40.35 -22.38
C LEU A 658 -0.27 -39.33 -22.51
N ILE A 659 -0.10 -38.16 -21.91
CA ILE A 659 -1.15 -37.14 -21.99
C ILE A 659 -1.34 -36.70 -23.44
N ILE A 660 -0.23 -36.49 -24.16
CA ILE A 660 -0.32 -36.09 -25.57
C ILE A 660 -1.17 -37.08 -26.37
N ARG A 661 -0.91 -38.37 -26.21
CA ARG A 661 -1.55 -39.38 -27.05
C ARG A 661 -2.93 -39.78 -26.55
N GLU A 662 -3.11 -39.88 -25.23
CA GLU A 662 -4.39 -40.32 -24.71
C GLU A 662 -5.43 -39.21 -24.73
N ALA A 663 -5.01 -37.99 -24.40
CA ALA A 663 -5.92 -36.87 -24.23
C ALA A 663 -5.88 -35.91 -25.41
N GLY A 664 -5.00 -36.14 -26.39
CA GLY A 664 -4.92 -35.27 -27.54
C GLY A 664 -4.36 -33.89 -27.27
N LYS A 665 -3.46 -33.76 -26.30
CA LYS A 665 -2.92 -32.46 -25.90
C LYS A 665 -1.57 -32.20 -26.57
N SER A 666 -1.25 -30.92 -26.71
CA SER A 666 0.08 -30.54 -27.17
C SER A 666 1.10 -30.75 -26.06
N ALA A 667 2.37 -30.88 -26.46
CA ALA A 667 3.45 -31.00 -25.48
C ALA A 667 3.45 -29.82 -24.51
N LEU A 668 3.31 -28.60 -25.03
CA LEU A 668 3.31 -27.42 -24.19
C LEU A 668 2.25 -27.52 -23.11
N ASN A 669 1.04 -27.90 -23.50
CA ASN A 669 -0.04 -28.02 -22.53
C ASN A 669 0.14 -29.21 -21.62
N ALA A 670 0.71 -30.31 -22.11
CA ALA A 670 0.99 -31.46 -21.26
C ALA A 670 2.02 -31.12 -20.18
N ILE A 671 3.04 -30.35 -20.53
CA ILE A 671 4.02 -29.92 -19.53
C ILE A 671 3.33 -29.15 -18.43
N ALA A 672 2.51 -28.16 -18.82
CA ALA A 672 1.82 -27.35 -17.84
C ALA A 672 0.87 -28.19 -17.00
N GLU A 673 0.29 -29.24 -17.59
CA GLU A 673 -0.63 -30.07 -16.81
C GLU A 673 0.10 -30.90 -15.76
N VAL A 674 1.24 -31.48 -16.14
CA VAL A 674 2.05 -32.20 -15.17
C VAL A 674 2.53 -31.26 -14.07
N ARG A 675 2.96 -30.05 -14.44
CA ARG A 675 3.32 -29.05 -13.44
C ARG A 675 2.17 -28.82 -12.47
N GLU A 676 0.95 -28.69 -13.00
CA GLU A 676 -0.21 -28.41 -12.16
C GLU A 676 -0.47 -29.56 -11.20
N ALA A 677 -0.28 -30.80 -11.67
CA ALA A 677 -0.44 -31.94 -10.78
C ALA A 677 0.57 -31.91 -9.66
N ILE A 678 1.83 -31.63 -9.98
CA ILE A 678 2.88 -31.52 -8.98
C ILE A 678 2.55 -30.41 -8.00
N ASP A 679 2.07 -29.28 -8.51
CA ASP A 679 1.73 -28.15 -7.66
C ASP A 679 0.58 -28.47 -6.70
N PHE A 680 -0.45 -29.18 -7.19
CA PHE A 680 -1.53 -29.61 -6.30
C PHE A 680 -0.99 -30.45 -5.16
N LEU A 681 -0.17 -31.46 -5.49
CA LEU A 681 0.38 -32.36 -4.48
C LEU A 681 1.15 -31.57 -3.42
N ARG A 682 2.02 -30.66 -3.86
CA ARG A 682 2.83 -29.93 -2.91
C ARG A 682 2.04 -28.86 -2.17
N TYR A 683 1.07 -28.24 -2.85
CA TYR A 683 0.26 -27.23 -2.19
C TYR A 683 -0.62 -27.83 -1.10
N TYR A 684 -1.32 -28.92 -1.42
CA TYR A 684 -2.16 -29.54 -0.41
C TYR A 684 -1.33 -30.14 0.72
N ALA A 685 -0.12 -30.62 0.41
CA ALA A 685 0.75 -31.10 1.48
C ALA A 685 1.11 -29.94 2.42
N GLU A 686 1.48 -28.79 1.87
CA GLU A 686 1.83 -27.68 2.74
C GLU A 686 0.64 -27.18 3.52
N GLN A 687 -0.53 -27.07 2.86
CA GLN A 687 -1.73 -26.61 3.56
C GLN A 687 -2.08 -27.56 4.69
N THR A 688 -1.88 -28.86 4.47
CA THR A 688 -2.08 -29.82 5.55
C THR A 688 -1.15 -29.56 6.72
N ARG A 689 0.15 -29.40 6.44
CA ARG A 689 1.13 -29.12 7.50
C ARG A 689 0.78 -27.84 8.25
N ARG A 690 0.11 -26.89 7.58
CA ARG A 690 -0.26 -25.64 8.24
C ARG A 690 -1.51 -25.77 9.12
N THR A 691 -2.34 -26.80 8.92
CA THR A 691 -3.68 -26.76 9.53
C THR A 691 -4.11 -27.99 10.31
N LEU A 692 -3.97 -29.19 9.74
CA LEU A 692 -4.76 -30.34 10.20
C LEU A 692 -4.25 -30.90 11.53
N GLY A 693 -5.18 -31.04 12.48
CA GLY A 693 -4.88 -31.59 13.78
C GLY A 693 -5.86 -32.69 14.15
N PRO A 694 -5.78 -33.20 15.37
CA PRO A 694 -6.64 -34.33 15.76
C PRO A 694 -8.12 -34.04 15.66
N GLY A 695 -8.54 -32.79 15.89
CA GLY A 695 -9.94 -32.42 15.87
C GLY A 695 -10.56 -32.26 14.50
N HIS A 696 -9.77 -32.37 13.43
CA HIS A 696 -10.29 -32.20 12.07
C HIS A 696 -10.44 -33.58 11.47
N GLY A 697 -11.48 -34.28 11.90
CA GLY A 697 -11.71 -35.65 11.49
C GLY A 697 -12.10 -35.77 10.04
N PRO A 698 -11.70 -36.87 9.41
CA PRO A 698 -12.09 -37.12 8.02
C PRO A 698 -13.58 -37.36 7.88
N LEU A 699 -14.08 -37.09 6.67
CA LEU A 699 -15.47 -37.43 6.34
C LEU A 699 -15.66 -38.94 6.24
N GLY A 700 -14.70 -39.63 5.62
CA GLY A 700 -14.86 -41.02 5.26
C GLY A 700 -14.57 -41.21 3.79
N PRO A 701 -15.04 -42.32 3.22
CA PRO A 701 -14.76 -42.59 1.79
C PRO A 701 -15.28 -41.46 0.92
N ILE A 702 -14.41 -40.95 0.05
CA ILE A 702 -14.74 -39.86 -0.85
C ILE A 702 -14.63 -40.39 -2.27
N VAL A 703 -15.67 -40.14 -3.07
CA VAL A 703 -15.72 -40.53 -4.47
C VAL A 703 -15.23 -39.34 -5.27
N CYS A 704 -14.16 -39.53 -6.03
CA CYS A 704 -13.56 -38.47 -6.83
C CYS A 704 -13.84 -38.81 -8.29
N ILE A 705 -14.65 -37.99 -8.94
CA ILE A 705 -15.04 -38.19 -10.33
C ILE A 705 -14.42 -37.05 -11.13
N SER A 706 -13.65 -37.40 -12.16
CA SER A 706 -12.81 -36.44 -12.85
C SER A 706 -13.04 -36.48 -14.35
N PRO A 707 -12.72 -35.40 -15.06
CA PRO A 707 -13.01 -35.31 -16.50
C PRO A 707 -11.80 -35.65 -17.36
N TRP A 708 -11.99 -35.64 -18.68
CA TRP A 708 -10.97 -36.05 -19.63
C TRP A 708 -10.08 -34.90 -20.08
N ASN A 709 -10.44 -33.65 -19.76
CA ASN A 709 -9.73 -32.51 -20.31
C ASN A 709 -8.50 -32.12 -19.51
N PHE A 710 -8.47 -32.43 -18.23
CA PHE A 710 -7.26 -32.35 -17.42
C PHE A 710 -7.10 -33.68 -16.71
N PRO A 711 -6.77 -34.72 -17.48
CA PRO A 711 -6.89 -36.10 -16.97
C PRO A 711 -5.83 -36.46 -15.96
N LEU A 712 -4.78 -35.67 -15.81
CA LEU A 712 -3.84 -35.84 -14.72
C LEU A 712 -4.00 -34.79 -13.63
N ALA A 713 -4.12 -33.52 -13.99
CA ALA A 713 -4.04 -32.47 -12.97
C ALA A 713 -5.28 -32.44 -12.07
N ILE A 714 -6.47 -32.37 -12.67
CA ILE A 714 -7.68 -32.31 -11.84
C ILE A 714 -7.92 -33.65 -11.16
N PHE A 715 -7.61 -34.75 -11.87
CA PHE A 715 -7.63 -36.07 -11.27
C PHE A 715 -6.78 -36.09 -10.01
N THR A 716 -5.52 -35.66 -10.12
CA THR A 716 -4.61 -35.69 -8.98
C THR A 716 -5.03 -34.71 -7.90
N GLY A 717 -5.49 -33.52 -8.29
CA GLY A 717 -5.85 -32.51 -7.30
C GLY A 717 -6.95 -32.99 -6.37
N GLN A 718 -8.04 -33.53 -6.94
CA GLN A 718 -9.16 -33.97 -6.12
C GLN A 718 -8.74 -35.10 -5.19
N ILE A 719 -8.05 -36.09 -5.74
CA ILE A 719 -7.65 -37.25 -4.96
C ILE A 719 -6.65 -36.86 -3.87
N ALA A 720 -5.65 -36.04 -4.21
CA ALA A 720 -4.65 -35.66 -3.22
C ALA A 720 -5.29 -34.91 -2.06
N ALA A 721 -6.19 -33.97 -2.35
CA ALA A 721 -6.86 -33.24 -1.29
C ALA A 721 -7.64 -34.19 -0.38
N ALA A 722 -8.45 -35.08 -0.96
CA ALA A 722 -9.22 -36.02 -0.16
C ALA A 722 -8.32 -36.91 0.68
N LEU A 723 -7.27 -37.47 0.07
CA LEU A 723 -6.36 -38.36 0.78
C LEU A 723 -5.68 -37.63 1.93
N VAL A 724 -5.14 -36.44 1.66
CA VAL A 724 -4.32 -35.79 2.67
C VAL A 724 -5.20 -35.32 3.84
N ALA A 725 -6.48 -35.05 3.58
CA ALA A 725 -7.43 -34.75 4.64
C ALA A 725 -7.80 -35.96 5.46
N GLY A 726 -7.26 -37.15 5.14
CA GLY A 726 -7.51 -38.34 5.91
C GLY A 726 -8.61 -39.25 5.41
N ASN A 727 -9.09 -39.05 4.18
CA ASN A 727 -10.18 -39.84 3.64
C ASN A 727 -9.65 -40.86 2.65
N PRO A 728 -10.12 -42.10 2.68
CA PRO A 728 -9.84 -43.03 1.58
C PRO A 728 -10.66 -42.62 0.38
N VAL A 729 -10.10 -42.91 -0.81
CA VAL A 729 -10.61 -42.36 -2.06
C VAL A 729 -10.97 -43.49 -3.02
N LEU A 730 -12.12 -43.32 -3.67
CA LEU A 730 -12.49 -44.10 -4.84
C LEU A 730 -12.34 -43.15 -6.02
N ALA A 731 -11.40 -43.46 -6.91
CA ALA A 731 -11.05 -42.59 -8.03
C ALA A 731 -11.72 -43.13 -9.29
N LYS A 732 -12.67 -42.36 -9.83
CA LYS A 732 -13.36 -42.77 -11.05
C LYS A 732 -12.98 -41.80 -12.17
N PRO A 733 -12.01 -42.14 -13.00
CA PRO A 733 -11.58 -41.22 -14.06
C PRO A 733 -12.53 -41.26 -15.23
N ALA A 734 -12.48 -40.19 -16.02
CA ALA A 734 -13.24 -40.13 -17.26
C ALA A 734 -12.98 -41.37 -18.11
N GLU A 735 -14.03 -41.88 -18.74
CA GLU A 735 -13.89 -43.09 -19.53
C GLU A 735 -12.94 -42.92 -20.71
N GLU A 736 -12.76 -41.68 -21.17
CA GLU A 736 -11.85 -41.42 -22.30
C GLU A 736 -10.38 -41.44 -21.90
N THR A 737 -10.05 -41.20 -20.64
CA THR A 737 -8.66 -41.01 -20.22
C THR A 737 -8.31 -41.82 -18.98
N PRO A 738 -8.47 -43.15 -19.03
CA PRO A 738 -8.13 -43.96 -17.85
C PRO A 738 -6.65 -44.23 -17.67
N LEU A 739 -5.85 -44.15 -18.73
CA LEU A 739 -4.47 -44.62 -18.64
C LEU A 739 -3.61 -43.68 -17.77
N ILE A 740 -3.69 -42.37 -18.04
CA ILE A 740 -2.94 -41.43 -17.22
C ILE A 740 -3.43 -41.46 -15.78
N ALA A 741 -4.71 -41.77 -15.58
CA ALA A 741 -5.25 -41.90 -14.23
C ALA A 741 -4.64 -43.11 -13.52
N ALA A 742 -4.55 -44.24 -14.23
CA ALA A 742 -3.94 -45.41 -13.63
C ALA A 742 -2.49 -45.14 -13.29
N GLU A 743 -1.79 -44.39 -14.15
CA GLU A 743 -0.41 -44.06 -13.87
C GLU A 743 -0.31 -43.13 -12.67
N GLY A 744 -1.23 -42.18 -12.55
CA GLY A 744 -1.24 -41.31 -11.38
C GLY A 744 -1.46 -42.08 -10.09
N VAL A 745 -2.37 -43.05 -10.11
CA VAL A 745 -2.59 -43.92 -8.94
C VAL A 745 -1.36 -44.77 -8.65
N ARG A 746 -0.72 -45.31 -9.69
CA ARG A 746 0.51 -46.07 -9.49
C ARG A 746 1.54 -45.23 -8.77
N ILE A 747 1.67 -43.96 -9.16
CA ILE A 747 2.65 -43.06 -8.57
C ILE A 747 2.30 -42.75 -7.12
N LEU A 748 1.03 -42.44 -6.85
CA LEU A 748 0.59 -42.18 -5.48
C LEU A 748 0.80 -43.40 -4.59
N ARG A 749 0.54 -44.59 -5.12
CA ARG A 749 0.80 -45.79 -4.34
C ARG A 749 2.29 -45.99 -4.12
N GLU A 750 3.12 -45.71 -5.13
CA GLU A 750 4.56 -45.82 -4.94
C GLU A 750 5.04 -44.87 -3.85
N ALA A 751 4.43 -43.68 -3.80
CA ALA A 751 4.75 -42.65 -2.83
C ALA A 751 4.31 -43.01 -1.41
N GLY A 752 3.57 -44.10 -1.24
CA GLY A 752 3.21 -44.55 0.09
C GLY A 752 1.73 -44.57 0.40
N ILE A 753 0.85 -44.13 -0.51
CA ILE A 753 -0.59 -44.21 -0.27
C ILE A 753 -0.99 -45.68 -0.30
N PRO A 754 -1.55 -46.21 0.77
CA PRO A 754 -1.89 -47.64 0.78
C PRO A 754 -2.97 -47.97 -0.24
N ALA A 755 -2.91 -49.20 -0.75
CA ALA A 755 -3.90 -49.66 -1.73
C ALA A 755 -5.32 -49.52 -1.21
N SER A 756 -5.51 -49.72 0.10
CA SER A 756 -6.84 -49.58 0.67
C SER A 756 -7.30 -48.13 0.73
N ALA A 757 -6.37 -47.17 0.69
CA ALA A 757 -6.71 -45.75 0.75
C ALA A 757 -6.99 -45.14 -0.62
N LEU A 758 -6.59 -45.80 -1.71
CA LEU A 758 -6.73 -45.22 -3.04
C LEU A 758 -7.02 -46.34 -4.02
N GLN A 759 -8.28 -46.45 -4.43
CA GLN A 759 -8.72 -47.47 -5.36
C GLN A 759 -9.12 -46.80 -6.67
N LEU A 760 -8.74 -47.42 -7.79
CA LEU A 760 -9.02 -46.89 -9.12
C LEU A 760 -10.13 -47.72 -9.73
N LEU A 761 -11.19 -47.05 -10.18
CA LEU A 761 -12.37 -47.72 -10.74
C LEU A 761 -12.61 -47.14 -12.13
N PRO A 762 -11.93 -47.64 -13.15
CA PRO A 762 -12.16 -47.14 -14.51
C PRO A 762 -13.56 -47.50 -14.98
N GLY A 763 -14.12 -46.64 -15.83
CA GLY A 763 -15.41 -46.93 -16.43
C GLY A 763 -16.15 -45.66 -16.75
N ASP A 764 -17.40 -45.84 -17.17
CA ASP A 764 -18.23 -44.75 -17.67
C ASP A 764 -19.08 -44.17 -16.52
N GLY A 765 -20.15 -43.45 -16.87
CA GLY A 765 -20.96 -42.80 -15.86
C GLY A 765 -21.65 -43.78 -14.93
N ARG A 766 -21.91 -45.00 -15.40
CA ARG A 766 -22.55 -46.00 -14.55
C ARG A 766 -21.67 -46.35 -13.35
N VAL A 767 -20.36 -46.39 -13.56
CA VAL A 767 -19.44 -46.62 -12.45
C VAL A 767 -19.45 -45.42 -11.51
N GLY A 768 -19.41 -44.20 -12.07
CA GLY A 768 -19.56 -43.02 -11.23
C GLY A 768 -20.83 -43.03 -10.42
N ALA A 769 -21.95 -43.40 -11.05
CA ALA A 769 -23.24 -43.37 -10.34
C ALA A 769 -23.28 -44.42 -9.24
N ALA A 770 -22.76 -45.62 -9.52
CA ALA A 770 -22.74 -46.67 -8.51
C ALA A 770 -21.94 -46.25 -7.28
N LEU A 771 -20.83 -45.53 -7.50
CA LEU A 771 -20.02 -45.06 -6.39
C LEU A 771 -20.75 -43.97 -5.61
N VAL A 772 -21.38 -43.03 -6.31
CA VAL A 772 -22.09 -41.95 -5.64
C VAL A 772 -23.20 -42.52 -4.75
N ALA A 773 -23.95 -43.49 -5.26
CA ALA A 773 -25.09 -44.02 -4.54
C ALA A 773 -24.73 -44.96 -3.40
N ALA A 774 -23.47 -45.41 -3.33
CA ALA A 774 -23.08 -46.41 -2.34
C ALA A 774 -23.29 -45.88 -0.92
N ALA A 775 -23.80 -46.76 -0.04
CA ALA A 775 -24.23 -46.31 1.27
C ALA A 775 -23.13 -45.65 2.07
N GLU A 776 -21.88 -46.11 1.93
CA GLU A 776 -20.80 -45.61 2.75
C GLU A 776 -20.10 -44.38 2.16
N THR A 777 -20.53 -43.89 1.01
CA THR A 777 -19.91 -42.72 0.42
C THR A 777 -20.17 -41.51 1.30
N ALA A 778 -19.10 -40.87 1.74
CA ALA A 778 -19.20 -39.78 2.71
C ALA A 778 -18.99 -38.41 2.09
N GLY A 779 -18.64 -38.35 0.81
CA GLY A 779 -18.36 -37.09 0.15
C GLY A 779 -18.06 -37.34 -1.31
N VAL A 780 -18.36 -36.36 -2.17
CA VAL A 780 -18.13 -36.49 -3.60
C VAL A 780 -17.41 -35.24 -4.09
N MET A 781 -16.35 -35.44 -4.86
CA MET A 781 -15.64 -34.38 -5.55
C MET A 781 -15.81 -34.64 -7.04
N PHE A 782 -16.36 -33.66 -7.75
CA PHE A 782 -16.78 -33.83 -9.13
C PHE A 782 -16.31 -32.64 -9.96
N THR A 783 -15.69 -32.93 -11.09
CA THR A 783 -15.41 -31.90 -12.09
C THR A 783 -15.92 -32.41 -13.42
N GLY A 784 -16.77 -31.62 -14.07
CA GLY A 784 -17.42 -32.06 -15.30
C GLY A 784 -18.62 -31.18 -15.59
N SER A 785 -19.64 -31.79 -16.21
CA SER A 785 -20.79 -31.03 -16.69
C SER A 785 -21.72 -30.61 -15.56
N THR A 786 -22.48 -29.54 -15.81
CA THR A 786 -23.50 -29.13 -14.86
C THR A 786 -24.60 -30.17 -14.74
N GLU A 787 -25.00 -30.78 -15.87
CA GLU A 787 -26.08 -31.74 -15.85
C GLU A 787 -25.74 -32.93 -14.97
N VAL A 788 -24.51 -33.43 -15.07
CA VAL A 788 -24.13 -34.57 -14.25
C VAL A 788 -23.97 -34.16 -12.79
N ALA A 789 -23.38 -33.00 -12.52
CA ALA A 789 -23.32 -32.53 -11.14
C ALA A 789 -24.72 -32.46 -10.54
N ARG A 790 -25.69 -31.99 -11.33
CA ARG A 790 -27.06 -31.90 -10.84
C ARG A 790 -27.65 -33.29 -10.54
N LEU A 791 -27.36 -34.26 -11.41
CA LEU A 791 -27.80 -35.63 -11.14
C LEU A 791 -27.15 -36.19 -9.89
N ILE A 792 -25.85 -35.90 -9.69
CA ILE A 792 -25.18 -36.34 -8.47
C ILE A 792 -25.81 -35.69 -7.24
N GLN A 793 -26.08 -34.39 -7.32
CA GLN A 793 -26.72 -33.68 -6.22
C GLN A 793 -28.05 -34.32 -5.86
N ALA A 794 -28.85 -34.69 -6.87
CA ALA A 794 -30.16 -35.26 -6.60
C ALA A 794 -30.04 -36.61 -5.89
N GLN A 795 -29.02 -37.39 -6.25
CA GLN A 795 -28.84 -38.68 -5.58
C GLN A 795 -28.32 -38.50 -4.16
N LEU A 796 -27.36 -37.60 -3.96
CA LEU A 796 -26.82 -37.34 -2.62
C LEU A 796 -27.89 -36.80 -1.68
N ALA A 797 -28.87 -36.08 -2.21
CA ALA A 797 -29.89 -35.51 -1.35
C ALA A 797 -30.76 -36.57 -0.70
N ASP A 798 -30.72 -37.80 -1.22
CA ASP A 798 -31.46 -38.87 -0.58
C ASP A 798 -30.82 -39.34 0.73
N ARG A 799 -29.61 -38.89 1.03
CA ARG A 799 -28.84 -39.50 2.11
C ARG A 799 -28.31 -38.47 3.07
N LEU A 800 -28.03 -38.93 4.28
CA LEU A 800 -27.34 -38.17 5.30
C LEU A 800 -26.14 -38.98 5.77
N SER A 801 -25.15 -38.28 6.30
CA SER A 801 -23.99 -38.92 6.89
C SER A 801 -24.43 -39.65 8.16
N PRO A 802 -23.58 -40.52 8.72
CA PRO A 802 -23.93 -41.15 10.00
C PRO A 802 -24.33 -40.16 11.08
N ALA A 803 -23.81 -38.92 11.02
CA ALA A 803 -24.14 -37.88 11.98
C ALA A 803 -25.38 -37.08 11.59
N GLY A 804 -26.11 -37.52 10.56
CA GLY A 804 -27.33 -36.83 10.15
C GLY A 804 -27.12 -35.50 9.45
N ARG A 805 -26.03 -35.34 8.71
CA ARG A 805 -25.74 -34.12 7.99
C ARG A 805 -25.59 -34.39 6.49
N PRO A 806 -25.84 -33.41 5.62
CA PRO A 806 -25.73 -33.64 4.18
C PRO A 806 -24.34 -34.13 3.81
N ILE A 807 -24.29 -34.96 2.77
CA ILE A 807 -23.04 -35.46 2.20
C ILE A 807 -22.42 -34.35 1.35
N PRO A 808 -21.20 -33.90 1.66
CA PRO A 808 -20.66 -32.76 0.93
C PRO A 808 -20.39 -33.08 -0.52
N LEU A 809 -20.69 -32.12 -1.39
CA LEU A 809 -20.38 -32.21 -2.81
C LEU A 809 -19.56 -30.99 -3.20
N ILE A 810 -18.38 -31.22 -3.75
CA ILE A 810 -17.58 -30.16 -4.36
C ILE A 810 -17.67 -30.39 -5.85
N ALA A 811 -18.24 -29.43 -6.58
CA ALA A 811 -18.38 -29.58 -8.02
C ALA A 811 -17.90 -28.32 -8.73
N GLU A 812 -16.99 -28.50 -9.70
CA GLU A 812 -16.66 -27.43 -10.64
C GLU A 812 -17.24 -27.81 -11.99
N THR A 813 -17.99 -26.89 -12.60
CA THR A 813 -18.81 -27.25 -13.75
C THR A 813 -18.72 -26.27 -14.91
N GLY A 814 -17.57 -25.68 -15.15
CA GLY A 814 -17.41 -24.97 -16.41
C GLY A 814 -17.94 -23.54 -16.36
N GLY A 815 -18.04 -22.92 -17.53
CA GLY A 815 -18.33 -21.51 -17.56
C GLY A 815 -18.82 -21.05 -18.92
N GLN A 816 -19.16 -19.77 -18.99
CA GLN A 816 -19.46 -19.09 -20.25
C GLN A 816 -18.63 -17.82 -20.22
N ASN A 817 -17.33 -17.99 -20.38
CA ASN A 817 -16.37 -16.99 -19.93
C ASN A 817 -16.20 -15.88 -20.96
N ALA A 818 -16.24 -14.64 -20.48
CA ALA A 818 -16.14 -13.46 -21.33
C ALA A 818 -14.84 -12.72 -21.10
N MET A 819 -14.43 -11.97 -22.14
CA MET A 819 -13.38 -10.98 -22.03
C MET A 819 -13.91 -9.68 -22.61
N ILE A 820 -13.75 -8.59 -21.87
CA ILE A 820 -14.14 -7.26 -22.32
C ILE A 820 -12.88 -6.50 -22.70
N VAL A 821 -12.90 -5.87 -23.87
CA VAL A 821 -11.76 -5.15 -24.40
C VAL A 821 -12.23 -3.76 -24.78
N ASP A 822 -11.59 -2.74 -24.23
CA ASP A 822 -11.97 -1.37 -24.59
C ASP A 822 -10.96 -0.79 -25.58
N SER A 823 -11.20 0.47 -25.97
CA SER A 823 -10.38 1.12 -26.99
C SER A 823 -9.00 1.55 -26.48
N SER A 824 -8.69 1.36 -25.19
CA SER A 824 -7.36 1.67 -24.68
C SER A 824 -6.42 0.50 -24.75
N ALA A 825 -6.93 -0.69 -25.05
CA ALA A 825 -6.10 -1.87 -25.03
C ALA A 825 -5.23 -1.92 -26.27
N LEU A 826 -4.15 -2.71 -26.20
CA LEU A 826 -3.23 -2.83 -27.33
C LEU A 826 -3.65 -4.04 -28.16
N ALA A 827 -4.04 -3.80 -29.42
CA ALA A 827 -4.67 -4.84 -30.23
C ALA A 827 -3.85 -6.11 -30.30
N GLU A 828 -2.53 -5.98 -30.54
CA GLU A 828 -1.68 -7.16 -30.66
C GLU A 828 -1.67 -7.99 -29.38
N GLN A 829 -1.66 -7.33 -28.21
CA GLN A 829 -1.74 -8.03 -26.93
C GLN A 829 -3.07 -8.76 -26.82
N VAL A 830 -4.16 -8.05 -27.14
CA VAL A 830 -5.50 -8.63 -27.07
C VAL A 830 -5.57 -9.88 -27.93
N VAL A 831 -5.14 -9.76 -29.19
CA VAL A 831 -5.31 -10.87 -30.12
C VAL A 831 -4.55 -12.10 -29.65
N GLY A 832 -3.32 -11.90 -29.16
CA GLY A 832 -2.57 -13.03 -28.64
C GLY A 832 -3.26 -13.68 -27.47
N ASP A 833 -3.77 -12.88 -26.54
CA ASP A 833 -4.46 -13.46 -25.37
C ASP A 833 -5.78 -14.11 -25.77
N VAL A 834 -6.44 -13.59 -26.80
CA VAL A 834 -7.71 -14.17 -27.24
C VAL A 834 -7.47 -15.49 -27.95
N ILE A 835 -6.53 -15.51 -28.89
CA ILE A 835 -6.22 -16.75 -29.61
C ILE A 835 -5.82 -17.85 -28.63
N THR A 836 -4.98 -17.51 -27.66
CA THR A 836 -4.59 -18.50 -26.66
C THR A 836 -5.78 -18.92 -25.80
N SER A 837 -6.53 -17.95 -25.29
CA SER A 837 -7.59 -18.30 -24.33
C SER A 837 -8.72 -19.07 -24.99
N ALA A 838 -9.03 -18.78 -26.25
CA ALA A 838 -10.16 -19.42 -26.90
C ALA A 838 -9.82 -20.77 -27.51
N PHE A 839 -8.60 -20.94 -28.03
CA PHE A 839 -8.30 -22.11 -28.85
C PHE A 839 -7.25 -23.04 -28.28
N ASP A 840 -6.50 -22.63 -27.27
CA ASP A 840 -5.59 -23.54 -26.59
C ASP A 840 -6.38 -24.75 -26.11
N SER A 841 -5.80 -25.93 -26.25
CA SER A 841 -6.45 -27.18 -25.84
C SER A 841 -7.75 -27.40 -26.60
N ALA A 842 -7.83 -26.86 -27.81
CA ALA A 842 -9.04 -26.94 -28.64
C ALA A 842 -10.26 -26.39 -27.89
N GLY A 843 -10.03 -25.37 -27.07
CA GLY A 843 -11.11 -24.79 -26.28
C GLY A 843 -11.71 -25.71 -25.25
N GLN A 844 -11.01 -26.79 -24.91
CA GLN A 844 -11.54 -27.77 -23.97
C GLN A 844 -11.11 -27.50 -22.53
N ARG A 845 -10.78 -26.26 -22.21
CA ARG A 845 -10.59 -25.86 -20.82
C ARG A 845 -11.89 -25.29 -20.31
N CYS A 846 -12.21 -25.59 -19.05
CA CYS A 846 -13.37 -24.96 -18.44
C CYS A 846 -13.21 -23.44 -18.42
N SER A 847 -11.98 -22.95 -18.43
CA SER A 847 -11.62 -21.55 -18.32
C SER A 847 -11.56 -20.85 -19.68
N ALA A 848 -11.78 -21.58 -20.77
CA ALA A 848 -11.54 -21.05 -22.10
C ALA A 848 -12.43 -19.85 -22.39
N LEU A 849 -11.90 -18.93 -23.20
CA LEU A 849 -12.66 -17.75 -23.57
C LEU A 849 -13.75 -18.12 -24.55
N ARG A 850 -15.01 -17.83 -24.18
CA ARG A 850 -16.16 -18.15 -25.02
C ARG A 850 -16.77 -16.95 -25.71
N VAL A 851 -16.72 -15.76 -25.09
CA VAL A 851 -17.37 -14.57 -25.61
C VAL A 851 -16.41 -13.40 -25.48
N LEU A 852 -15.92 -12.90 -26.61
CA LEU A 852 -15.08 -11.70 -26.63
C LEU A 852 -15.99 -10.51 -26.90
N CYS A 853 -15.83 -9.45 -26.11
CA CYS A 853 -16.68 -8.27 -26.17
C CYS A 853 -15.80 -7.08 -26.51
N LEU A 854 -16.01 -6.50 -27.69
CA LEU A 854 -15.12 -5.49 -28.24
C LEU A 854 -15.83 -4.16 -28.28
N GLN A 855 -15.18 -3.13 -27.72
CA GLN A 855 -15.76 -1.80 -27.84
C GLN A 855 -15.88 -1.42 -29.32
N GLU A 856 -17.04 -0.84 -29.67
CA GLU A 856 -17.41 -0.65 -31.08
C GLU A 856 -16.34 0.03 -31.89
N ASP A 857 -15.65 1.03 -31.32
CA ASP A 857 -14.70 1.85 -32.06
C ASP A 857 -13.44 1.08 -32.47
N VAL A 858 -13.10 0.00 -31.78
CA VAL A 858 -11.94 -0.81 -32.13
C VAL A 858 -12.32 -2.18 -32.64
N ALA A 859 -13.62 -2.48 -32.75
CA ALA A 859 -14.04 -3.85 -33.02
C ALA A 859 -13.57 -4.33 -34.39
N ASP A 860 -13.74 -3.51 -35.43
CA ASP A 860 -13.39 -3.97 -36.76
C ASP A 860 -11.90 -4.22 -36.90
N ARG A 861 -11.06 -3.33 -36.34
CA ARG A 861 -9.62 -3.54 -36.44
C ARG A 861 -9.20 -4.80 -35.68
N ILE A 862 -9.70 -4.98 -34.46
CA ILE A 862 -9.31 -6.16 -33.69
C ILE A 862 -9.85 -7.43 -34.34
N LEU A 863 -11.08 -7.38 -34.84
CA LEU A 863 -11.65 -8.55 -35.48
C LEU A 863 -10.86 -8.95 -36.72
N THR A 864 -10.45 -7.98 -37.53
CA THR A 864 -9.61 -8.29 -38.69
C THR A 864 -8.32 -8.97 -38.25
N MET A 865 -7.68 -8.43 -37.21
CA MET A 865 -6.44 -9.03 -36.72
C MET A 865 -6.70 -10.43 -36.16
N LEU A 866 -7.82 -10.61 -35.45
CA LEU A 866 -8.13 -11.91 -34.88
C LEU A 866 -8.33 -12.97 -35.96
N LYS A 867 -9.09 -12.62 -37.01
CA LYS A 867 -9.28 -13.57 -38.10
C LYS A 867 -7.96 -13.90 -38.77
N GLY A 868 -7.10 -12.90 -38.98
CA GLY A 868 -5.80 -13.18 -39.56
C GLY A 868 -4.95 -14.08 -38.69
N ALA A 869 -5.02 -13.88 -37.37
CA ALA A 869 -4.25 -14.74 -36.46
C ALA A 869 -4.82 -16.15 -36.43
N LEU A 870 -6.14 -16.27 -36.52
CA LEU A 870 -6.78 -17.58 -36.54
C LEU A 870 -6.18 -18.46 -37.65
N HIS A 871 -5.95 -17.88 -38.82
CA HIS A 871 -5.51 -18.67 -39.95
C HIS A 871 -4.05 -19.06 -39.90
N GLU A 872 -3.31 -18.59 -38.90
CA GLU A 872 -1.92 -18.98 -38.69
C GLU A 872 -1.79 -20.18 -37.76
N LEU A 873 -2.90 -20.74 -37.27
CA LEU A 873 -2.83 -21.86 -36.35
C LEU A 873 -2.68 -23.16 -37.11
N HIS A 874 -1.86 -24.05 -36.56
CA HIS A 874 -1.64 -25.39 -37.12
C HIS A 874 -2.44 -26.38 -36.28
N ILE A 875 -3.38 -27.08 -36.92
CA ILE A 875 -4.22 -28.07 -36.26
C ILE A 875 -3.79 -29.45 -36.75
N GLY A 876 -3.57 -30.37 -35.82
CA GLY A 876 -3.28 -31.74 -36.22
C GLY A 876 -2.99 -32.62 -35.03
N ARG A 877 -2.57 -33.85 -35.33
CA ARG A 877 -2.17 -34.79 -34.29
C ARG A 877 -1.02 -34.17 -33.50
N THR A 878 -1.08 -34.32 -32.17
CA THR A 878 -0.30 -33.47 -31.29
C THR A 878 1.10 -33.99 -30.99
N ASP A 879 1.58 -35.00 -31.69
CA ASP A 879 2.95 -35.47 -31.51
C ASP A 879 3.96 -34.69 -32.36
N ARG A 880 3.63 -33.45 -32.74
CA ARG A 880 4.55 -32.55 -33.43
C ARG A 880 4.55 -31.22 -32.68
N LEU A 881 5.75 -30.69 -32.41
CA LEU A 881 5.87 -29.41 -31.72
C LEU A 881 5.15 -28.30 -32.46
N SER A 882 5.06 -28.40 -33.80
CA SER A 882 4.45 -27.34 -34.59
C SER A 882 2.93 -27.28 -34.47
N VAL A 883 2.28 -28.25 -33.85
CA VAL A 883 0.83 -28.24 -33.76
C VAL A 883 0.41 -27.32 -32.62
N ASP A 884 -0.50 -26.40 -32.92
CA ASP A 884 -1.01 -25.46 -31.94
C ASP A 884 -2.30 -25.94 -31.30
N VAL A 885 -3.15 -26.61 -32.07
CA VAL A 885 -4.47 -27.02 -31.61
C VAL A 885 -4.66 -28.48 -32.00
N GLY A 886 -4.98 -29.30 -31.02
CA GLY A 886 -5.18 -30.71 -31.26
C GLY A 886 -6.62 -31.07 -31.49
N PRO A 887 -6.95 -32.34 -31.36
CA PRO A 887 -8.32 -32.80 -31.62
C PRO A 887 -9.20 -32.54 -30.41
N VAL A 888 -10.50 -32.62 -30.65
CA VAL A 888 -11.46 -32.72 -29.57
C VAL A 888 -11.55 -34.19 -29.15
N ILE A 889 -12.10 -34.41 -27.96
CA ILE A 889 -11.85 -35.67 -27.26
C ILE A 889 -12.53 -36.86 -27.93
N THR A 890 -13.73 -36.65 -28.50
CA THR A 890 -14.49 -37.75 -29.08
C THR A 890 -15.28 -37.28 -30.30
N SER A 891 -15.79 -38.25 -31.05
CA SER A 891 -16.68 -37.95 -32.17
CA SER A 891 -16.67 -37.93 -32.17
C SER A 891 -17.96 -37.28 -31.67
N GLU A 892 -18.45 -37.70 -30.51
CA GLU A 892 -19.67 -37.09 -29.97
C GLU A 892 -19.42 -35.63 -29.59
N ALA A 893 -18.28 -35.34 -28.97
CA ALA A 893 -17.93 -33.95 -28.70
C ALA A 893 -17.85 -33.16 -29.99
N LYS A 894 -17.20 -33.74 -31.00
CA LYS A 894 -17.10 -33.08 -32.30
C LYS A 894 -18.48 -32.79 -32.88
N ASP A 895 -19.38 -33.79 -32.86
CA ASP A 895 -20.72 -33.60 -33.41
C ASP A 895 -21.47 -32.51 -32.67
N ASN A 896 -21.35 -32.46 -31.35
CA ASN A 896 -22.09 -31.47 -30.57
C ASN A 896 -21.60 -30.07 -30.89
N ILE A 897 -20.27 -29.89 -31.00
CA ILE A 897 -19.72 -28.58 -31.31
C ILE A 897 -20.13 -28.16 -32.73
N GLU A 898 -20.02 -29.07 -33.69
CA GLU A 898 -20.36 -28.72 -35.07
C GLU A 898 -21.84 -28.40 -35.22
N LYS A 899 -22.71 -29.10 -34.49
CA LYS A 899 -24.12 -28.76 -34.56
C LYS A 899 -24.37 -27.32 -34.12
N HIS A 900 -23.65 -26.86 -33.09
CA HIS A 900 -23.78 -25.47 -32.66
C HIS A 900 -23.30 -24.51 -33.74
N ILE A 901 -22.15 -24.80 -34.35
CA ILE A 901 -21.61 -23.92 -35.38
C ILE A 901 -22.60 -23.79 -36.52
N GLU A 902 -23.15 -24.91 -36.97
CA GLU A 902 -24.05 -24.87 -38.12
C GLU A 902 -25.37 -24.18 -37.78
N ARG A 903 -25.84 -24.32 -36.54
CA ARG A 903 -27.04 -23.58 -36.14
C ARG A 903 -26.78 -22.08 -36.25
N MET A 904 -25.66 -21.61 -35.69
CA MET A 904 -25.28 -20.20 -35.82
C MET A 904 -25.18 -19.79 -37.29
N ARG A 905 -24.53 -20.61 -38.11
CA ARG A 905 -24.41 -20.29 -39.52
C ARG A 905 -25.79 -20.20 -40.17
N GLY A 906 -26.68 -21.14 -39.83
CA GLY A 906 -28.02 -21.13 -40.40
C GLY A 906 -28.81 -19.89 -40.04
N LEU A 907 -28.49 -19.26 -38.92
CA LEU A 907 -29.12 -18.01 -38.52
C LEU A 907 -28.48 -16.79 -39.16
N GLY A 908 -27.52 -16.98 -40.06
CA GLY A 908 -26.91 -15.88 -40.76
C GLY A 908 -25.79 -15.17 -40.01
N ARG A 909 -25.33 -15.72 -38.90
CA ARG A 909 -24.20 -15.13 -38.20
C ARG A 909 -22.92 -15.41 -38.96
N LYS A 910 -22.01 -14.43 -38.96
CA LYS A 910 -20.76 -14.60 -39.68
C LYS A 910 -19.87 -15.60 -38.96
N VAL A 911 -19.37 -16.59 -39.71
CA VAL A 911 -18.58 -17.68 -39.17
C VAL A 911 -17.25 -17.73 -39.92
N GLU A 912 -16.15 -17.61 -39.19
CA GLU A 912 -14.81 -17.75 -39.73
C GLU A 912 -14.22 -19.07 -39.22
N GLN A 913 -13.70 -19.88 -40.14
CA GLN A 913 -13.09 -21.14 -39.75
C GLN A 913 -11.81 -21.36 -40.53
N ILE A 914 -10.81 -21.94 -39.88
CA ILE A 914 -9.61 -22.35 -40.58
C ILE A 914 -9.86 -23.67 -41.29
N GLY A 915 -9.19 -23.88 -42.41
CA GLY A 915 -9.31 -25.14 -43.11
C GLY A 915 -8.47 -26.21 -42.44
N LEU A 916 -9.03 -27.43 -42.38
CA LEU A 916 -8.37 -28.55 -41.75
C LEU A 916 -7.60 -29.38 -42.78
N ALA A 917 -6.41 -29.84 -42.40
CA ALA A 917 -5.63 -30.69 -43.28
C ALA A 917 -6.28 -32.06 -43.40
N SER A 918 -6.00 -32.73 -44.52
CA SER A 918 -6.62 -34.03 -44.77
C SER A 918 -6.25 -35.05 -43.70
N GLU A 919 -5.04 -34.93 -43.14
CA GLU A 919 -4.59 -35.88 -42.11
C GLU A 919 -5.45 -35.82 -40.86
N THR A 920 -6.26 -34.78 -40.68
CA THR A 920 -7.14 -34.74 -39.52
C THR A 920 -8.29 -35.74 -39.62
N GLY A 921 -8.52 -36.33 -40.80
CA GLY A 921 -9.67 -37.19 -40.98
C GLY A 921 -9.64 -38.46 -40.14
N VAL A 922 -8.44 -38.92 -39.76
CA VAL A 922 -8.31 -40.13 -38.94
C VAL A 922 -8.60 -39.88 -37.47
N GLY A 923 -8.76 -38.63 -37.06
CA GLY A 923 -9.11 -38.30 -35.69
C GLY A 923 -10.38 -37.47 -35.62
N THR A 924 -10.65 -36.86 -34.46
CA THR A 924 -11.87 -36.08 -34.26
C THR A 924 -11.48 -34.62 -34.00
N PHE A 925 -11.47 -33.80 -35.05
CA PHE A 925 -11.01 -32.42 -34.99
C PHE A 925 -12.13 -31.44 -35.32
N VAL A 926 -12.12 -30.30 -34.64
CA VAL A 926 -12.99 -29.17 -34.94
C VAL A 926 -12.08 -27.99 -35.26
N PRO A 927 -12.24 -27.33 -36.40
CA PRO A 927 -11.37 -26.19 -36.69
C PRO A 927 -11.68 -25.04 -35.76
N PRO A 928 -10.66 -24.33 -35.28
CA PRO A 928 -10.89 -23.06 -34.58
C PRO A 928 -11.85 -22.16 -35.38
N THR A 929 -12.80 -21.57 -34.66
CA THR A 929 -13.96 -20.92 -35.27
C THR A 929 -14.23 -19.61 -34.53
N ILE A 930 -14.58 -18.58 -35.28
CA ILE A 930 -15.02 -17.30 -34.73
C ILE A 930 -16.43 -17.07 -35.24
N ILE A 931 -17.37 -16.83 -34.33
CA ILE A 931 -18.77 -16.60 -34.67
C ILE A 931 -19.15 -15.23 -34.14
N GLU A 932 -19.64 -14.36 -35.02
CA GLU A 932 -20.04 -13.01 -34.62
C GLU A 932 -21.50 -13.00 -34.22
N LEU A 933 -21.78 -12.62 -32.98
CA LEU A 933 -23.14 -12.57 -32.46
C LEU A 933 -23.61 -11.13 -32.35
N GLU A 934 -24.94 -10.96 -32.35
CA GLU A 934 -25.53 -9.64 -32.11
C GLU A 934 -25.60 -9.33 -30.62
N LYS A 935 -25.99 -10.30 -29.80
CA LYS A 935 -26.13 -10.10 -28.36
C LYS A 935 -25.63 -11.34 -27.65
N LEU A 936 -25.20 -11.15 -26.40
CA LEU A 936 -24.68 -12.27 -25.63
C LEU A 936 -25.73 -13.35 -25.42
N SER A 937 -27.00 -12.96 -25.32
CA SER A 937 -28.08 -13.92 -25.15
C SER A 937 -28.30 -14.81 -26.37
N ASP A 938 -27.71 -14.48 -27.52
CA ASP A 938 -27.72 -15.40 -28.65
C ASP A 938 -27.01 -16.71 -28.33
N LEU A 939 -26.13 -16.70 -27.34
CA LEU A 939 -25.37 -17.88 -26.95
C LEU A 939 -26.00 -18.45 -25.68
N GLN A 940 -26.55 -19.66 -25.77
CA GLN A 940 -27.44 -20.16 -24.73
C GLN A 940 -26.85 -21.29 -23.87
N ARG A 941 -25.75 -21.91 -24.29
CA ARG A 941 -25.17 -22.99 -23.50
C ARG A 941 -23.66 -23.01 -23.72
N GLU A 942 -22.95 -23.60 -22.76
CA GLU A 942 -21.50 -23.73 -22.89
C GLU A 942 -21.18 -24.67 -24.05
N VAL A 943 -20.36 -24.21 -24.99
CA VAL A 943 -19.97 -24.97 -26.16
C VAL A 943 -18.50 -25.31 -26.00
N PHE A 944 -18.22 -26.57 -25.69
CA PHE A 944 -16.93 -26.95 -25.12
C PHE A 944 -15.95 -27.34 -26.22
N GLY A 945 -15.57 -26.34 -27.00
CA GLY A 945 -14.71 -26.55 -28.14
C GLY A 945 -14.07 -25.26 -28.57
N PRO A 946 -13.34 -25.29 -29.70
CA PRO A 946 -12.56 -24.11 -30.14
C PRO A 946 -13.43 -23.13 -30.90
N VAL A 947 -14.36 -22.51 -30.18
CA VAL A 947 -15.41 -21.69 -30.77
C VAL A 947 -15.52 -20.40 -29.98
N LEU A 948 -15.04 -19.31 -30.57
CA LEU A 948 -15.05 -17.99 -29.96
C LEU A 948 -16.24 -17.21 -30.53
N HIS A 949 -17.03 -16.64 -29.65
CA HIS A 949 -18.12 -15.76 -30.05
C HIS A 949 -17.69 -14.32 -29.78
N VAL A 950 -18.05 -13.43 -30.70
CA VAL A 950 -17.63 -12.03 -30.61
C VAL A 950 -18.86 -11.15 -30.63
N ILE A 951 -18.96 -10.26 -29.64
CA ILE A 951 -19.99 -9.24 -29.63
C ILE A 951 -19.32 -7.87 -29.50
N ARG A 952 -20.03 -6.84 -29.95
CA ARG A 952 -19.56 -5.47 -29.91
C ARG A 952 -20.44 -4.67 -28.94
N TYR A 953 -19.86 -3.65 -28.34
CA TYR A 953 -20.62 -2.82 -27.40
C TYR A 953 -20.18 -1.38 -27.51
N ARG A 954 -21.14 -0.47 -27.30
CA ARG A 954 -20.82 0.94 -27.18
C ARG A 954 -20.37 1.25 -25.75
N ARG A 955 -19.40 2.17 -25.63
CA ARG A 955 -18.77 2.42 -24.33
C ARG A 955 -19.79 2.73 -23.23
N ASP A 956 -20.81 3.53 -23.53
CA ASP A 956 -21.80 3.87 -22.49
C ASP A 956 -22.60 2.66 -22.04
N ASP A 957 -22.58 1.57 -22.80
CA ASP A 957 -23.30 0.35 -22.46
C ASP A 957 -22.43 -0.67 -21.72
N LEU A 958 -21.26 -0.27 -21.25
CA LEU A 958 -20.38 -1.18 -20.54
C LEU A 958 -21.07 -1.82 -19.33
N ASP A 959 -21.78 -1.01 -18.52
CA ASP A 959 -22.39 -1.59 -17.33
C ASP A 959 -23.47 -2.59 -17.70
N ARG A 960 -24.26 -2.29 -18.73
CA ARG A 960 -25.24 -3.25 -19.23
C ARG A 960 -24.55 -4.51 -19.74
N LEU A 961 -23.41 -4.36 -20.40
CA LEU A 961 -22.69 -5.53 -20.88
C LEU A 961 -22.27 -6.43 -19.74
N VAL A 962 -21.74 -5.84 -18.66
CA VAL A 962 -21.37 -6.65 -17.50
C VAL A 962 -22.59 -7.40 -16.97
N ASP A 963 -23.75 -6.74 -16.93
CA ASP A 963 -24.99 -7.42 -16.60
C ASP A 963 -25.22 -8.61 -17.53
N ASP A 964 -25.06 -8.39 -18.84
CA ASP A 964 -25.24 -9.46 -19.83
C ASP A 964 -24.32 -10.65 -19.54
N VAL A 965 -23.07 -10.37 -19.15
CA VAL A 965 -22.14 -11.45 -18.84
C VAL A 965 -22.60 -12.22 -17.61
N ASN A 966 -22.99 -11.48 -16.57
CA ASN A 966 -23.47 -12.10 -15.33
C ASN A 966 -24.77 -12.88 -15.58
N ALA A 967 -25.54 -12.48 -16.59
CA ALA A 967 -26.89 -13.01 -16.78
C ALA A 967 -26.91 -14.47 -17.24
N THR A 968 -25.80 -14.99 -17.73
CA THR A 968 -25.77 -16.38 -18.13
C THR A 968 -25.94 -17.31 -16.95
N GLY A 969 -25.69 -16.82 -15.73
CA GLY A 969 -25.69 -17.65 -14.54
C GLY A 969 -24.36 -18.29 -14.21
N TYR A 970 -23.41 -18.30 -15.14
CA TYR A 970 -22.08 -18.81 -14.90
C TYR A 970 -21.24 -17.75 -14.20
N GLY A 971 -20.04 -18.15 -13.77
CA GLY A 971 -19.16 -17.23 -13.07
C GLY A 971 -17.79 -17.81 -12.80
N LEU A 972 -17.11 -18.27 -13.85
CA LEU A 972 -15.84 -18.95 -13.67
C LEU A 972 -14.68 -18.01 -13.97
N THR A 973 -14.24 -17.92 -15.23
CA THR A 973 -13.18 -16.98 -15.56
C THR A 973 -13.74 -15.77 -16.29
N PHE A 974 -12.98 -14.68 -16.22
CA PHE A 974 -13.36 -13.43 -16.84
C PHE A 974 -12.09 -12.61 -17.11
N GLY A 975 -12.03 -11.99 -18.29
CA GLY A 975 -10.90 -11.16 -18.65
C GLY A 975 -11.30 -9.73 -18.95
N LEU A 976 -10.40 -8.80 -18.65
CA LEU A 976 -10.56 -7.40 -19.02
C LEU A 976 -9.25 -6.87 -19.56
N HIS A 977 -9.30 -6.27 -20.75
CA HIS A 977 -8.17 -5.57 -21.34
C HIS A 977 -8.50 -4.09 -21.39
N THR A 978 -7.78 -3.33 -20.57
CA THR A 978 -7.92 -1.88 -20.49
C THR A 978 -6.70 -1.33 -19.79
N ARG A 979 -6.40 -0.07 -20.09
CA ARG A 979 -5.37 0.64 -19.34
C ARG A 979 -5.95 1.57 -18.29
N LEU A 980 -7.27 1.67 -18.20
CA LEU A 980 -7.91 2.77 -17.47
C LEU A 980 -8.42 2.29 -16.11
N ASP A 981 -7.93 2.93 -15.04
CA ASP A 981 -8.30 2.51 -13.69
C ASP A 981 -9.79 2.61 -13.45
N GLU A 982 -10.46 3.63 -14.00
CA GLU A 982 -11.90 3.74 -13.79
C GLU A 982 -12.62 2.52 -14.35
N THR A 983 -12.19 2.06 -15.52
CA THR A 983 -12.81 0.90 -16.13
C THR A 983 -12.49 -0.38 -15.34
N ILE A 984 -11.24 -0.51 -14.87
CA ILE A 984 -10.91 -1.66 -14.03
C ILE A 984 -11.79 -1.68 -12.80
N ALA A 985 -11.91 -0.53 -12.13
CA ALA A 985 -12.67 -0.47 -10.89
C ALA A 985 -14.13 -0.81 -11.13
N HIS A 986 -14.72 -0.20 -12.17
CA HIS A 986 -16.12 -0.45 -12.52
C HIS A 986 -16.35 -1.92 -12.83
N VAL A 987 -15.58 -2.45 -13.79
CA VAL A 987 -15.84 -3.80 -14.26
C VAL A 987 -15.60 -4.83 -13.17
N THR A 988 -14.47 -4.71 -12.45
CA THR A 988 -14.18 -5.73 -11.44
C THR A 988 -15.13 -5.65 -10.25
N SER A 989 -15.71 -4.48 -10.00
CA SER A 989 -16.65 -4.37 -8.89
C SER A 989 -18.02 -4.91 -9.23
N ARG A 990 -18.35 -5.04 -10.52
CA ARG A 990 -19.68 -5.45 -10.95
C ARG A 990 -19.72 -6.85 -11.52
N ILE A 991 -18.60 -7.38 -12.02
CA ILE A 991 -18.57 -8.73 -12.54
C ILE A 991 -18.69 -9.70 -11.37
N LYS A 992 -19.34 -10.83 -11.61
CA LYS A 992 -19.51 -11.87 -10.60
C LYS A 992 -18.88 -13.15 -11.12
N ALA A 993 -17.56 -13.27 -10.98
CA ALA A 993 -16.85 -14.46 -11.42
C ALA A 993 -15.72 -14.74 -10.46
N GLY A 994 -15.30 -16.01 -10.43
CA GLY A 994 -14.33 -16.43 -9.44
C GLY A 994 -12.88 -16.15 -9.79
N ASN A 995 -12.55 -16.09 -11.08
CA ASN A 995 -11.17 -15.91 -11.52
C ASN A 995 -11.11 -14.79 -12.54
N LEU A 996 -10.57 -13.65 -12.13
CA LEU A 996 -10.50 -12.47 -12.97
C LEU A 996 -9.07 -12.30 -13.45
N TYR A 997 -8.93 -11.79 -14.67
CA TYR A 997 -7.63 -11.64 -15.31
C TYR A 997 -7.60 -10.30 -16.02
N ILE A 998 -6.63 -9.46 -15.70
CA ILE A 998 -6.54 -8.11 -16.24
CA ILE A 998 -6.54 -8.11 -16.25
C ILE A 998 -5.30 -8.00 -17.13
N ASN A 999 -5.52 -7.69 -18.42
CA ASN A 999 -4.44 -7.47 -19.39
C ASN A 999 -3.56 -8.70 -19.60
N ARG A 1000 -4.19 -9.86 -19.58
CA ARG A 1000 -3.52 -11.14 -19.82
C ARG A 1000 -4.56 -12.14 -20.28
N ASN A 1001 -4.12 -13.36 -20.58
CA ASN A 1001 -5.09 -14.39 -20.94
C ASN A 1001 -5.85 -14.85 -19.68
N ILE A 1002 -6.87 -15.67 -19.90
CA ILE A 1002 -7.78 -16.10 -18.84
C ILE A 1002 -7.61 -17.58 -18.52
N ILE A 1003 -6.51 -18.21 -18.95
CA ILE A 1003 -6.33 -19.65 -18.81
C ILE A 1003 -5.09 -19.95 -17.98
N GLY A 1004 -4.98 -21.22 -17.58
CA GLY A 1004 -3.76 -21.67 -16.93
C GLY A 1004 -3.60 -21.16 -15.51
N ALA A 1005 -4.68 -21.14 -14.73
CA ALA A 1005 -4.57 -20.75 -13.34
C ALA A 1005 -3.50 -21.59 -12.64
N VAL A 1006 -2.71 -20.93 -11.79
CA VAL A 1006 -1.57 -21.52 -11.10
C VAL A 1006 -2.00 -21.82 -9.67
N VAL A 1007 -1.78 -23.06 -9.24
CA VAL A 1007 -2.14 -23.49 -7.89
C VAL A 1007 -1.50 -22.56 -6.87
N GLY A 1008 -2.29 -22.11 -5.89
CA GLY A 1008 -1.79 -21.27 -4.82
C GLY A 1008 -1.49 -19.84 -5.21
N VAL A 1009 -1.63 -19.50 -6.49
CA VAL A 1009 -1.38 -18.16 -7.00
C VAL A 1009 -2.65 -17.55 -7.58
N GLN A 1010 -3.35 -18.30 -8.43
CA GLN A 1010 -4.74 -18.03 -8.78
C GLN A 1010 -5.56 -19.25 -8.36
N PRO A 1011 -5.89 -19.37 -7.07
CA PRO A 1011 -6.83 -20.42 -6.65
C PRO A 1011 -8.04 -20.40 -7.55
N PHE A 1012 -8.47 -21.58 -7.99
CA PHE A 1012 -9.33 -21.67 -9.15
C PHE A 1012 -10.71 -22.20 -8.80
N GLY A 1013 -11.74 -21.51 -9.25
CA GLY A 1013 -13.10 -21.95 -9.04
C GLY A 1013 -14.04 -20.76 -9.06
N GLY A 1014 -15.29 -21.04 -9.43
CA GLY A 1014 -16.26 -19.98 -9.56
C GLY A 1014 -17.53 -20.16 -8.77
N ARG A 1015 -18.60 -19.54 -9.27
CA ARG A 1015 -19.85 -19.42 -8.55
C ARG A 1015 -20.99 -19.69 -9.52
N GLY A 1016 -22.21 -19.70 -8.99
CA GLY A 1016 -23.33 -19.88 -9.87
C GLY A 1016 -23.32 -21.25 -10.52
N LEU A 1017 -23.61 -21.27 -11.82
CA LEU A 1017 -23.61 -22.51 -12.58
C LEU A 1017 -22.22 -23.07 -12.78
N SER A 1018 -21.19 -22.34 -12.33
CA SER A 1018 -19.81 -22.80 -12.44
C SER A 1018 -19.38 -23.66 -11.27
N GLY A 1019 -20.17 -23.75 -10.21
CA GLY A 1019 -19.89 -24.75 -9.20
C GLY A 1019 -20.12 -24.24 -7.81
N THR A 1020 -19.70 -25.05 -6.84
CA THR A 1020 -20.00 -24.84 -5.43
C THR A 1020 -18.90 -24.15 -4.67
N GLY A 1021 -17.67 -24.24 -5.15
CA GLY A 1021 -16.52 -23.99 -4.32
C GLY A 1021 -16.39 -25.11 -3.30
N PRO A 1022 -15.37 -25.02 -2.42
CA PRO A 1022 -14.35 -23.97 -2.44
C PRO A 1022 -13.36 -24.13 -3.61
N LYS A 1023 -12.46 -23.17 -3.76
CA LYS A 1023 -11.55 -23.16 -4.90
C LYS A 1023 -10.49 -24.24 -4.75
N ALA A 1024 -10.26 -24.98 -5.83
CA ALA A 1024 -9.10 -25.86 -5.89
C ALA A 1024 -7.82 -25.04 -5.92
N GLY A 1025 -6.77 -25.58 -5.32
CA GLY A 1025 -5.54 -24.82 -5.23
C GLY A 1025 -5.65 -23.59 -4.36
N GLY A 1026 -6.59 -23.61 -3.42
CA GLY A 1026 -6.82 -22.49 -2.53
C GLY A 1026 -6.94 -22.98 -1.10
N PRO A 1027 -6.93 -22.04 -0.16
CA PRO A 1027 -6.75 -22.39 1.25
C PRO A 1027 -8.01 -22.89 1.95
N LEU A 1028 -9.16 -22.81 1.30
CA LEU A 1028 -10.39 -23.31 1.91
C LEU A 1028 -10.72 -24.72 1.48
N TYR A 1029 -9.93 -25.29 0.54
CA TYR A 1029 -10.30 -26.56 -0.09
C TYR A 1029 -10.28 -27.71 0.91
N LEU A 1030 -9.17 -27.89 1.64
CA LEU A 1030 -9.06 -29.06 2.51
C LEU A 1030 -10.12 -29.04 3.59
N GLY A 1031 -10.55 -27.85 4.01
CA GLY A 1031 -11.49 -27.74 5.11
C GLY A 1031 -12.87 -28.30 4.81
N ARG A 1032 -13.21 -28.43 3.54
CA ARG A 1032 -14.48 -29.02 3.13
C ARG A 1032 -14.45 -30.54 3.22
N LEU A 1033 -13.26 -31.13 3.35
CA LEU A 1033 -13.06 -32.57 3.29
C LEU A 1033 -12.86 -33.18 4.67
N VAL A 1034 -13.16 -32.42 5.72
CA VAL A 1034 -13.11 -32.88 7.11
C VAL A 1034 -14.41 -32.46 7.78
N THR A 1035 -14.72 -33.12 8.91
CA THR A 1035 -16.00 -32.86 9.57
C THR A 1035 -16.01 -31.51 10.30
N THR A 1036 -14.86 -31.08 10.82
CA THR A 1036 -14.71 -29.78 11.48
C THR A 1036 -13.57 -29.05 10.78
N ALA A 1037 -13.89 -27.91 10.17
CA ALA A 1037 -12.93 -27.22 9.30
C ALA A 1037 -11.90 -26.47 10.14
N PRO A 1038 -10.62 -26.55 9.76
CA PRO A 1038 -9.59 -25.77 10.45
C PRO A 1038 -9.64 -24.31 9.99
N VAL A 1039 -8.85 -23.48 10.67
CA VAL A 1039 -8.65 -22.09 10.27
C VAL A 1039 -7.53 -22.07 9.22
N PRO A 1040 -7.81 -21.71 7.98
CA PRO A 1040 -6.77 -21.72 6.96
C PRO A 1040 -5.71 -20.68 7.27
N PRO A 1041 -4.51 -20.84 6.72
CA PRO A 1041 -3.50 -19.78 6.87
C PRO A 1041 -4.05 -18.46 6.35
N GLN A 1042 -3.74 -17.38 7.07
CA GLN A 1042 -4.05 -16.00 6.69
C GLN A 1042 -5.55 -15.72 6.65
N HIS A 1043 -6.38 -16.63 7.15
CA HIS A 1043 -7.83 -16.51 6.98
C HIS A 1043 -8.41 -15.76 8.16
N SER A 1044 -8.60 -14.45 7.99
CA SER A 1044 -9.21 -13.57 8.99
C SER A 1044 -9.53 -12.25 8.32
N SER A 1045 -10.31 -11.43 9.02
CA SER A 1045 -10.61 -10.08 8.56
C SER A 1045 -10.87 -9.18 9.75
N VAL A 1046 -10.34 -7.96 9.70
CA VAL A 1046 -10.60 -7.00 10.77
C VAL A 1046 -11.91 -6.27 10.57
N HIS A 1047 -12.61 -6.52 9.48
CA HIS A 1047 -13.80 -5.76 9.14
C HIS A 1047 -15.03 -6.49 9.62
N THR A 1048 -16.00 -5.73 10.11
CA THR A 1048 -17.24 -6.29 10.62
C THR A 1048 -18.38 -5.80 9.75
N ASP A 1049 -19.23 -6.72 9.32
CA ASP A 1049 -20.34 -6.34 8.48
C ASP A 1049 -21.27 -5.42 9.26
N PRO A 1050 -21.69 -4.29 8.69
CA PRO A 1050 -22.47 -3.32 9.48
C PRO A 1050 -23.91 -3.75 9.67
N VAL A 1051 -24.43 -4.56 8.73
CA VAL A 1051 -25.79 -5.06 8.91
C VAL A 1051 -25.81 -6.10 10.00
N LEU A 1052 -24.79 -6.96 10.05
CA LEU A 1052 -24.62 -7.85 11.20
C LEU A 1052 -24.64 -7.06 12.51
N LEU A 1053 -23.88 -5.97 12.58
CA LEU A 1053 -23.86 -5.16 13.79
C LEU A 1053 -25.24 -4.59 14.11
N ASP A 1054 -25.97 -4.13 13.09
CA ASP A 1054 -27.30 -3.60 13.34
C ASP A 1054 -28.23 -4.71 13.84
N PHE A 1055 -28.06 -5.92 13.29
CA PHE A 1055 -28.86 -7.04 13.75
C PHE A 1055 -28.55 -7.41 15.20
N ALA A 1056 -27.27 -7.41 15.58
CA ALA A 1056 -26.92 -7.71 16.97
C ALA A 1056 -27.53 -6.69 17.92
N LYS A 1057 -27.54 -5.41 17.54
CA LYS A 1057 -28.19 -4.40 18.38
C LYS A 1057 -29.69 -4.64 18.47
N TRP A 1058 -30.30 -5.02 17.34
CA TRP A 1058 -31.72 -5.34 17.35
C TRP A 1058 -32.01 -6.51 18.28
N LEU A 1059 -31.17 -7.55 18.23
CA LEU A 1059 -31.35 -8.68 19.14
C LEU A 1059 -31.27 -8.24 20.59
N ASP A 1060 -30.27 -7.41 20.93
CA ASP A 1060 -30.18 -6.91 22.29
C ASP A 1060 -31.43 -6.13 22.69
N GLY A 1061 -31.98 -5.35 21.75
CA GLY A 1061 -33.19 -4.60 22.05
C GLY A 1061 -34.41 -5.49 22.24
N LYS A 1062 -34.42 -6.67 21.61
CA LYS A 1062 -35.49 -7.63 21.81
C LYS A 1062 -35.30 -8.48 23.06
N GLY A 1063 -34.16 -8.37 23.73
CA GLY A 1063 -33.86 -9.19 24.88
C GLY A 1063 -33.17 -10.50 24.56
N ALA A 1064 -32.84 -10.77 23.29
CA ALA A 1064 -32.19 -12.02 22.90
C ALA A 1064 -30.68 -11.87 23.08
N ARG A 1065 -30.28 -11.80 24.36
CA ARG A 1065 -28.90 -11.44 24.66
C ARG A 1065 -27.92 -12.54 24.24
N ALA A 1066 -28.29 -13.81 24.42
CA ALA A 1066 -27.41 -14.88 23.98
C ALA A 1066 -27.19 -14.83 22.48
N GLU A 1067 -28.27 -14.66 21.71
CA GLU A 1067 -28.11 -14.59 20.26
C GLU A 1067 -27.37 -13.33 19.85
N ALA A 1068 -27.54 -12.23 20.59
CA ALA A 1068 -26.79 -11.01 20.26
C ALA A 1068 -25.30 -11.24 20.42
N GLU A 1069 -24.90 -11.91 21.50
CA GLU A 1069 -23.50 -12.28 21.68
C GLU A 1069 -23.03 -13.18 20.55
N ALA A 1070 -23.85 -14.17 20.16
CA ALA A 1070 -23.48 -15.07 19.07
C ALA A 1070 -23.34 -14.30 17.76
N ALA A 1071 -24.21 -13.32 17.56
CA ALA A 1071 -24.13 -12.48 16.37
C ALA A 1071 -22.83 -11.70 16.34
N ARG A 1072 -22.47 -11.07 17.46
CA ARG A 1072 -21.21 -10.34 17.51
C ARG A 1072 -20.03 -11.28 17.29
N ASN A 1073 -20.09 -12.48 17.86
CA ASN A 1073 -19.02 -13.45 17.63
C ASN A 1073 -18.91 -13.84 16.17
N ALA A 1074 -20.06 -14.04 15.50
CA ALA A 1074 -20.03 -14.31 14.07
C ALA A 1074 -19.44 -13.15 13.29
N GLY A 1075 -19.78 -11.92 13.68
CA GLY A 1075 -19.20 -10.76 13.01
C GLY A 1075 -17.69 -10.72 13.08
N SER A 1076 -17.12 -11.07 14.23
CA SER A 1076 -15.67 -11.14 14.38
C SER A 1076 -15.07 -12.34 13.67
N SER A 1077 -15.75 -13.49 13.76
CA SER A 1077 -15.20 -14.71 13.17
CA SER A 1077 -15.23 -14.73 13.17
C SER A 1077 -15.24 -14.70 11.65
N SER A 1078 -16.17 -13.97 11.05
CA SER A 1078 -16.26 -13.91 9.61
C SER A 1078 -14.95 -13.40 9.01
N ALA A 1079 -14.54 -13.99 7.90
CA ALA A 1079 -13.38 -13.51 7.15
C ALA A 1079 -13.79 -12.67 5.95
N LEU A 1080 -15.06 -12.28 5.87
CA LEU A 1080 -15.50 -11.35 4.85
C LEU A 1080 -14.62 -10.10 4.88
N GLY A 1081 -14.10 -9.73 3.71
CA GLY A 1081 -13.23 -8.58 3.61
C GLY A 1081 -11.76 -8.92 3.58
N LEU A 1082 -11.40 -10.19 3.77
CA LEU A 1082 -10.02 -10.61 3.58
CA LEU A 1082 -10.03 -10.62 3.57
C LEU A 1082 -9.56 -10.16 2.21
N ASP A 1083 -8.33 -9.62 2.14
CA ASP A 1083 -7.83 -9.05 0.90
C ASP A 1083 -6.31 -9.23 0.91
N LEU A 1084 -5.82 -10.22 0.17
CA LEU A 1084 -4.43 -10.65 0.26
C LEU A 1084 -3.80 -10.60 -1.11
N GLU A 1085 -2.48 -10.39 -1.13
CA GLU A 1085 -1.69 -10.61 -2.33
C GLU A 1085 -0.87 -11.87 -2.11
N LEU A 1086 -0.96 -12.79 -3.07
CA LEU A 1086 -0.29 -14.08 -2.98
C LEU A 1086 1.05 -14.04 -3.70
N PRO A 1087 2.06 -14.72 -3.17
CA PRO A 1087 3.37 -14.75 -3.84
C PRO A 1087 3.27 -15.41 -5.20
N GLY A 1088 4.01 -14.85 -6.16
CA GLY A 1088 4.05 -15.40 -7.49
C GLY A 1088 5.14 -14.78 -8.32
N PRO A 1089 4.99 -14.84 -9.64
CA PRO A 1089 6.03 -14.33 -10.53
C PRO A 1089 6.08 -12.81 -10.50
N VAL A 1090 7.25 -12.28 -10.87
CA VAL A 1090 7.36 -10.85 -11.10
C VAL A 1090 6.45 -10.44 -12.26
N GLY A 1091 6.12 -9.16 -12.29
CA GLY A 1091 5.31 -8.66 -13.40
C GLY A 1091 3.86 -9.02 -13.35
N GLU A 1092 3.38 -9.49 -12.20
CA GLU A 1092 1.99 -9.83 -12.02
C GLU A 1092 1.67 -9.56 -10.56
N ARG A 1093 0.45 -9.11 -10.31
CA ARG A 1093 -0.09 -9.02 -8.96
C ARG A 1093 -1.26 -9.99 -8.87
N ASN A 1094 -1.18 -10.92 -7.93
CA ASN A 1094 -2.17 -11.97 -7.78
C ASN A 1094 -2.87 -11.78 -6.45
N LEU A 1095 -4.16 -11.47 -6.52
CA LEU A 1095 -4.93 -11.06 -5.36
C LEU A 1095 -5.98 -12.12 -5.04
N TYR A 1096 -6.29 -12.23 -3.77
CA TYR A 1096 -7.28 -13.22 -3.30
C TYR A 1096 -8.12 -12.51 -2.25
N THR A 1097 -9.43 -12.52 -2.45
CA THR A 1097 -10.35 -11.75 -1.61
C THR A 1097 -11.58 -12.59 -1.29
N LEU A 1098 -12.19 -12.31 -0.12
CA LEU A 1098 -13.42 -12.99 0.30
C LEU A 1098 -14.55 -11.99 0.32
N HIS A 1099 -15.63 -12.31 -0.40
CA HIS A 1099 -16.80 -11.47 -0.56
C HIS A 1099 -18.02 -12.24 -0.08
N ALA A 1100 -19.15 -11.54 -0.04
CA ALA A 1100 -20.42 -12.23 0.21
C ALA A 1100 -20.72 -13.17 -0.96
N ARG A 1101 -21.45 -14.24 -0.66
CA ARG A 1101 -21.88 -15.17 -1.70
C ARG A 1101 -23.07 -14.63 -2.48
N GLY A 1102 -24.00 -13.98 -1.80
CA GLY A 1102 -25.21 -13.52 -2.45
C GLY A 1102 -26.40 -13.63 -1.53
N ARG A 1103 -27.47 -14.28 -1.98
CA ARG A 1103 -28.66 -14.47 -1.17
C ARG A 1103 -28.67 -15.90 -0.69
N ILE A 1104 -28.67 -16.10 0.63
CA ILE A 1104 -28.65 -17.41 1.25
C ILE A 1104 -30.08 -17.80 1.61
N LEU A 1105 -30.48 -19.00 1.24
CA LEU A 1105 -31.78 -19.53 1.63
C LEU A 1105 -31.70 -19.99 3.08
N LEU A 1106 -32.54 -19.45 3.94
CA LEU A 1106 -32.60 -19.88 5.33
C LEU A 1106 -33.84 -20.74 5.55
N VAL A 1107 -33.64 -21.93 6.12
CA VAL A 1107 -34.76 -22.82 6.39
C VAL A 1107 -34.71 -23.14 7.88
N PRO A 1108 -35.22 -22.25 8.72
CA PRO A 1108 -35.14 -22.44 10.17
C PRO A 1108 -36.29 -23.30 10.67
N ALA A 1109 -36.14 -23.75 11.91
CA ALA A 1109 -37.22 -24.41 12.62
C ALA A 1109 -37.61 -23.70 13.90
N THR A 1110 -36.68 -23.04 14.57
CA THR A 1110 -36.97 -22.36 15.82
C THR A 1110 -36.53 -20.91 15.73
N GLU A 1111 -37.06 -20.11 16.66
CA GLU A 1111 -36.69 -18.71 16.72
C GLU A 1111 -35.19 -18.54 16.92
N SER A 1112 -34.63 -19.26 17.90
CA SER A 1112 -33.19 -19.13 18.15
C SER A 1112 -32.40 -19.63 16.95
N GLY A 1113 -32.87 -20.70 16.29
CA GLY A 1113 -32.20 -21.17 15.09
C GLY A 1113 -32.20 -20.13 13.99
N LEU A 1114 -33.34 -19.47 13.77
CA LEU A 1114 -33.40 -18.39 12.79
C LEU A 1114 -32.43 -17.27 13.13
N TYR A 1115 -32.35 -16.87 14.41
CA TYR A 1115 -31.42 -15.81 14.78
C TYR A 1115 -29.97 -16.22 14.51
N HIS A 1116 -29.61 -17.46 14.85
CA HIS A 1116 -28.26 -17.96 14.57
C HIS A 1116 -27.98 -18.01 13.07
N GLN A 1117 -28.97 -18.46 12.28
CA GLN A 1117 -28.80 -18.51 10.83
C GLN A 1117 -28.61 -17.12 10.24
N LEU A 1118 -29.43 -16.18 10.70
CA LEU A 1118 -29.33 -14.81 10.20
CA LEU A 1118 -29.33 -14.79 10.23
C LEU A 1118 -27.99 -14.19 10.58
N ALA A 1119 -27.53 -14.44 11.82
CA ALA A 1119 -26.23 -13.91 12.22
C ALA A 1119 -25.12 -14.46 11.33
N ALA A 1120 -25.14 -15.77 11.06
CA ALA A 1120 -24.11 -16.35 10.19
C ALA A 1120 -24.13 -15.72 8.80
N ALA A 1121 -25.32 -15.58 8.22
CA ALA A 1121 -25.40 -15.07 6.85
C ALA A 1121 -25.07 -13.59 6.77
N LEU A 1122 -25.55 -12.79 7.74
CA LEU A 1122 -25.27 -11.36 7.71
C LEU A 1122 -23.81 -11.07 7.99
N ALA A 1123 -23.19 -11.80 8.93
CA ALA A 1123 -21.78 -11.58 9.25
C ALA A 1123 -20.88 -11.82 8.05
N THR A 1124 -21.34 -12.62 7.09
CA THR A 1124 -20.59 -12.92 5.88
C THR A 1124 -21.06 -12.09 4.69
N GLY A 1125 -21.85 -11.05 4.94
CA GLY A 1125 -22.19 -10.05 3.93
C GLY A 1125 -23.39 -10.38 3.08
N ASN A 1126 -24.08 -11.48 3.36
CA ASN A 1126 -25.13 -11.97 2.47
C ASN A 1126 -26.47 -11.34 2.80
N SER A 1127 -27.35 -11.37 1.81
CA SER A 1127 -28.78 -11.23 2.04
C SER A 1127 -29.36 -12.61 2.27
N VAL A 1128 -30.63 -12.65 2.67
CA VAL A 1128 -31.27 -13.93 2.95
C VAL A 1128 -32.69 -13.97 2.39
N ALA A 1129 -33.14 -15.18 2.09
CA ALA A 1129 -34.55 -15.48 1.88
C ALA A 1129 -34.93 -16.52 2.91
N ILE A 1130 -35.90 -16.19 3.76
CA ILE A 1130 -36.29 -17.07 4.87
C ILE A 1130 -37.55 -17.81 4.47
N ASP A 1131 -37.53 -19.12 4.69
CA ASP A 1131 -38.69 -19.97 4.41
C ASP A 1131 -39.94 -19.48 5.12
N ALA A 1132 -40.93 -19.01 4.36
CA ALA A 1132 -42.18 -18.57 4.96
C ALA A 1132 -42.93 -19.72 5.61
N ALA A 1133 -42.70 -20.96 5.17
CA ALA A 1133 -43.37 -22.10 5.79
C ALA A 1133 -42.88 -22.38 7.20
N SER A 1134 -41.79 -21.74 7.63
CA SER A 1134 -41.32 -21.92 9.00
C SER A 1134 -42.30 -21.35 10.02
N GLY A 1135 -43.15 -20.42 9.62
CA GLY A 1135 -44.07 -19.80 10.56
C GLY A 1135 -43.43 -18.86 11.55
N LEU A 1136 -42.20 -18.42 11.28
CA LEU A 1136 -41.46 -17.62 12.25
C LEU A 1136 -41.47 -16.13 11.94
N GLN A 1137 -42.38 -15.67 11.07
CA GLN A 1137 -42.41 -14.26 10.70
C GLN A 1137 -42.49 -13.34 11.92
N ALA A 1138 -43.23 -13.74 12.96
CA ALA A 1138 -43.36 -12.90 14.14
C ALA A 1138 -42.09 -12.82 14.98
N SER A 1139 -41.06 -13.61 14.66
CA SER A 1139 -39.79 -13.52 15.37
C SER A 1139 -38.91 -12.38 14.87
N LEU A 1140 -39.30 -11.70 13.80
CA LEU A 1140 -38.47 -10.67 13.17
C LEU A 1140 -39.22 -9.37 13.02
N LYS A 1141 -39.95 -8.97 14.05
CA LYS A 1141 -40.72 -7.74 14.00
C LYS A 1141 -39.82 -6.53 14.26
N ASN A 1142 -40.10 -5.44 13.56
CA ASN A 1142 -39.46 -4.16 13.81
C ASN A 1142 -37.96 -4.20 13.53
N LEU A 1143 -37.56 -4.87 12.46
CA LEU A 1143 -36.15 -4.89 12.09
C LEU A 1143 -35.68 -3.50 11.67
N PRO A 1144 -34.43 -3.15 11.97
CA PRO A 1144 -33.86 -1.94 11.39
C PRO A 1144 -33.94 -2.00 9.87
N GLN A 1145 -34.11 -0.83 9.26
CA GLN A 1145 -34.21 -0.80 7.80
C GLN A 1145 -33.00 -1.44 7.14
N THR A 1146 -31.80 -1.20 7.68
CA THR A 1146 -30.60 -1.79 7.09
C THR A 1146 -30.68 -3.30 7.02
N VAL A 1147 -31.24 -3.92 8.07
CA VAL A 1147 -31.39 -5.36 8.07
C VAL A 1147 -32.55 -5.80 7.18
N GLY A 1148 -33.69 -5.10 7.25
CA GLY A 1148 -34.81 -5.43 6.39
C GLY A 1148 -34.46 -5.42 4.91
N LEU A 1149 -33.58 -4.50 4.51
CA LEU A 1149 -33.14 -4.47 3.12
C LEU A 1149 -32.52 -5.78 2.69
N ARG A 1150 -31.93 -6.52 3.63
CA ARG A 1150 -31.28 -7.78 3.34
C ARG A 1150 -32.18 -8.99 3.55
N VAL A 1151 -33.41 -8.81 4.03
CA VAL A 1151 -34.28 -9.91 4.43
C VAL A 1151 -35.49 -9.96 3.51
N SER A 1152 -35.76 -11.13 2.96
CA SER A 1152 -37.02 -11.41 2.29
C SER A 1152 -37.52 -12.74 2.81
N TRP A 1153 -38.82 -12.95 2.64
CA TRP A 1153 -39.46 -14.20 3.00
C TRP A 1153 -39.91 -14.90 1.72
N SER A 1154 -39.71 -16.21 1.66
CA SER A 1154 -39.96 -16.97 0.44
C SER A 1154 -40.91 -18.11 0.73
N LYS A 1155 -42.02 -18.14 0.01
CA LYS A 1155 -42.90 -19.30 -0.01
C LYS A 1155 -42.50 -20.27 -1.11
N ASP A 1156 -42.23 -19.75 -2.30
CA ASP A 1156 -41.87 -20.56 -3.47
C ASP A 1156 -40.37 -20.35 -3.70
N TRP A 1157 -39.56 -21.24 -3.10
CA TRP A 1157 -38.11 -21.08 -3.18
C TRP A 1157 -37.62 -21.02 -4.61
N ALA A 1158 -38.24 -21.79 -5.51
CA ALA A 1158 -37.77 -21.83 -6.89
C ALA A 1158 -37.98 -20.49 -7.59
N ALA A 1159 -39.00 -19.73 -7.18
CA ALA A 1159 -39.26 -18.46 -7.83
C ALA A 1159 -38.35 -17.35 -7.35
N ASP A 1160 -37.83 -17.47 -6.13
CA ASP A 1160 -37.10 -16.39 -5.48
C ASP A 1160 -35.59 -16.55 -5.58
N GLY A 1161 -35.10 -17.49 -6.37
CA GLY A 1161 -33.68 -17.68 -6.57
C GLY A 1161 -33.14 -16.78 -7.68
N PRO A 1162 -31.88 -16.99 -8.09
CA PRO A 1162 -31.00 -18.03 -7.56
C PRO A 1162 -30.45 -17.69 -6.19
N PHE A 1163 -30.26 -18.72 -5.38
CA PHE A 1163 -29.56 -18.56 -4.11
C PHE A 1163 -28.09 -18.90 -4.30
N ALA A 1164 -27.29 -18.56 -3.29
CA ALA A 1164 -25.86 -18.84 -3.32
C ALA A 1164 -25.44 -19.79 -2.19
N GLY A 1165 -26.39 -20.35 -1.47
CA GLY A 1165 -26.11 -21.27 -0.40
C GLY A 1165 -27.37 -21.42 0.42
N ALA A 1166 -27.32 -22.31 1.41
CA ALA A 1166 -28.49 -22.50 2.26
C ALA A 1166 -28.05 -22.90 3.65
N LEU A 1167 -28.87 -22.51 4.64
CA LEU A 1167 -28.71 -22.92 6.02
C LEU A 1167 -30.01 -23.57 6.45
N VAL A 1168 -29.92 -24.77 7.02
CA VAL A 1168 -31.10 -25.57 7.36
C VAL A 1168 -31.02 -25.97 8.82
N GLU A 1169 -32.16 -25.89 9.51
CA GLU A 1169 -32.28 -26.36 10.89
C GLU A 1169 -33.38 -27.41 10.94
N GLY A 1170 -33.09 -28.52 11.60
CA GLY A 1170 -34.14 -29.51 11.85
C GLY A 1170 -33.56 -30.85 12.27
N ASP A 1171 -34.47 -31.78 12.54
CA ASP A 1171 -34.04 -33.14 12.79
C ASP A 1171 -33.63 -33.81 11.49
N ALA A 1172 -33.16 -35.06 11.60
CA ALA A 1172 -32.60 -35.73 10.44
C ALA A 1172 -33.61 -35.83 9.30
N GLU A 1173 -34.87 -36.16 9.62
CA GLU A 1173 -35.85 -36.29 8.54
C GLU A 1173 -36.23 -34.94 7.95
N ARG A 1174 -36.25 -33.89 8.77
CA ARG A 1174 -36.50 -32.56 8.23
C ARG A 1174 -35.37 -32.13 7.29
N ILE A 1175 -34.13 -32.39 7.70
CA ILE A 1175 -32.97 -32.02 6.87
C ILE A 1175 -33.02 -32.74 5.54
N ARG A 1176 -33.31 -34.04 5.57
CA ARG A 1176 -33.41 -34.83 4.34
C ARG A 1176 -34.47 -34.26 3.42
N ALA A 1177 -35.64 -33.94 3.97
CA ALA A 1177 -36.73 -33.38 3.17
C ALA A 1177 -36.34 -32.05 2.56
N VAL A 1178 -35.72 -31.18 3.35
CA VAL A 1178 -35.30 -29.88 2.85
C VAL A 1178 -34.21 -30.03 1.80
N ASN A 1179 -33.25 -30.95 2.05
CA ASN A 1179 -32.16 -31.16 1.11
C ASN A 1179 -32.69 -31.61 -0.25
N LYS A 1180 -33.75 -32.43 -0.26
CA LYS A 1180 -34.37 -32.87 -1.51
C LYS A 1180 -35.06 -31.70 -2.21
N ALA A 1181 -35.80 -30.89 -1.46
CA ALA A 1181 -36.42 -29.70 -2.03
C ALA A 1181 -35.39 -28.74 -2.60
N ILE A 1182 -34.26 -28.58 -1.91
CA ILE A 1182 -33.22 -27.67 -2.40
C ILE A 1182 -32.61 -28.21 -3.69
N ALA A 1183 -32.35 -29.51 -3.75
CA ALA A 1183 -31.80 -30.08 -4.97
C ALA A 1183 -32.73 -29.93 -6.16
N ALA A 1184 -34.04 -29.76 -5.91
CA ALA A 1184 -35.01 -29.58 -7.00
C ALA A 1184 -35.09 -28.16 -7.51
N LEU A 1185 -34.38 -27.22 -6.89
CA LEU A 1185 -34.44 -25.84 -7.33
C LEU A 1185 -33.64 -25.72 -8.62
N PRO A 1186 -34.17 -25.03 -9.63
CA PRO A 1186 -33.42 -24.87 -10.88
C PRO A 1186 -32.20 -23.98 -10.65
N GLY A 1187 -31.22 -24.13 -11.53
CA GLY A 1187 -30.07 -23.26 -11.50
C GLY A 1187 -28.87 -23.86 -10.78
N PRO A 1188 -28.20 -23.05 -9.96
CA PRO A 1188 -26.92 -23.48 -9.39
C PRO A 1188 -27.10 -24.51 -8.30
N LEU A 1189 -26.09 -25.34 -8.15
CA LEU A 1189 -26.04 -26.25 -7.01
C LEU A 1189 -25.75 -25.42 -5.76
N LEU A 1190 -26.55 -25.62 -4.71
CA LEU A 1190 -26.38 -24.83 -3.51
C LEU A 1190 -25.52 -25.59 -2.51
N LEU A 1191 -24.54 -24.89 -1.94
CA LEU A 1191 -23.79 -25.45 -0.82
C LEU A 1191 -24.66 -25.32 0.42
N VAL A 1192 -25.14 -26.45 0.93
CA VAL A 1192 -26.10 -26.51 2.01
C VAL A 1192 -25.39 -26.91 3.30
N GLN A 1193 -25.68 -26.20 4.39
CA GLN A 1193 -25.25 -26.59 5.72
C GLN A 1193 -26.47 -26.80 6.59
N ALA A 1194 -26.47 -27.88 7.36
CA ALA A 1194 -27.61 -28.23 8.19
C ALA A 1194 -27.15 -28.48 9.63
N ALA A 1195 -28.08 -28.26 10.56
CA ALA A 1195 -27.79 -28.50 11.96
C ALA A 1195 -29.11 -28.72 12.68
N SER A 1196 -29.07 -29.52 13.73
CA SER A 1196 -30.22 -29.66 14.60
C SER A 1196 -30.31 -28.46 15.53
N SER A 1197 -31.49 -28.27 16.13
CA SER A 1197 -31.64 -27.20 17.11
C SER A 1197 -30.65 -27.38 18.26
N GLY A 1198 -30.45 -28.63 18.70
CA GLY A 1198 -29.52 -28.87 19.78
C GLY A 1198 -28.09 -28.56 19.38
N GLU A 1199 -27.72 -28.86 18.13
CA GLU A 1199 -26.40 -28.53 17.64
C GLU A 1199 -26.18 -27.01 17.61
N ILE A 1200 -27.20 -26.27 17.17
CA ILE A 1200 -27.12 -24.81 17.20
C ILE A 1200 -26.86 -24.32 18.62
N ALA A 1201 -27.50 -24.94 19.61
CA ALA A 1201 -27.32 -24.50 20.99
C ALA A 1201 -25.96 -24.92 21.55
N ARG A 1202 -25.43 -26.07 21.13
CA ARG A 1202 -24.18 -26.58 21.70
C ARG A 1202 -22.96 -26.05 20.97
N ASN A 1203 -23.04 -25.86 19.67
CA ASN A 1203 -21.84 -25.59 18.87
C ASN A 1203 -21.91 -24.22 18.23
N PRO A 1204 -21.11 -23.26 18.67
CA PRO A 1204 -21.11 -21.94 18.02
C PRO A 1204 -20.75 -21.99 16.54
N ASP A 1205 -20.04 -23.03 16.10
CA ASP A 1205 -19.68 -23.20 14.70
C ASP A 1205 -20.59 -24.20 14.00
N ALA A 1206 -21.80 -24.43 14.52
CA ALA A 1206 -22.74 -25.33 13.87
C ALA A 1206 -22.87 -25.03 12.38
N TYR A 1207 -22.93 -23.75 12.03
CA TYR A 1207 -22.84 -23.31 10.64
C TYR A 1207 -21.47 -22.69 10.46
N CYS A 1208 -20.67 -23.24 9.56
CA CYS A 1208 -19.30 -22.80 9.39
C CYS A 1208 -19.28 -21.60 8.42
N LEU A 1209 -18.64 -20.52 8.84
CA LEU A 1209 -18.63 -19.32 8.02
C LEU A 1209 -17.73 -19.42 6.81
N ASN A 1210 -16.84 -20.43 6.74
CA ASN A 1210 -16.01 -20.62 5.55
C ASN A 1210 -16.87 -20.74 4.30
N TRP A 1211 -18.05 -21.36 4.41
CA TRP A 1211 -18.85 -21.70 3.24
C TRP A 1211 -19.91 -20.67 2.95
N LEU A 1212 -19.91 -19.56 3.67
CA LEU A 1212 -20.85 -18.47 3.47
C LEU A 1212 -20.20 -17.23 2.83
N VAL A 1213 -18.92 -17.31 2.49
CA VAL A 1213 -18.23 -16.29 1.70
C VAL A 1213 -17.88 -16.88 0.35
N GLU A 1214 -17.57 -15.99 -0.58
CA GLU A 1214 -17.21 -16.35 -1.94
C GLU A 1214 -15.77 -15.91 -2.15
N GLU A 1215 -14.96 -16.81 -2.66
CA GLU A 1215 -13.57 -16.51 -2.98
C GLU A 1215 -13.47 -15.90 -4.37
N VAL A 1216 -12.64 -14.88 -4.50
CA VAL A 1216 -12.36 -14.26 -5.78
C VAL A 1216 -10.85 -14.12 -5.94
N SER A 1217 -10.35 -14.61 -7.06
CA SER A 1217 -8.96 -14.46 -7.44
C SER A 1217 -8.87 -13.46 -8.58
N ALA A 1218 -7.89 -12.57 -8.51
CA ALA A 1218 -7.65 -11.61 -9.59
C ALA A 1218 -6.18 -11.58 -9.89
N SER A 1219 -5.85 -11.76 -11.17
CA SER A 1219 -4.46 -11.75 -11.61
C SER A 1219 -4.29 -10.60 -12.60
N ILE A 1220 -3.45 -9.64 -12.24
CA ILE A 1220 -3.26 -8.42 -13.02
C ILE A 1220 -1.87 -8.46 -13.62
N ASN A 1221 -1.77 -8.35 -14.94
CA ASN A 1221 -0.47 -8.30 -15.61
C ASN A 1221 0.07 -6.88 -15.48
N THR A 1222 1.01 -6.67 -14.56
CA THR A 1222 1.55 -5.35 -14.29
C THR A 1222 2.66 -4.99 -15.24
N ALA A 1223 3.07 -5.92 -16.10
CA ALA A 1223 4.02 -5.59 -17.15
C ALA A 1223 3.33 -5.18 -18.45
N ALA A 1224 1.99 -5.07 -18.46
CA ALA A 1224 1.25 -4.90 -19.70
C ALA A 1224 1.60 -3.60 -20.42
N ALA A 1225 2.01 -2.56 -19.67
CA ALA A 1225 2.36 -1.29 -20.31
C ALA A 1225 3.67 -1.35 -21.06
N GLY A 1226 4.38 -2.47 -20.99
CA GLY A 1226 5.62 -2.67 -21.73
C GLY A 1226 6.84 -2.88 -20.85
N GLY A 1227 6.70 -2.77 -19.53
CA GLY A 1227 7.82 -2.95 -18.63
C GLY A 1227 7.33 -3.16 -17.21
N ASN A 1228 8.28 -3.49 -16.34
CA ASN A 1228 8.00 -3.82 -14.94
C ASN A 1228 8.61 -2.73 -14.05
N ALA A 1229 7.75 -1.89 -13.47
CA ALA A 1229 8.22 -0.79 -12.63
C ALA A 1229 8.97 -1.30 -11.41
N SER A 1230 8.41 -2.31 -10.73
CA SER A 1230 9.05 -2.87 -9.53
C SER A 1230 10.49 -3.29 -9.81
N LEU A 1231 10.71 -4.01 -10.90
CA LEU A 1231 12.07 -4.30 -11.33
C LEU A 1231 12.67 -3.04 -11.97
N PRO B 17 1.15 42.95 39.47
CA PRO B 17 2.34 42.23 38.98
C PRO B 17 2.59 42.53 37.51
N ALA B 18 3.76 43.07 37.20
CA ALA B 18 4.07 43.47 35.84
C ALA B 18 3.96 42.25 34.92
N PRO B 19 3.37 42.39 33.74
CA PRO B 19 3.29 41.26 32.81
C PRO B 19 4.68 40.72 32.46
N PHE B 20 4.81 39.40 32.49
CA PHE B 20 6.00 38.67 32.07
C PHE B 20 7.23 38.91 32.93
N ALA B 21 7.08 39.58 34.08
CA ALA B 21 8.22 39.81 34.95
C ALA B 21 8.83 38.52 35.48
N ASP B 22 8.05 37.43 35.50
CA ASP B 22 8.53 36.15 36.01
C ASP B 22 8.25 35.05 35.00
N PHE B 23 8.49 35.31 33.71
CA PHE B 23 8.02 34.37 32.69
C PHE B 23 8.75 33.04 32.77
N ALA B 24 10.07 33.07 32.61
CA ALA B 24 10.83 31.82 32.61
C ALA B 24 12.27 32.06 33.08
N PRO B 25 12.48 32.57 34.29
CA PRO B 25 13.84 32.82 34.75
C PRO B 25 14.59 31.50 34.86
N PRO B 26 15.84 31.46 34.41
CA PRO B 26 16.60 30.20 34.49
C PRO B 26 16.89 29.84 35.94
N VAL B 27 17.20 28.55 36.14
CA VAL B 27 17.54 28.06 37.48
C VAL B 27 18.75 28.80 38.02
N ARG B 28 19.74 29.08 37.17
CA ARG B 28 20.94 29.78 37.58
C ARG B 28 21.45 30.59 36.40
N PRO B 29 22.27 31.62 36.63
CA PRO B 29 22.89 32.33 35.51
C PRO B 29 23.70 31.35 34.66
N GLN B 30 23.59 31.49 33.35
CA GLN B 30 24.21 30.55 32.42
C GLN B 30 25.68 30.91 32.23
N SER B 31 26.56 29.99 32.60
CA SER B 31 27.99 30.20 32.46
C SER B 31 28.37 30.17 30.98
N THR B 32 29.62 30.54 30.71
CA THR B 32 30.12 30.45 29.33
C THR B 32 29.98 29.03 28.81
N LEU B 33 30.29 28.03 29.63
CA LEU B 33 30.19 26.65 29.18
C LEU B 33 28.74 26.23 28.98
N ARG B 34 27.84 26.65 29.86
CA ARG B 34 26.42 26.32 29.67
C ARG B 34 25.89 26.99 28.40
N ARG B 35 26.32 28.22 28.12
CA ARG B 35 25.84 28.89 26.92
C ARG B 35 26.33 28.20 25.65
N ALA B 36 27.54 27.63 25.68
CA ALA B 36 28.04 26.94 24.49
C ALA B 36 27.22 25.69 24.21
N ILE B 37 26.72 25.02 25.26
CA ILE B 37 25.80 23.91 25.07
C ILE B 37 24.55 24.38 24.35
N THR B 38 23.89 25.40 24.90
CA THR B 38 22.62 25.87 24.36
C THR B 38 22.77 26.31 22.91
N ALA B 39 23.89 26.96 22.59
CA ALA B 39 24.14 27.44 21.23
C ALA B 39 24.18 26.29 20.21
N ALA B 40 24.50 25.08 20.65
CA ALA B 40 24.61 23.95 19.72
C ALA B 40 23.32 23.16 19.58
N TYR B 41 22.27 23.53 20.32
CA TYR B 41 21.07 22.71 20.46
C TYR B 41 20.59 22.18 19.10
N ARG B 42 20.41 23.08 18.13
CA ARG B 42 19.88 22.69 16.82
C ARG B 42 20.80 23.16 15.70
N ARG B 43 22.11 23.12 15.95
CA ARG B 43 23.10 23.54 14.98
C ARG B 43 22.95 22.71 13.70
N PRO B 44 23.07 23.31 12.53
CA PRO B 44 22.98 22.53 11.30
C PRO B 44 23.99 21.37 11.30
N GLU B 45 23.52 20.24 10.76
CA GLU B 45 24.33 19.03 10.76
C GLU B 45 25.66 19.24 10.05
N THR B 46 25.65 20.03 8.96
CA THR B 46 26.89 20.29 8.23
C THR B 46 27.89 21.12 9.04
N GLU B 47 27.42 21.88 10.03
CA GLU B 47 28.35 22.59 10.92
C GLU B 47 28.86 21.71 12.06
N CYS B 48 28.05 20.75 12.50
CA CYS B 48 28.44 19.92 13.64
C CYS B 48 29.56 18.95 13.26
N LEU B 49 29.49 18.39 12.06
CA LEU B 49 30.33 17.25 11.72
C LEU B 49 31.82 17.52 11.56
N PRO B 50 32.24 18.63 10.93
CA PRO B 50 33.68 18.83 10.67
C PRO B 50 34.52 18.82 11.94
N PRO B 51 34.15 19.54 13.01
CA PRO B 51 34.96 19.42 14.23
C PRO B 51 34.93 18.03 14.86
N LEU B 52 33.82 17.30 14.72
CA LEU B 52 33.79 15.93 15.22
C LEU B 52 34.71 15.02 14.41
N VAL B 53 34.70 15.17 13.08
CA VAL B 53 35.61 14.39 12.22
C VAL B 53 37.05 14.62 12.65
N GLU B 54 37.42 15.88 12.88
CA GLU B 54 38.79 16.20 13.27
C GLU B 54 39.15 15.56 14.60
N ALA B 55 38.24 15.63 15.58
CA ALA B 55 38.53 15.06 16.89
C ALA B 55 38.51 13.54 16.87
N ALA B 56 37.76 12.94 15.95
CA ALA B 56 37.65 11.48 15.85
C ALA B 56 38.77 10.87 15.01
N THR B 57 39.66 11.68 14.43
CA THR B 57 40.71 11.17 13.57
C THR B 57 41.76 10.45 14.40
N GLN B 58 42.18 9.27 13.95
CA GLN B 58 43.29 8.54 14.54
C GLN B 58 44.28 8.16 13.44
N SER B 59 45.52 7.89 13.86
CA SER B 59 46.58 7.53 12.92
C SER B 59 46.21 6.28 12.12
N LYS B 60 46.89 6.09 10.99
CA LYS B 60 46.70 4.88 10.20
C LYS B 60 47.09 3.63 10.98
N GLU B 61 48.11 3.73 11.83
CA GLU B 61 48.52 2.57 12.64
C GLU B 61 47.39 2.15 13.57
N ILE B 62 46.83 3.10 14.32
CA ILE B 62 45.75 2.78 15.25
C ILE B 62 44.52 2.30 14.49
N ARG B 63 44.19 2.98 13.39
CA ARG B 63 43.03 2.57 12.62
C ARG B 63 43.20 1.17 12.04
N ASP B 64 44.41 0.84 11.57
CA ASP B 64 44.69 -0.53 11.14
C ASP B 64 44.55 -1.50 12.30
N ALA B 65 45.13 -1.18 13.46
CA ALA B 65 45.03 -2.07 14.61
C ALA B 65 43.59 -2.22 15.07
N ALA B 66 42.82 -1.12 15.06
CA ALA B 66 41.43 -1.20 15.49
C ALA B 66 40.61 -2.04 14.53
N ALA B 67 40.88 -1.93 13.23
CA ALA B 67 40.16 -2.75 12.25
C ALA B 67 40.43 -4.22 12.48
N SER B 68 41.66 -4.55 12.87
CA SER B 68 42.00 -5.94 13.17
C SER B 68 41.30 -6.41 14.43
N THR B 69 41.33 -5.59 15.49
CA THR B 69 40.62 -5.95 16.72
C THR B 69 39.13 -6.12 16.45
N ALA B 70 38.53 -5.21 15.69
CA ALA B 70 37.11 -5.30 15.36
C ALA B 70 36.79 -6.56 14.59
N ARG B 71 37.61 -6.91 13.59
CA ARG B 71 37.35 -8.11 12.81
C ARG B 71 37.40 -9.36 13.69
N LYS B 72 38.37 -9.44 14.59
CA LYS B 72 38.46 -10.57 15.50
C LYS B 72 37.24 -10.64 16.42
N LEU B 73 36.76 -9.48 16.89
CA LEU B 73 35.56 -9.48 17.72
C LEU B 73 34.33 -9.93 16.94
N ILE B 74 34.20 -9.45 15.69
CA ILE B 74 33.03 -9.79 14.88
C ILE B 74 33.04 -11.26 14.49
N GLU B 75 34.21 -11.78 14.13
CA GLU B 75 34.32 -13.20 13.82
C GLU B 75 33.93 -14.05 15.03
N ALA B 76 34.42 -13.69 16.21
CA ALA B 76 34.03 -14.41 17.42
C ALA B 76 32.53 -14.35 17.65
N LEU B 77 31.91 -13.18 17.42
CA LEU B 77 30.47 -13.04 17.61
C LEU B 77 29.70 -13.94 16.65
N ARG B 78 30.05 -13.90 15.37
CA ARG B 78 29.33 -14.69 14.36
C ARG B 78 29.67 -16.18 14.44
N GLY B 79 30.74 -16.55 15.13
CA GLY B 79 31.04 -17.97 15.27
C GLY B 79 30.16 -18.69 16.28
N LYS B 80 29.71 -17.98 17.31
CA LYS B 80 28.90 -18.58 18.36
C LYS B 80 27.49 -18.93 17.89
N SER B 84 18.58 -18.41 18.56
CA SER B 84 17.53 -17.85 19.41
C SER B 84 16.59 -18.94 19.91
N GLY B 85 16.09 -18.77 21.14
CA GLY B 85 15.13 -19.72 21.67
C GLY B 85 13.82 -19.68 20.92
N VAL B 86 13.35 -18.48 20.57
CA VAL B 86 12.09 -18.34 19.83
C VAL B 86 12.22 -18.90 18.42
N GLU B 87 13.39 -18.75 17.79
CA GLU B 87 13.59 -19.29 16.44
C GLU B 87 13.52 -20.81 16.45
N GLY B 88 14.10 -21.45 17.47
CA GLY B 88 14.01 -22.89 17.56
C GLY B 88 12.61 -23.40 17.86
N LEU B 89 11.83 -22.60 18.59
CA LEU B 89 10.44 -22.96 18.85
C LEU B 89 9.61 -22.84 17.57
N VAL B 90 9.78 -21.74 16.85
CA VAL B 90 9.11 -21.56 15.56
C VAL B 90 9.46 -22.70 14.61
N GLN B 91 10.74 -23.11 14.58
CA GLN B 91 11.14 -24.17 13.67
C GLN B 91 10.58 -25.53 14.09
N GLU B 92 10.61 -25.83 15.39
CA GLU B 92 10.18 -27.14 15.86
C GLU B 92 8.71 -27.39 15.57
N TYR B 93 7.87 -26.36 15.69
CA TYR B 93 6.44 -26.51 15.47
C TYR B 93 5.96 -25.91 14.15
N SER B 94 6.89 -25.49 13.28
CA SER B 94 6.56 -24.98 11.95
C SER B 94 5.59 -23.80 12.04
N LEU B 95 5.87 -22.89 12.96
CA LEU B 95 4.97 -21.77 13.18
C LEU B 95 5.19 -20.69 12.14
N SER B 96 4.10 -20.07 11.71
CA SER B 96 4.20 -18.81 11.00
C SER B 96 4.57 -17.70 11.99
N SER B 97 4.90 -16.54 11.46
CA SER B 97 5.22 -15.39 12.31
C SER B 97 4.04 -15.05 13.20
N GLN B 98 2.84 -14.93 12.63
CA GLN B 98 1.67 -14.59 13.43
C GLN B 98 1.40 -15.65 14.48
N GLU B 99 1.65 -16.92 14.15
CA GLU B 99 1.48 -17.98 15.14
C GLU B 99 2.51 -17.85 16.26
N GLY B 100 3.75 -17.49 15.91
CA GLY B 100 4.74 -17.25 16.95
C GLY B 100 4.37 -16.10 17.86
N VAL B 101 3.88 -15.00 17.28
CA VAL B 101 3.46 -13.85 18.07
C VAL B 101 2.28 -14.22 18.96
N ALA B 102 1.28 -14.89 18.38
CA ALA B 102 0.10 -15.28 19.14
C ALA B 102 0.48 -16.20 20.30
N LEU B 103 1.40 -17.13 20.05
CA LEU B 103 1.80 -18.07 21.09
C LEU B 103 2.45 -17.35 22.27
N MET B 104 3.30 -16.37 21.97
CA MET B 104 3.97 -15.63 23.04
C MET B 104 2.98 -14.79 23.83
N CYS B 105 1.98 -14.21 23.15
CA CYS B 105 0.92 -13.50 23.84
C CYS B 105 0.16 -14.44 24.77
N LEU B 106 -0.19 -15.63 24.28
CA LEU B 106 -0.82 -16.64 25.13
C LEU B 106 0.06 -16.96 26.33
N ALA B 107 1.36 -17.17 26.08
CA ALA B 107 2.29 -17.50 27.17
C ALA B 107 2.37 -16.38 28.18
N GLU B 108 2.46 -15.13 27.71
CA GLU B 108 2.44 -13.98 28.60
C GLU B 108 1.22 -13.99 29.52
N ALA B 109 0.05 -14.24 28.94
CA ALA B 109 -1.18 -14.26 29.73
C ALA B 109 -1.17 -15.38 30.75
N LEU B 110 -0.75 -16.59 30.34
CA LEU B 110 -0.67 -17.70 31.27
C LEU B 110 0.31 -17.40 32.41
N LEU B 111 1.38 -16.64 32.13
CA LEU B 111 2.33 -16.31 33.17
C LEU B 111 1.81 -15.28 34.15
N ARG B 112 0.72 -14.59 33.83
CA ARG B 112 0.08 -13.74 34.82
C ARG B 112 -0.62 -14.54 35.91
N ILE B 113 -0.82 -15.85 35.69
CA ILE B 113 -1.31 -16.75 36.72
C ILE B 113 -0.13 -17.16 37.59
N PRO B 114 -0.06 -16.71 38.85
CA PRO B 114 1.16 -16.96 39.64
C PRO B 114 1.32 -18.40 40.09
N ASP B 115 0.23 -19.10 40.39
CA ASP B 115 0.33 -20.46 40.89
C ASP B 115 0.56 -21.42 39.74
N THR B 116 1.71 -22.11 39.77
CA THR B 116 2.05 -23.05 38.70
C THR B 116 0.99 -24.13 38.54
N ALA B 117 0.43 -24.62 39.65
CA ALA B 117 -0.55 -25.69 39.57
C ALA B 117 -1.82 -25.23 38.87
N THR B 118 -2.28 -24.00 39.18
CA THR B 118 -3.48 -23.49 38.52
C THR B 118 -3.23 -23.24 37.04
N ARG B 119 -2.05 -22.70 36.71
CA ARG B 119 -1.71 -22.42 35.32
C ARG B 119 -1.60 -23.71 34.51
N ASP B 120 -0.83 -24.68 35.02
CA ASP B 120 -0.65 -25.95 34.32
C ASP B 120 -1.98 -26.69 34.16
N ALA B 121 -2.90 -26.53 35.11
CA ALA B 121 -4.20 -27.17 35.00
C ALA B 121 -5.06 -26.48 33.95
N LEU B 122 -5.04 -25.15 33.92
CA LEU B 122 -5.80 -24.42 32.91
C LEU B 122 -5.31 -24.78 31.50
N ILE B 123 -4.00 -24.95 31.34
CA ILE B 123 -3.44 -25.31 30.05
C ILE B 123 -3.97 -26.67 29.60
N ARG B 124 -3.87 -27.67 30.48
CA ARG B 124 -4.23 -29.03 30.09
C ARG B 124 -5.73 -29.20 29.95
N ASP B 125 -6.52 -28.55 30.80
CA ASP B 125 -7.95 -28.81 30.84
C ASP B 125 -8.78 -27.86 29.98
N LYS B 126 -8.29 -26.65 29.72
CA LYS B 126 -9.07 -25.64 29.00
C LYS B 126 -8.40 -25.15 27.72
N ILE B 127 -7.13 -24.75 27.80
CA ILE B 127 -6.50 -24.09 26.65
C ILE B 127 -6.19 -25.09 25.55
N ALA B 128 -5.60 -26.22 25.91
CA ALA B 128 -5.19 -27.21 24.91
C ALA B 128 -6.37 -27.79 24.14
N ASP B 129 -7.56 -27.77 24.74
CA ASP B 129 -8.76 -28.27 24.08
C ASP B 129 -9.31 -27.32 23.03
N GLY B 130 -8.76 -26.12 22.91
CA GLY B 130 -9.24 -25.17 21.93
C GLY B 130 -9.85 -23.93 22.53
N ASN B 131 -10.86 -24.11 23.39
CA ASN B 131 -11.57 -22.98 23.97
C ASN B 131 -10.66 -22.10 24.80
N TRP B 132 -9.82 -21.31 24.13
CA TRP B 132 -8.89 -20.41 24.83
C TRP B 132 -9.49 -19.04 25.07
N LYS B 133 -10.45 -18.61 24.25
CA LYS B 133 -10.99 -17.26 24.39
C LYS B 133 -11.71 -17.08 25.73
N SER B 134 -12.47 -18.11 26.15
CA SER B 134 -13.24 -17.99 27.39
C SER B 134 -12.33 -17.87 28.61
N HIS B 135 -11.21 -18.59 28.61
CA HIS B 135 -10.40 -18.72 29.82
C HIS B 135 -9.49 -17.53 30.07
N LEU B 136 -8.99 -16.88 29.01
CA LEU B 136 -8.06 -15.77 29.19
C LEU B 136 -8.50 -14.53 28.40
N ARG B 140 -9.86 -8.20 28.70
CA ARG B 140 -8.53 -7.84 28.20
C ARG B 140 -8.10 -8.80 27.10
N SER B 141 -7.80 -8.25 25.92
CA SER B 141 -7.32 -9.04 24.81
C SER B 141 -6.04 -9.78 25.21
N LEU B 142 -5.94 -11.04 24.79
CA LEU B 142 -4.69 -11.74 24.91
C LEU B 142 -3.55 -11.01 24.21
N PHE B 143 -3.88 -10.17 23.23
CA PHE B 143 -2.91 -9.65 22.29
C PHE B 143 -2.53 -8.19 22.57
N VAL B 144 -2.79 -7.68 23.78
CA VAL B 144 -2.48 -6.28 24.11
C VAL B 144 -1.03 -5.94 23.81
N ASN B 145 -0.09 -6.83 24.13
CA ASN B 145 1.33 -6.57 23.93
C ASN B 145 1.89 -7.24 22.69
N ALA B 146 1.03 -7.51 21.70
CA ALA B 146 1.51 -8.24 20.52
C ALA B 146 2.52 -7.45 19.71
N ALA B 147 2.45 -6.11 19.72
CA ALA B 147 3.46 -5.33 19.01
C ALA B 147 4.84 -5.64 19.57
N THR B 148 4.94 -5.77 20.88
CA THR B 148 6.21 -6.11 21.51
C THR B 148 6.66 -7.51 21.10
N TRP B 149 5.77 -8.50 21.20
CA TRP B 149 6.13 -9.84 20.79
C TRP B 149 6.40 -9.92 19.29
N GLY B 150 5.72 -9.08 18.50
CA GLY B 150 6.01 -9.03 17.08
C GLY B 150 7.44 -8.61 16.81
N LEU B 151 7.94 -7.63 17.57
CA LEU B 151 9.35 -7.27 17.48
C LEU B 151 10.22 -8.45 17.85
N VAL B 152 9.88 -9.15 18.93
CA VAL B 152 10.69 -10.27 19.39
C VAL B 152 10.76 -11.36 18.33
N VAL B 153 9.63 -11.65 17.69
CA VAL B 153 9.54 -12.81 16.79
C VAL B 153 10.03 -12.48 15.38
N THR B 154 9.68 -11.30 14.86
CA THR B 154 9.93 -10.97 13.47
C THR B 154 10.99 -9.90 13.27
N GLY B 155 11.36 -9.16 14.32
CA GLY B 155 12.24 -8.02 14.17
C GLY B 155 11.60 -6.78 13.57
N LYS B 156 10.30 -6.80 13.28
CA LYS B 156 9.60 -5.65 12.75
C LYS B 156 8.56 -5.20 13.75
N LEU B 157 8.30 -3.90 13.76
CA LEU B 157 7.34 -3.29 14.68
C LEU B 157 6.12 -2.82 13.90
N THR B 158 4.94 -3.11 14.42
CA THR B 158 3.71 -2.48 13.95
C THR B 158 3.10 -1.71 15.11
N SER B 159 2.48 -0.57 14.81
CA SER B 159 1.98 0.27 15.89
C SER B 159 0.74 -0.33 16.54
N THR B 160 -0.09 -1.02 15.76
CA THR B 160 -1.27 -1.68 16.27
C THR B 160 -1.25 -3.14 15.83
N VAL B 161 -2.19 -3.90 16.38
CA VAL B 161 -2.17 -5.36 16.37
C VAL B 161 -3.34 -5.83 15.54
N ASN B 162 -3.10 -6.76 14.60
CA ASN B 162 -4.19 -7.41 13.90
C ASN B 162 -4.68 -8.57 14.77
N ASP B 163 -5.62 -8.24 15.67
CA ASP B 163 -6.11 -9.21 16.64
C ASP B 163 -6.95 -10.31 16.02
N ARG B 164 -7.58 -10.06 14.86
CA ARG B 164 -8.28 -11.14 14.18
C ARG B 164 -7.30 -12.15 13.59
N SER B 165 -6.20 -11.64 12.99
CA SER B 165 -5.16 -12.53 12.48
C SER B 165 -4.51 -13.33 13.60
N LEU B 166 -4.25 -12.69 14.74
CA LEU B 166 -3.64 -13.39 15.85
C LEU B 166 -4.60 -14.41 16.46
N ALA B 167 -5.89 -14.05 16.57
CA ALA B 167 -6.85 -15.02 17.08
C ALA B 167 -6.93 -16.25 16.19
N ALA B 168 -6.96 -16.02 14.88
CA ALA B 168 -6.98 -17.13 13.94
C ALA B 168 -5.72 -17.97 14.06
N ALA B 169 -4.56 -17.31 14.17
CA ALA B 169 -3.29 -18.03 14.28
C ALA B 169 -3.23 -18.85 15.57
N LEU B 170 -3.74 -18.29 16.68
CA LEU B 170 -3.69 -19.03 17.93
C LEU B 170 -4.60 -20.25 17.90
N THR B 171 -5.81 -20.09 17.37
CA THR B 171 -6.69 -21.24 17.20
C THR B 171 -6.04 -22.28 16.30
N ARG B 172 -5.41 -21.84 15.21
CA ARG B 172 -4.79 -22.78 14.28
C ARG B 172 -3.68 -23.56 14.96
N LEU B 173 -2.79 -22.86 15.67
CA LEU B 173 -1.63 -23.54 16.24
C LEU B 173 -2.03 -24.46 17.38
N ILE B 174 -3.02 -24.06 18.18
CA ILE B 174 -3.47 -24.94 19.26
C ILE B 174 -4.16 -26.17 18.69
N SER B 175 -5.03 -25.98 17.71
CA SER B 175 -5.73 -27.13 17.13
C SER B 175 -4.77 -28.04 16.39
N ARG B 176 -3.66 -27.51 15.87
CA ARG B 176 -2.68 -28.34 15.17
C ARG B 176 -1.74 -29.06 16.14
N CYS B 177 -1.24 -28.34 17.16
CA CYS B 177 -0.13 -28.84 17.97
C CYS B 177 -0.47 -29.10 19.43
N GLY B 178 -1.55 -28.53 19.95
CA GLY B 178 -2.01 -28.96 21.26
C GLY B 178 -1.15 -28.46 22.41
N GLU B 179 -1.25 -29.16 23.53
CA GLU B 179 -0.55 -28.74 24.74
C GLU B 179 0.96 -28.63 24.58
N PRO B 180 1.66 -29.53 23.86
CA PRO B 180 3.13 -29.40 23.79
C PRO B 180 3.62 -28.06 23.28
N VAL B 181 2.96 -27.46 22.29
CA VAL B 181 3.40 -26.15 21.84
C VAL B 181 3.09 -25.08 22.89
N ILE B 182 1.97 -25.22 23.62
CA ILE B 182 1.65 -24.26 24.66
C ILE B 182 2.68 -24.32 25.77
N ARG B 183 3.04 -25.54 26.19
CA ARG B 183 4.08 -25.75 27.18
C ARG B 183 5.39 -25.08 26.77
N ARG B 184 5.83 -25.34 25.54
CA ARG B 184 7.09 -24.74 25.06
C ARG B 184 7.01 -23.22 25.03
N GLY B 185 5.87 -22.66 24.64
CA GLY B 185 5.76 -21.20 24.63
C GLY B 185 5.82 -20.62 26.02
N VAL B 186 5.15 -21.26 26.99
CA VAL B 186 5.19 -20.79 28.37
C VAL B 186 6.61 -20.82 28.91
N ASP B 187 7.29 -21.96 28.75
CA ASP B 187 8.67 -22.08 29.23
C ASP B 187 9.57 -21.04 28.55
N MET B 188 9.34 -20.79 27.27
CA MET B 188 10.15 -19.83 26.53
C MET B 188 9.94 -18.41 27.06
N ALA B 189 8.69 -17.98 27.19
CA ALA B 189 8.41 -16.64 27.67
C ALA B 189 8.90 -16.46 29.11
N MET B 190 8.76 -17.51 29.93
CA MET B 190 9.23 -17.44 31.31
C MET B 190 10.73 -17.15 31.35
N ARG B 191 11.51 -17.85 30.54
CA ARG B 191 12.94 -17.61 30.50
C ARG B 191 13.25 -16.20 30.00
N MET B 192 12.61 -15.80 28.90
CA MET B 192 12.87 -14.47 28.34
C MET B 192 12.52 -13.38 29.34
N MET B 193 11.32 -13.44 29.92
CA MET B 193 10.89 -12.39 30.82
C MET B 193 11.50 -12.50 32.21
N GLY B 194 12.10 -13.64 32.55
CA GLY B 194 12.67 -13.81 33.87
C GLY B 194 14.18 -13.69 33.92
N GLU B 195 14.84 -13.95 32.79
CA GLU B 195 16.29 -14.10 32.76
C GLU B 195 16.98 -13.31 31.67
N GLN B 196 16.27 -12.86 30.64
CA GLN B 196 16.90 -12.20 29.50
C GLN B 196 16.53 -10.73 29.43
N PHE B 197 15.24 -10.42 29.42
CA PHE B 197 14.82 -9.02 29.47
C PHE B 197 15.15 -8.37 30.81
N VAL B 198 15.31 -9.16 31.87
CA VAL B 198 15.74 -8.65 33.16
C VAL B 198 16.81 -9.58 33.69
N THR B 199 17.68 -9.03 34.53
CA THR B 199 18.62 -9.90 35.24
C THR B 199 17.90 -10.70 36.31
N GLY B 200 16.87 -10.13 36.90
CA GLY B 200 16.03 -10.85 37.82
C GLY B 200 14.78 -10.05 38.09
N GLU B 201 13.79 -10.73 38.65
CA GLU B 201 12.54 -10.06 38.95
C GLU B 201 12.69 -9.08 40.10
N THR B 202 13.55 -9.39 41.07
CA THR B 202 13.80 -8.56 42.23
C THR B 202 15.30 -8.32 42.35
N ILE B 203 15.66 -7.32 43.15
CA ILE B 203 17.07 -7.02 43.35
C ILE B 203 17.80 -8.21 43.97
N ARG B 204 17.15 -8.92 44.91
CA ARG B 204 17.79 -10.09 45.51
C ARG B 204 18.16 -11.12 44.45
N GLU B 205 17.23 -11.39 43.53
CA GLU B 205 17.50 -12.36 42.48
C GLU B 205 18.56 -11.84 41.52
N ALA B 206 18.49 -10.55 41.17
CA ALA B 206 19.48 -9.99 40.26
C ALA B 206 20.87 -10.04 40.87
N LEU B 207 20.99 -9.70 42.17
CA LEU B 207 22.29 -9.72 42.83
C LEU B 207 22.87 -11.13 42.87
N LYS B 208 22.04 -12.14 43.16
CA LYS B 208 22.52 -13.51 43.19
C LYS B 208 23.03 -13.95 41.81
N ARG B 209 22.31 -13.56 40.76
CA ARG B 209 22.70 -13.95 39.41
C ARG B 209 23.91 -13.17 38.90
N SER B 210 24.30 -12.09 39.58
CA SER B 210 25.42 -11.27 39.13
C SER B 210 26.77 -11.86 39.50
N LYS B 211 26.83 -12.76 40.49
CA LYS B 211 28.11 -13.24 40.98
C LYS B 211 28.91 -13.92 39.88
N GLU B 212 28.23 -14.63 38.99
CA GLU B 212 28.94 -15.43 37.99
C GLU B 212 29.83 -14.57 37.11
N LEU B 213 29.24 -13.56 36.48
CA LEU B 213 30.05 -12.71 35.60
C LEU B 213 30.95 -11.77 36.38
N GLU B 214 30.58 -11.41 37.62
CA GLU B 214 31.47 -10.62 38.44
C GLU B 214 32.78 -11.35 38.71
N GLU B 215 32.70 -12.67 38.88
CA GLU B 215 33.91 -13.47 39.10
C GLU B 215 34.78 -13.54 37.85
N LYS B 216 34.24 -13.22 36.68
CA LYS B 216 35.01 -13.15 35.46
C LYS B 216 35.58 -11.75 35.20
N GLY B 217 35.21 -10.75 36.00
CA GLY B 217 35.71 -9.41 35.84
C GLY B 217 34.70 -8.39 35.41
N PHE B 218 33.43 -8.80 35.24
CA PHE B 218 32.39 -7.82 34.96
C PHE B 218 31.97 -7.10 36.24
N SER B 219 31.32 -5.95 36.05
CA SER B 219 30.65 -5.23 37.13
C SER B 219 29.21 -5.00 36.69
N TYR B 220 28.41 -4.41 37.58
CA TYR B 220 26.98 -4.25 37.31
C TYR B 220 26.53 -2.85 37.66
N SER B 221 25.49 -2.41 36.94
CA SER B 221 24.71 -1.23 37.31
C SER B 221 23.24 -1.60 37.14
N TYR B 222 22.47 -1.54 38.22
CA TYR B 222 21.09 -2.02 38.19
C TYR B 222 20.11 -0.92 37.80
N ASP B 223 19.16 -1.29 36.95
CA ASP B 223 18.10 -0.43 36.44
C ASP B 223 16.78 -0.97 36.97
N MET B 224 16.19 -0.27 37.92
CA MET B 224 14.92 -0.69 38.52
C MET B 224 13.82 -0.21 37.59
N LEU B 225 13.28 -1.11 36.79
CA LEU B 225 12.33 -0.74 35.74
C LEU B 225 11.07 -0.14 36.34
N GLU B 227 10.47 4.80 35.32
CA GLU B 227 10.51 6.07 34.59
C GLU B 227 9.11 6.65 34.39
N ALA B 228 9.09 7.94 34.02
CA ALA B 228 7.86 8.66 33.69
C ALA B 228 6.78 8.46 34.76
N ALA B 229 7.07 8.99 35.95
CA ALA B 229 6.04 9.14 36.96
C ALA B 229 4.90 10.00 36.39
N THR B 230 3.67 9.56 36.60
CA THR B 230 2.48 10.31 36.20
C THR B 230 1.86 11.06 37.36
N THR B 231 1.95 10.51 38.56
CA THR B 231 1.35 11.10 39.75
C THR B 231 2.42 11.26 40.82
N ALA B 232 2.05 12.03 41.87
CA ALA B 232 2.91 12.15 43.03
C ALA B 232 3.20 10.80 43.65
N ALA B 233 2.17 9.95 43.74
CA ALA B 233 2.34 8.63 44.35
C ALA B 233 3.32 7.77 43.55
N ASP B 234 3.29 7.86 42.22
CA ASP B 234 4.27 7.14 41.40
C ASP B 234 5.68 7.57 41.77
N ALA B 235 5.91 8.90 41.82
CA ALA B 235 7.24 9.41 42.06
C ALA B 235 7.72 9.04 43.45
N GLU B 236 6.83 9.09 44.43
CA GLU B 236 7.21 8.71 45.78
C GLU B 236 7.54 7.22 45.85
N ARG B 237 6.77 6.39 45.16
CA ARG B 237 7.05 4.96 45.15
C ARG B 237 8.40 4.69 44.49
N TYR B 238 8.64 5.29 43.32
CA TYR B 238 9.92 5.09 42.63
C TYR B 238 11.09 5.52 43.51
N TYR B 239 10.94 6.64 44.22
CA TYR B 239 11.97 7.06 45.16
C TYR B 239 12.25 5.99 46.19
N ARG B 240 11.20 5.48 46.84
CA ARG B 240 11.40 4.45 47.85
C ARG B 240 11.96 3.17 47.26
N ASP B 241 11.55 2.83 46.04
CA ASP B 241 12.10 1.64 45.39
C ASP B 241 13.58 1.82 45.10
N TYR B 242 14.00 3.01 44.69
CA TYR B 242 15.43 3.25 44.49
C TYR B 242 16.19 3.18 45.80
N GLU B 243 15.62 3.79 46.85
CA GLU B 243 16.26 3.75 48.15
C GLU B 243 16.46 2.31 48.63
N SER B 244 15.41 1.49 48.50
CA SER B 244 15.51 0.09 48.90
CA SER B 244 15.51 0.09 48.90
C SER B 244 16.56 -0.65 48.08
N ALA B 245 16.60 -0.40 46.76
CA ALA B 245 17.60 -1.04 45.92
C ALA B 245 19.02 -0.62 46.31
N ILE B 246 19.22 0.66 46.63
CA ILE B 246 20.55 1.13 47.02
C ILE B 246 21.03 0.41 48.28
N HIS B 247 20.14 0.21 49.25
CA HIS B 247 20.54 -0.56 50.42
C HIS B 247 20.98 -1.96 50.03
N ALA B 248 20.23 -2.62 49.14
CA ALA B 248 20.59 -3.99 48.77
C ALA B 248 21.89 -4.01 47.98
N ILE B 249 22.00 -3.11 47.00
CA ILE B 249 23.20 -3.06 46.18
C ILE B 249 24.40 -2.68 47.03
N GLY B 250 24.21 -1.72 47.95
CA GLY B 250 25.32 -1.27 48.77
C GLY B 250 25.81 -2.34 49.73
N LYS B 251 24.89 -3.08 50.34
CA LYS B 251 25.32 -4.18 51.19
C LYS B 251 26.01 -5.27 50.38
N ALA B 252 25.50 -5.55 49.17
CA ALA B 252 26.14 -6.55 48.32
C ALA B 252 27.52 -6.08 47.87
N SER B 253 27.66 -4.79 47.60
CA SER B 253 28.98 -4.26 47.23
C SER B 253 30.01 -4.59 48.29
N ALA B 254 29.65 -4.49 49.58
CA ALA B 254 30.51 -4.89 50.68
C ALA B 254 31.88 -4.20 50.61
N GLY B 255 31.87 -2.93 50.25
CA GLY B 255 33.10 -2.15 50.24
C GLY B 255 33.99 -2.35 49.04
N ARG B 256 33.50 -2.98 47.97
CA ARG B 256 34.31 -3.15 46.76
C ARG B 256 34.61 -1.84 46.05
N GLY B 257 33.92 -0.75 46.40
CA GLY B 257 34.17 0.53 45.75
C GLY B 257 33.40 0.69 44.47
N ILE B 258 33.53 1.89 43.88
CA ILE B 258 32.68 2.26 42.75
C ILE B 258 33.08 1.63 41.42
N TYR B 259 34.30 1.07 41.31
CA TYR B 259 34.73 0.50 40.04
C TYR B 259 34.49 -1.00 39.96
N GLU B 260 34.98 -1.75 40.95
CA GLU B 260 34.74 -3.19 40.98
C GLU B 260 33.32 -3.50 41.44
N GLY B 261 32.80 -2.73 42.39
CA GLY B 261 31.51 -3.00 42.97
C GLY B 261 30.35 -2.51 42.13
N PRO B 262 29.16 -3.02 42.41
CA PRO B 262 27.98 -2.65 41.63
C PRO B 262 27.50 -1.23 41.94
N GLY B 263 26.72 -0.70 41.01
CA GLY B 263 26.06 0.57 41.22
C GLY B 263 24.60 0.54 40.80
N ILE B 264 23.97 1.71 40.79
CA ILE B 264 22.57 1.82 40.39
C ILE B 264 22.44 2.92 39.34
N SER B 265 21.42 2.80 38.50
CA SER B 265 21.07 3.81 37.51
C SER B 265 19.65 4.28 37.79
N ILE B 266 19.43 5.60 37.67
CA ILE B 266 18.12 6.17 37.92
C ILE B 266 17.72 7.03 36.74
N LYS B 267 16.42 7.28 36.61
CA LYS B 267 15.90 8.24 35.65
C LYS B 267 15.21 9.34 36.44
N LEU B 268 15.60 10.59 36.18
CA LEU B 268 14.97 11.70 36.89
C LEU B 268 13.47 11.77 36.63
N SER B 269 13.02 11.35 35.44
CA SER B 269 11.58 11.37 35.16
C SER B 269 10.81 10.43 36.07
N ALA B 270 11.47 9.44 36.69
CA ALA B 270 10.80 8.59 37.66
C ALA B 270 10.55 9.29 38.98
N LEU B 271 11.27 10.38 39.27
CA LEU B 271 11.27 10.96 40.60
C LEU B 271 10.39 12.19 40.71
N HIS B 272 9.71 12.58 39.64
CA HIS B 272 8.80 13.71 39.77
C HIS B 272 7.81 13.64 38.63
N PRO B 273 6.53 13.92 38.85
CA PRO B 273 5.55 13.86 37.75
C PRO B 273 5.64 15.03 36.78
N ARG B 274 6.36 16.10 37.10
CA ARG B 274 6.46 17.28 36.26
C ARG B 274 7.93 17.60 35.99
N TYR B 275 8.68 16.62 35.50
CA TYR B 275 10.10 16.80 35.23
C TYR B 275 10.25 17.43 33.86
N SER B 276 10.31 18.76 33.84
CA SER B 276 10.39 19.49 32.58
C SER B 276 10.88 20.90 32.87
N ARG B 277 11.47 21.52 31.84
CA ARG B 277 11.96 22.89 31.98
C ARG B 277 10.84 23.83 32.42
N ALA B 278 9.62 23.59 31.96
CA ALA B 278 8.53 24.48 32.30
C ALA B 278 8.28 24.50 33.79
N GLN B 279 8.62 23.40 34.49
CA GLN B 279 8.42 23.29 35.93
C GLN B 279 9.76 23.26 36.66
N ALA B 280 10.74 24.01 36.15
CA ALA B 280 12.09 23.93 36.68
C ALA B 280 12.14 24.23 38.18
N ALA B 281 11.34 25.19 38.65
CA ALA B 281 11.37 25.52 40.07
C ALA B 281 10.90 24.35 40.91
N ARG B 282 9.87 23.63 40.46
CA ARG B 282 9.44 22.44 41.19
C ARG B 282 10.47 21.34 41.11
N VAL B 283 11.15 21.22 39.97
CA VAL B 283 12.19 20.21 39.83
C VAL B 283 13.30 20.46 40.84
N MET B 284 13.78 21.70 40.93
CA MET B 284 14.86 22.00 41.86
C MET B 284 14.40 21.92 43.31
N GLY B 285 13.13 22.21 43.58
CA GLY B 285 12.64 22.25 44.95
C GLY B 285 12.21 20.89 45.47
N GLU B 286 11.74 20.02 44.57
CA GLU B 286 11.12 18.76 44.95
C GLU B 286 11.84 17.53 44.44
N LEU B 287 12.32 17.57 43.19
CA LEU B 287 13.04 16.42 42.64
C LEU B 287 14.47 16.37 43.18
N LEU B 288 15.19 17.49 43.10
CA LEU B 288 16.57 17.53 43.56
C LEU B 288 16.78 16.95 44.96
N PRO B 289 15.98 17.30 45.98
CA PRO B 289 16.21 16.70 47.30
C PRO B 289 16.10 15.18 47.32
N ARG B 290 15.27 14.60 46.46
CA ARG B 290 15.18 13.15 46.38
C ARG B 290 16.45 12.55 45.80
N VAL B 291 16.98 13.14 44.72
CA VAL B 291 18.24 12.63 44.17
C VAL B 291 19.37 12.81 45.17
N LYS B 292 19.40 13.95 45.88
CA LYS B 292 20.45 14.14 46.88
C LYS B 292 20.39 13.05 47.93
N ALA B 293 19.18 12.70 48.38
CA ALA B 293 19.04 11.67 49.41
C ALA B 293 19.54 10.32 48.91
N LEU B 294 19.19 9.96 47.68
CA LEU B 294 19.69 8.72 47.10
C LEU B 294 21.20 8.76 46.96
N ALA B 295 21.73 9.92 46.52
CA ALA B 295 23.18 10.07 46.39
C ALA B 295 23.87 9.94 47.74
N LEU B 296 23.28 10.50 48.80
CA LEU B 296 23.87 10.37 50.13
C LEU B 296 23.95 8.90 50.55
N LEU B 297 22.90 8.13 50.24
CA LEU B 297 22.94 6.69 50.54
C LEU B 297 23.99 5.98 49.70
N ALA B 298 24.06 6.30 48.41
CA ALA B 298 25.09 5.73 47.55
C ALA B 298 26.48 6.07 48.06
N LYS B 299 26.70 7.31 48.51
CA LYS B 299 28.00 7.67 49.07
C LYS B 299 28.33 6.83 50.29
N ASN B 300 27.34 6.62 51.16
CA ASN B 300 27.62 5.90 52.40
C ASN B 300 28.04 4.46 52.14
N TYR B 301 27.52 3.85 51.09
CA TYR B 301 27.92 2.51 50.70
C TYR B 301 29.09 2.52 49.72
N ASP B 302 29.49 3.70 49.26
CA ASP B 302 30.52 3.87 48.25
C ASP B 302 30.21 3.07 46.98
N ILE B 303 29.01 3.30 46.44
CA ILE B 303 28.62 2.73 45.16
C ILE B 303 28.40 3.87 44.17
N GLY B 304 28.37 3.49 42.89
CA GLY B 304 28.03 4.45 41.85
C GLY B 304 26.52 4.67 41.76
N LEU B 305 26.14 5.91 41.52
CA LEU B 305 24.75 6.26 41.24
C LEU B 305 24.75 7.06 39.96
N ASN B 306 24.13 6.51 38.91
CA ASN B 306 24.18 7.07 37.57
C ASN B 306 22.85 7.66 37.17
N ILE B 307 22.87 8.88 36.63
CA ILE B 307 21.67 9.51 36.09
C ILE B 307 21.58 9.19 34.61
N ASP B 308 20.59 8.38 34.23
CA ASP B 308 20.35 8.05 32.82
C ASP B 308 19.93 9.31 32.07
N ALA B 309 20.22 9.35 30.78
CA ALA B 309 19.83 10.47 29.93
C ALA B 309 18.55 10.15 29.16
N GLU B 310 17.67 11.14 29.05
CA GLU B 310 16.34 10.92 28.49
C GLU B 310 16.11 11.80 27.25
N GLU B 311 14.96 12.46 27.16
CA GLU B 311 14.65 13.22 25.95
C GLU B 311 15.54 14.46 25.85
N ALA B 312 15.66 14.96 24.62
CA ALA B 312 16.56 16.07 24.38
C ALA B 312 16.17 17.31 25.19
N ASP B 313 14.86 17.51 25.43
CA ASP B 313 14.43 18.70 26.16
C ASP B 313 14.61 18.59 27.67
N ARG B 314 15.22 17.51 28.16
CA ARG B 314 15.56 17.37 29.56
C ARG B 314 17.07 17.42 29.80
N LEU B 315 17.88 17.47 28.75
CA LEU B 315 19.33 17.42 28.91
C LEU B 315 19.82 18.58 29.77
N GLU B 316 19.55 19.81 29.36
CA GLU B 316 20.14 20.94 30.06
C GLU B 316 19.56 21.09 31.47
N LEU B 317 18.26 20.82 31.64
CA LEU B 317 17.69 20.82 32.98
C LEU B 317 18.45 19.88 33.90
N SER B 318 18.77 18.67 33.43
CA SER B 318 19.46 17.72 34.27
C SER B 318 20.83 18.23 34.72
N LEU B 319 21.48 19.08 33.91
CA LEU B 319 22.77 19.64 34.30
C LEU B 319 22.64 20.53 35.53
N ASP B 320 21.49 21.16 35.74
CA ASP B 320 21.32 21.98 36.93
C ASP B 320 21.29 21.14 38.19
N LEU B 321 20.78 19.91 38.10
CA LEU B 321 20.85 19.00 39.24
C LEU B 321 22.26 18.46 39.43
N LEU B 322 22.91 18.07 38.33
CA LEU B 322 24.29 17.62 38.44
C LEU B 322 25.19 18.66 39.10
N GLU B 323 25.00 19.94 38.73
CA GLU B 323 25.79 21.01 39.32
C GLU B 323 25.65 21.03 40.83
N VAL B 324 24.41 21.05 41.33
CA VAL B 324 24.18 21.12 42.77
C VAL B 324 24.77 19.91 43.47
N LEU B 325 24.57 18.72 42.89
CA LEU B 325 25.04 17.50 43.54
C LEU B 325 26.56 17.49 43.67
N CYS B 326 27.27 17.90 42.62
CA CYS B 326 28.72 17.87 42.67
C CYS B 326 29.31 18.91 43.62
N LEU B 327 28.59 19.99 43.90
CA LEU B 327 29.05 21.01 44.85
C LEU B 327 28.53 20.80 46.26
N ASP B 328 27.72 19.76 46.48
CA ASP B 328 27.13 19.51 47.80
C ASP B 328 28.17 18.88 48.71
N GLY B 329 28.58 19.61 49.75
CA GLY B 329 29.60 19.12 50.67
C GLY B 329 29.21 17.85 51.41
N ASP B 330 27.90 17.57 51.53
CA ASP B 330 27.49 16.31 52.14
C ASP B 330 27.98 15.11 51.35
N LEU B 331 28.30 15.29 50.07
CA LEU B 331 28.78 14.22 49.20
C LEU B 331 30.30 14.26 49.02
N SER B 332 31.00 15.04 49.85
CA SER B 332 32.44 15.22 49.74
C SER B 332 33.17 13.89 49.69
N GLY B 333 34.11 13.77 48.76
CA GLY B 333 34.96 12.61 48.67
C GLY B 333 34.38 11.44 47.90
N TRP B 334 33.09 11.44 47.62
CA TRP B 334 32.45 10.36 46.88
C TRP B 334 32.61 10.62 45.39
N ASN B 335 33.24 9.67 44.69
CA ASN B 335 33.43 9.79 43.26
C ASN B 335 32.44 8.95 42.47
N GLY B 336 31.33 8.57 43.08
CA GLY B 336 30.38 7.69 42.44
C GLY B 336 29.28 8.35 41.66
N MET B 337 29.22 9.67 41.64
CA MET B 337 28.19 10.35 40.87
C MET B 337 28.41 10.08 39.39
N GLY B 338 27.40 9.53 38.73
CA GLY B 338 27.48 9.17 37.33
C GLY B 338 26.44 9.90 36.48
N PHE B 339 26.79 10.13 35.22
CA PHE B 339 25.93 10.94 34.36
C PHE B 339 26.10 10.51 32.91
N VAL B 340 24.98 10.27 32.21
CA VAL B 340 24.99 9.78 30.84
C VAL B 340 24.96 10.98 29.89
N VAL B 341 25.74 10.92 28.81
CA VAL B 341 25.63 11.86 27.71
CA VAL B 341 25.63 11.86 27.71
C VAL B 341 25.43 11.06 26.43
N GLN B 342 24.57 11.57 25.55
CA GLN B 342 24.13 10.88 24.33
C GLN B 342 24.87 11.44 23.12
N ALA B 343 25.69 10.59 22.48
CA ALA B 343 26.50 11.03 21.35
C ALA B 343 25.67 11.36 20.11
N TYR B 344 24.42 10.87 20.00
CA TYR B 344 23.59 11.31 18.88
C TYR B 344 23.14 12.76 19.01
N GLY B 345 23.42 13.41 20.14
CA GLY B 345 22.99 14.77 20.37
C GLY B 345 24.05 15.77 19.93
N LYS B 346 23.58 16.84 19.30
CA LYS B 346 24.49 17.85 18.79
C LYS B 346 25.25 18.57 19.90
N ARG B 347 24.71 18.57 21.11
CA ARG B 347 25.34 19.28 22.21
C ARG B 347 26.39 18.45 22.92
N CYS B 348 26.51 17.17 22.59
CA CYS B 348 27.31 16.21 23.34
C CYS B 348 28.72 16.69 23.69
N PRO B 349 29.55 17.11 22.73
CA PRO B 349 30.90 17.56 23.11
C PRO B 349 30.90 18.77 24.03
N PHE B 350 29.93 19.67 23.86
CA PHE B 350 29.86 20.84 24.72
C PHE B 350 29.38 20.48 26.12
N VAL B 351 28.48 19.50 26.23
CA VAL B 351 28.06 18.99 27.53
C VAL B 351 29.24 18.36 28.25
N LEU B 352 30.06 17.61 27.53
CA LEU B 352 31.25 17.03 28.12
C LEU B 352 32.22 18.10 28.63
N ASP B 353 32.40 19.19 27.87
CA ASP B 353 33.25 20.28 28.33
C ASP B 353 32.72 20.85 29.64
N PHE B 354 31.39 20.99 29.75
CA PHE B 354 30.79 21.46 30.98
C PHE B 354 31.05 20.47 32.13
N ILE B 355 30.87 19.18 31.87
CA ILE B 355 31.03 18.17 32.93
C ILE B 355 32.48 18.08 33.38
N ILE B 356 33.42 18.09 32.43
CA ILE B 356 34.83 18.03 32.81
C ILE B 356 35.20 19.22 33.65
N ASP B 357 34.72 20.41 33.27
CA ASP B 357 35.01 21.60 34.06
C ASP B 357 34.35 21.52 35.44
N LEU B 358 33.12 21.03 35.50
CA LEU B 358 32.45 20.86 36.79
C LEU B 358 33.24 19.92 37.69
N ALA B 359 33.75 18.83 37.13
CA ALA B 359 34.55 17.89 37.90
C ALA B 359 35.82 18.56 38.42
N ARG B 360 36.53 19.29 37.55
CA ARG B 360 37.75 19.96 37.96
C ARG B 360 37.52 20.89 39.13
N ARG B 361 36.49 21.73 39.04
CA ARG B 361 36.29 22.73 40.08
C ARG B 361 35.66 22.17 41.34
N SER B 362 34.89 21.09 41.24
CA SER B 362 34.23 20.53 42.41
C SER B 362 35.06 19.48 43.13
N GLY B 363 36.16 19.03 42.55
CA GLY B 363 36.94 17.98 43.20
C GLY B 363 36.24 16.64 43.21
N ARG B 364 35.34 16.41 42.27
CA ARG B 364 34.64 15.14 42.13
C ARG B 364 35.09 14.51 40.82
N ARG B 365 35.50 13.25 40.87
CA ARG B 365 35.69 12.50 39.64
C ARG B 365 34.33 11.99 39.20
N ILE B 366 33.76 12.62 38.18
CA ILE B 366 32.43 12.26 37.71
C ILE B 366 32.53 11.06 36.77
N MET B 367 31.68 10.06 37.00
CA MET B 367 31.58 8.91 36.10
C MET B 367 30.69 9.29 34.93
N VAL B 368 31.20 9.21 33.71
CA VAL B 368 30.49 9.70 32.54
C VAL B 368 30.22 8.52 31.62
N ARG B 369 28.95 8.18 31.45
CA ARG B 369 28.57 7.09 30.55
C ARG B 369 28.24 7.69 29.20
N LEU B 370 29.06 7.37 28.20
CA LEU B 370 28.83 7.81 26.83
C LEU B 370 27.99 6.75 26.13
N VAL B 371 26.80 7.14 25.68
CA VAL B 371 25.91 6.27 24.94
C VAL B 371 25.64 6.93 23.60
N LYS B 372 25.05 6.17 22.69
CA LYS B 372 24.63 6.82 21.44
C LYS B 372 23.30 7.55 21.61
N GLY B 373 22.28 6.89 22.17
CA GLY B 373 21.02 7.56 22.46
C GLY B 373 19.83 6.71 22.11
N ALA B 374 18.80 6.67 22.97
CA ALA B 374 17.72 5.69 22.85
C ALA B 374 16.41 6.26 22.30
N TYR B 375 16.34 7.55 22.00
CA TYR B 375 15.08 8.20 21.68
C TYR B 375 15.03 8.76 20.27
N TRP B 376 15.84 8.21 19.34
CA TRP B 376 16.05 8.86 18.05
C TRP B 376 14.75 9.12 17.30
N ASP B 377 13.94 8.08 17.06
CA ASP B 377 12.76 8.32 16.24
CA ASP B 377 12.70 8.24 16.30
C ASP B 377 11.81 9.32 16.90
N ALA B 378 11.73 9.34 18.22
CA ALA B 378 10.85 10.30 18.89
C ALA B 378 11.39 11.71 18.77
N GLU B 379 12.71 11.86 18.75
CA GLU B 379 13.27 13.19 18.59
C GLU B 379 13.00 13.74 17.20
N ILE B 380 13.04 12.89 16.17
CA ILE B 380 12.71 13.36 14.83
C ILE B 380 11.26 13.83 14.76
N LYS B 381 10.35 12.99 15.26
CA LYS B 381 8.94 13.34 15.24
C LYS B 381 8.71 14.64 15.99
N ARG B 382 9.31 14.78 17.19
CA ARG B 382 9.02 15.94 18.03
C ARG B 382 9.44 17.23 17.35
N ALA B 383 10.65 17.27 16.80
CA ALA B 383 11.14 18.50 16.16
C ALA B 383 10.28 18.87 14.96
N GLN B 384 9.82 17.87 14.21
CA GLN B 384 8.92 18.12 13.09
C GLN B 384 7.58 18.65 13.58
N LEU B 385 6.98 18.01 14.59
CA LEU B 385 5.70 18.48 15.10
C LEU B 385 5.80 19.92 15.57
N ASP B 386 6.91 20.26 16.23
CA ASP B 386 7.06 21.57 16.85
C ASP B 386 7.59 22.61 15.87
N GLY B 387 7.89 22.24 14.64
CA GLY B 387 8.32 23.22 13.65
C GLY B 387 9.61 23.93 14.02
N LEU B 388 10.53 23.21 14.65
CA LEU B 388 11.73 23.86 15.16
C LEU B 388 12.81 23.94 14.08
N ALA B 389 13.87 24.70 14.37
CA ALA B 389 14.82 25.06 13.34
C ALA B 389 15.51 23.84 12.74
N ASP B 390 15.76 22.83 13.56
CA ASP B 390 16.49 21.64 13.13
C ASP B 390 16.25 20.60 14.22
N PHE B 391 16.85 19.42 14.03
CA PHE B 391 16.82 18.36 15.00
C PHE B 391 17.89 18.58 16.07
N PRO B 392 17.64 18.12 17.29
CA PRO B 392 18.68 18.14 18.33
C PRO B 392 19.54 16.89 18.34
N VAL B 393 19.31 16.00 17.36
CA VAL B 393 20.10 14.80 17.16
C VAL B 393 20.50 14.76 15.69
N PHE B 394 21.51 13.95 15.41
CA PHE B 394 21.91 13.71 14.03
C PHE B 394 20.84 12.88 13.32
N THR B 395 20.86 12.95 11.99
CA THR B 395 19.90 12.23 11.15
C THR B 395 20.51 11.10 10.35
N ARG B 396 21.83 10.99 10.29
CA ARG B 396 22.50 9.84 9.69
C ARG B 396 23.21 9.08 10.79
N LYS B 397 23.05 7.76 10.79
CA LYS B 397 23.62 6.94 11.86
C LYS B 397 25.13 7.09 11.95
N ILE B 398 25.81 7.19 10.80
CA ILE B 398 27.27 7.33 10.85
C ILE B 398 27.70 8.63 11.52
N HIS B 399 26.85 9.66 11.51
CA HIS B 399 27.21 10.89 12.22
C HIS B 399 27.24 10.66 13.72
N THR B 400 26.26 9.94 14.25
CA THR B 400 26.29 9.56 15.66
C THR B 400 27.54 8.76 15.98
N ASP B 401 27.94 7.85 15.08
CA ASP B 401 29.14 7.06 15.34
C ASP B 401 30.38 7.95 15.41
N VAL B 402 30.51 8.90 14.47
CA VAL B 402 31.63 9.84 14.50
C VAL B 402 31.60 10.66 15.78
N SER B 403 30.42 11.21 16.12
CA SER B 403 30.26 11.96 17.36
C SER B 403 30.74 11.16 18.56
N TYR B 404 30.37 9.88 18.63
CA TYR B 404 30.77 9.05 19.76
C TYR B 404 32.28 8.94 19.85
N ILE B 405 32.93 8.68 18.72
CA ILE B 405 34.37 8.51 18.72
C ILE B 405 35.06 9.83 19.10
N ALA B 406 34.55 10.95 18.61
CA ALA B 406 35.13 12.25 18.96
C ALA B 406 34.97 12.53 20.44
N CYS B 407 33.81 12.20 21.01
CA CYS B 407 33.58 12.45 22.43
C CYS B 407 34.38 11.50 23.30
N ALA B 408 34.62 10.27 22.82
CA ALA B 408 35.53 9.38 23.52
C ALA B 408 36.93 9.96 23.60
N ALA B 409 37.39 10.63 22.53
CA ALA B 409 38.73 11.21 22.57
C ALA B 409 38.82 12.31 23.62
N LYS B 410 37.77 13.14 23.73
CA LYS B 410 37.73 14.17 24.76
C LYS B 410 37.76 13.56 26.15
N LEU B 411 36.93 12.53 26.37
CA LEU B 411 36.86 11.90 27.69
C LEU B 411 38.20 11.29 28.07
N LEU B 412 38.83 10.56 27.13
CA LEU B 412 40.08 9.88 27.43
C LEU B 412 41.23 10.83 27.74
N ALA B 413 41.11 12.11 27.37
CA ALA B 413 42.12 13.11 27.70
C ALA B 413 41.87 13.76 29.05
N ALA B 414 40.78 13.41 29.75
CA ALA B 414 40.42 14.03 31.02
C ALA B 414 40.20 13.00 32.13
N THR B 415 40.90 11.85 32.05
CA THR B 415 40.65 10.76 32.98
C THR B 415 41.06 11.08 34.42
N ASP B 416 41.83 12.15 34.64
CA ASP B 416 42.13 12.53 36.02
C ASP B 416 40.88 13.03 36.73
N VAL B 417 39.98 13.69 36.01
CA VAL B 417 38.79 14.26 36.63
C VAL B 417 37.49 13.60 36.22
N VAL B 418 37.47 12.75 35.20
CA VAL B 418 36.27 11.99 34.85
C VAL B 418 36.64 10.54 34.60
N PHE B 419 35.67 9.65 34.85
CA PHE B 419 35.82 8.21 34.62
C PHE B 419 34.97 7.83 33.43
N PRO B 420 35.55 7.65 32.25
CA PRO B 420 34.75 7.38 31.06
C PRO B 420 34.21 5.95 31.06
N GLN B 421 32.93 5.83 30.70
CA GLN B 421 32.25 4.53 30.63
C GLN B 421 31.63 4.44 29.25
N PHE B 422 32.19 3.57 28.41
CA PHE B 422 31.81 3.54 26.99
C PHE B 422 30.75 2.46 26.78
N ALA B 423 29.50 2.90 26.75
CA ALA B 423 28.35 2.00 26.64
C ALA B 423 28.02 1.79 25.16
N THR B 424 28.35 0.61 24.65
CA THR B 424 28.04 0.35 23.25
C THR B 424 28.14 -1.15 22.97
N HIS B 425 27.31 -1.63 22.05
CA HIS B 425 27.36 -3.00 21.56
C HIS B 425 28.04 -3.09 20.20
N ASN B 426 28.59 -1.99 19.71
CA ASN B 426 29.18 -1.91 18.37
C ASN B 426 30.67 -2.24 18.47
N ALA B 427 31.07 -3.37 17.88
CA ALA B 427 32.45 -3.84 17.98
C ALA B 427 33.41 -2.90 17.26
N GLN B 428 32.96 -2.24 16.19
CA GLN B 428 33.82 -1.27 15.52
C GLN B 428 34.06 -0.06 16.42
N THR B 429 33.00 0.46 17.06
CA THR B 429 33.16 1.55 18.02
C THR B 429 34.09 1.14 19.15
N LEU B 430 33.84 -0.04 19.73
CA LEU B 430 34.64 -0.52 20.86
C LEU B 430 36.11 -0.60 20.49
N ALA B 431 36.41 -1.23 19.35
CA ALA B 431 37.79 -1.41 18.92
C ALA B 431 38.50 -0.07 18.74
N ALA B 432 37.80 0.92 18.13
CA ALA B 432 38.40 2.23 17.92
C ALA B 432 38.81 2.86 19.24
N ILE B 433 37.94 2.78 20.25
CA ILE B 433 38.27 3.38 21.54
C ILE B 433 39.30 2.55 22.28
N TYR B 434 39.26 1.23 22.15
CA TYR B 434 40.23 0.38 22.83
C TYR B 434 41.65 0.75 22.43
N HIS B 435 41.87 1.02 21.14
CA HIS B 435 43.20 1.41 20.69
C HIS B 435 43.48 2.89 20.97
N MET B 436 42.45 3.74 20.86
CA MET B 436 42.60 5.16 21.15
C MET B 436 43.14 5.38 22.57
N ALA B 437 42.71 4.55 23.52
CA ALA B 437 43.10 4.75 24.91
C ALA B 437 44.57 4.41 25.18
N GLY B 438 45.21 3.65 24.29
CA GLY B 438 46.62 3.36 24.45
C GLY B 438 46.87 2.08 25.23
N LYS B 439 48.14 1.88 25.56
CA LYS B 439 48.56 0.64 26.22
C LYS B 439 48.51 0.72 27.74
N ASP B 440 48.59 1.92 28.31
CA ASP B 440 48.63 2.05 29.76
C ASP B 440 47.21 1.97 30.30
N PHE B 441 46.95 0.99 31.16
CA PHE B 441 45.62 0.82 31.72
C PHE B 441 45.70 0.37 33.18
N HIS B 442 44.80 0.93 33.99
CA HIS B 442 44.51 0.45 35.33
C HIS B 442 43.01 0.50 35.52
N VAL B 443 42.47 -0.43 36.31
CA VAL B 443 41.06 -0.35 36.65
C VAL B 443 40.81 0.98 37.35
N GLY B 444 39.80 1.70 36.89
CA GLY B 444 39.54 3.05 37.34
C GLY B 444 39.91 4.10 36.32
N LYS B 445 40.70 3.73 35.30
CA LYS B 445 40.99 4.66 34.21
C LYS B 445 39.74 4.91 33.38
N TYR B 446 39.22 3.86 32.75
CA TYR B 446 37.95 3.91 32.04
C TYR B 446 37.36 2.51 32.05
N GLU B 447 36.13 2.38 31.56
CA GLU B 447 35.54 1.05 31.40
C GLU B 447 34.61 1.06 30.20
N PHE B 448 34.25 -0.14 29.75
CA PHE B 448 33.14 -0.32 28.82
C PHE B 448 31.88 -0.66 29.59
N GLN B 449 30.73 -0.57 28.91
CA GLN B 449 29.46 -0.95 29.49
C GLN B 449 28.58 -1.61 28.42
N CYS B 450 27.70 -2.49 28.87
CA CYS B 450 26.78 -3.16 27.95
C CYS B 450 25.48 -3.47 28.67
N LEU B 451 24.51 -3.93 27.90
CA LEU B 451 23.19 -4.26 28.42
C LEU B 451 23.11 -5.74 28.73
N HIS B 452 22.49 -6.06 29.87
CA HIS B 452 22.29 -7.45 30.24
C HIS B 452 21.59 -8.21 29.13
N GLY B 453 22.06 -9.43 28.89
CA GLY B 453 21.39 -10.33 27.96
C GLY B 453 21.43 -9.86 26.53
N MET B 454 22.43 -9.07 26.18
CA MET B 454 22.54 -8.48 24.86
C MET B 454 24.00 -8.28 24.55
N GLY B 455 24.73 -7.71 25.52
CA GLY B 455 26.13 -7.38 25.34
C GLY B 455 27.13 -8.43 25.75
N GLU B 456 26.70 -9.47 26.47
CA GLU B 456 27.64 -10.48 26.94
C GLU B 456 28.44 -11.15 25.83
N PRO B 457 27.83 -11.60 24.72
CA PRO B 457 28.63 -12.22 23.66
C PRO B 457 29.81 -11.37 23.20
N LEU B 458 29.62 -10.06 23.06
CA LEU B 458 30.74 -9.19 22.68
C LEU B 458 31.73 -9.06 23.82
N TYR B 459 31.26 -8.74 25.03
CA TYR B 459 32.18 -8.39 26.10
C TYR B 459 32.86 -9.58 26.75
N GLU B 460 32.36 -10.79 26.51
CA GLU B 460 33.14 -11.95 26.93
C GLU B 460 34.38 -12.13 26.07
N GLU B 461 34.48 -11.38 24.97
CA GLU B 461 35.68 -11.27 24.16
C GLU B 461 36.56 -10.08 24.54
N VAL B 462 36.24 -9.41 25.64
CA VAL B 462 36.90 -8.17 26.04
C VAL B 462 37.42 -8.28 27.45
N VAL B 463 36.57 -8.74 28.37
CA VAL B 463 36.93 -8.83 29.77
C VAL B 463 37.86 -10.01 29.99
N GLY B 464 38.92 -9.80 30.78
CA GLY B 464 39.78 -10.88 31.20
C GLY B 464 41.20 -10.76 30.71
N ARG B 465 42.12 -11.46 31.39
CA ARG B 465 43.52 -11.46 30.95
C ARG B 465 43.68 -12.15 29.61
N GLY B 466 42.82 -13.12 29.30
CA GLY B 466 42.85 -13.82 28.04
C GLY B 466 42.20 -13.09 26.87
N LYS B 467 41.62 -11.92 27.10
CA LYS B 467 40.98 -11.16 26.03
C LYS B 467 41.68 -9.81 25.93
N LEU B 468 40.95 -8.69 26.05
CA LEU B 468 41.54 -7.37 25.97
C LEU B 468 41.89 -6.80 27.34
N ASP B 469 41.51 -7.48 28.41
CA ASP B 469 41.83 -7.05 29.78
C ASP B 469 41.26 -5.66 30.06
N ARG B 470 40.01 -5.46 29.63
CA ARG B 470 39.29 -4.22 29.86
C ARG B 470 37.96 -4.55 30.52
N PRO B 471 37.58 -3.83 31.57
CA PRO B 471 36.36 -4.19 32.30
C PRO B 471 35.10 -3.75 31.56
N CYS B 472 34.00 -4.37 31.94
CA CYS B 472 32.70 -4.02 31.39
C CYS B 472 31.66 -4.05 32.48
N ARG B 473 30.89 -2.97 32.60
CA ARG B 473 29.76 -2.89 33.52
C ARG B 473 28.48 -3.26 32.79
N ILE B 474 27.77 -4.24 33.34
CA ILE B 474 26.51 -4.71 32.76
C ILE B 474 25.37 -3.89 33.34
N TYR B 475 24.61 -3.23 32.45
CA TYR B 475 23.39 -2.52 32.80
C TYR B 475 22.28 -3.55 32.93
N ALA B 476 21.78 -3.74 34.16
CA ALA B 476 20.96 -4.90 34.49
C ALA B 476 19.54 -4.49 34.87
N PRO B 477 18.56 -4.67 34.00
CA PRO B 477 17.18 -4.33 34.38
C PRO B 477 16.68 -5.30 35.44
N VAL B 478 15.88 -4.76 36.35
CA VAL B 478 15.32 -5.54 37.45
C VAL B 478 13.83 -5.20 37.52
N GLY B 479 12.98 -6.20 37.43
CA GLY B 479 11.57 -5.92 37.53
C GLY B 479 10.71 -7.09 37.13
N THR B 480 9.41 -6.91 37.40
CA THR B 480 8.35 -7.84 37.06
C THR B 480 8.08 -7.81 35.56
N HIS B 481 7.28 -8.79 35.11
CA HIS B 481 6.87 -8.83 33.72
C HIS B 481 6.15 -7.54 33.30
N GLU B 482 5.24 -7.06 34.16
CA GLU B 482 4.48 -5.87 33.80
C GLU B 482 5.38 -4.67 33.61
N THR B 483 6.41 -4.53 34.44
CA THR B 483 7.27 -3.36 34.35
C THR B 483 8.24 -3.46 33.19
N LEU B 484 8.74 -4.66 32.88
CA LEU B 484 9.67 -4.78 31.76
C LEU B 484 8.95 -4.57 30.43
N LEU B 485 7.69 -4.98 30.33
CA LEU B 485 6.97 -4.83 29.09
C LEU B 485 6.62 -3.38 28.78
N ALA B 486 6.59 -2.50 29.80
CA ALA B 486 6.07 -1.15 29.62
C ALA B 486 6.82 -0.38 28.55
N TYR B 487 8.15 -0.42 28.59
CA TYR B 487 8.96 0.27 27.59
C TYR B 487 9.97 -0.68 26.94
N LEU B 488 9.60 -1.97 26.83
CA LEU B 488 10.48 -2.93 26.18
C LEU B 488 10.70 -2.59 24.71
N VAL B 489 9.68 -2.02 24.05
CA VAL B 489 9.80 -1.72 22.62
C VAL B 489 10.98 -0.78 22.36
N ARG B 490 11.05 0.33 23.11
CA ARG B 490 12.18 1.24 22.94
C ARG B 490 13.50 0.53 23.22
N ARG B 491 13.52 -0.30 24.26
CA ARG B 491 14.71 -1.09 24.58
C ARG B 491 15.09 -2.02 23.43
N LEU B 492 14.10 -2.70 22.85
CA LEU B 492 14.38 -3.60 21.73
C LEU B 492 14.87 -2.84 20.50
N LEU B 493 14.31 -1.64 20.25
CA LEU B 493 14.75 -0.85 19.11
C LEU B 493 16.19 -0.40 19.22
N GLU B 494 16.70 -0.25 20.45
CA GLU B 494 18.10 0.16 20.64
C GLU B 494 19.04 -0.69 19.81
N ASN B 495 18.84 -2.01 19.83
CA ASN B 495 19.69 -2.95 19.14
C ASN B 495 18.99 -3.74 18.05
N GLY B 496 17.68 -3.58 17.90
CA GLY B 496 16.93 -4.36 16.93
C GLY B 496 16.51 -3.57 15.70
N ALA B 497 16.83 -2.28 15.67
CA ALA B 497 16.58 -1.48 14.48
C ALA B 497 17.38 -2.02 13.30
N ASN B 498 16.94 -1.64 12.09
CA ASN B 498 17.61 -2.11 10.88
C ASN B 498 19.09 -1.73 10.88
N SER B 499 19.39 -0.48 11.21
CA SER B 499 20.76 0.03 11.16
C SER B 499 21.56 -0.29 12.42
N SER B 500 20.96 -0.96 13.41
CA SER B 500 21.68 -1.30 14.62
C SER B 500 22.77 -2.32 14.33
N PHE B 501 23.90 -2.20 15.05
CA PHE B 501 25.01 -3.13 14.87
C PHE B 501 24.60 -4.55 15.22
N VAL B 502 23.79 -4.72 16.27
CA VAL B 502 23.40 -6.05 16.70
C VAL B 502 22.54 -6.74 15.64
N HIS B 503 21.60 -6.02 15.04
CA HIS B 503 20.78 -6.61 13.99
C HIS B 503 21.60 -6.86 12.73
N ARG B 504 22.56 -5.97 12.43
CA ARG B 504 23.36 -6.13 11.22
C ARG B 504 24.28 -7.35 11.31
N ILE B 505 24.80 -7.62 12.50
CA ILE B 505 25.72 -8.74 12.63
C ILE B 505 25.00 -10.07 12.51
N ASN B 506 23.69 -10.10 12.71
CA ASN B 506 22.87 -11.28 12.52
C ASN B 506 22.29 -11.37 11.10
N ASP B 507 22.65 -10.45 10.22
CA ASP B 507 22.20 -10.50 8.84
C ASP B 507 23.34 -11.04 7.98
N PRO B 508 23.16 -12.19 7.32
CA PRO B 508 24.25 -12.74 6.49
C PRO B 508 24.53 -11.94 5.23
N LYS B 509 23.69 -10.96 4.89
CA LYS B 509 23.97 -10.13 3.73
C LYS B 509 25.08 -9.12 4.01
N VAL B 510 25.27 -8.75 5.28
CA VAL B 510 26.29 -7.78 5.64
C VAL B 510 27.63 -8.50 5.80
N SER B 511 28.68 -7.92 5.26
CA SER B 511 30.01 -8.51 5.32
C SER B 511 30.76 -8.03 6.55
N ILE B 512 31.80 -8.77 6.92
CA ILE B 512 32.66 -8.32 8.02
C ILE B 512 33.39 -7.05 7.63
N ASP B 513 33.76 -6.90 6.36
CA ASP B 513 34.34 -5.65 5.87
C ASP B 513 33.38 -4.49 6.05
N GLU B 514 32.08 -4.72 5.80
CA GLU B 514 31.08 -3.68 6.00
C GLU B 514 30.98 -3.26 7.46
N LEU B 515 31.05 -4.23 8.38
CA LEU B 515 30.87 -3.93 9.79
C LEU B 515 32.09 -3.29 10.43
N ILE B 516 33.28 -3.44 9.82
CA ILE B 516 34.50 -2.82 10.32
C ILE B 516 34.82 -1.52 9.58
N ALA B 517 33.93 -1.08 8.68
CA ALA B 517 34.10 0.20 8.02
C ALA B 517 34.22 1.31 9.05
N ASP B 518 35.19 2.20 8.85
CA ASP B 518 35.46 3.31 9.76
C ASP B 518 34.48 4.43 9.43
N PRO B 519 33.50 4.69 10.30
CA PRO B 519 32.54 5.77 9.99
C PRO B 519 33.21 7.12 9.84
N VAL B 520 34.35 7.33 10.50
CA VAL B 520 35.04 8.60 10.39
C VAL B 520 35.51 8.83 8.96
N GLU B 521 36.04 7.80 8.32
CA GLU B 521 36.52 7.96 6.95
C GLU B 521 35.38 7.99 5.94
N VAL B 522 34.28 7.29 6.21
CA VAL B 522 33.11 7.39 5.35
C VAL B 522 32.58 8.82 5.35
N VAL B 523 32.42 9.39 6.55
CA VAL B 523 31.95 10.77 6.66
C VAL B 523 32.91 11.72 5.96
N ARG B 524 34.22 11.55 6.21
CA ARG B 524 35.23 12.47 5.69
C ARG B 524 35.16 12.56 4.17
N ALA B 525 34.75 11.49 3.49
CA ALA B 525 34.81 11.41 2.04
C ALA B 525 33.45 11.61 1.38
N MET B 526 32.43 11.99 2.13
CA MET B 526 31.15 12.34 1.54
C MET B 526 31.28 13.65 0.77
N PRO B 527 30.48 13.86 -0.28
CA PRO B 527 30.60 15.11 -1.05
C PRO B 527 30.35 16.35 -0.22
N VAL B 528 29.33 16.33 0.64
CA VAL B 528 29.06 17.39 1.59
C VAL B 528 29.15 16.76 2.97
N VAL B 529 30.20 17.11 3.72
CA VAL B 529 30.39 16.54 5.04
C VAL B 529 29.23 16.93 5.96
N GLY B 530 28.62 15.92 6.59
CA GLY B 530 27.57 16.16 7.56
C GLY B 530 26.23 16.52 6.97
N ALA B 531 25.97 16.22 5.71
CA ALA B 531 24.65 16.49 5.15
C ALA B 531 23.57 15.73 5.89
N LYS B 532 22.43 16.37 6.06
CA LYS B 532 21.24 15.73 6.61
C LYS B 532 20.86 14.53 5.77
N HIS B 533 20.29 13.52 6.42
CA HIS B 533 19.74 12.38 5.71
C HIS B 533 18.81 12.85 4.60
N ASP B 534 18.99 12.28 3.40
CA ASP B 534 18.19 12.66 2.25
C ASP B 534 16.71 12.36 2.41
N ARG B 535 16.34 11.43 3.29
CA ARG B 535 14.95 11.01 3.39
C ARG B 535 14.27 11.47 4.67
N ILE B 536 14.86 12.43 5.39
CA ILE B 536 14.25 13.01 6.58
C ILE B 536 14.13 14.51 6.35
N ALA B 537 12.89 15.01 6.39
CA ALA B 537 12.65 16.42 6.10
C ALA B 537 12.97 17.26 7.33
N LEU B 538 13.67 18.37 7.13
CA LEU B 538 13.70 19.39 8.17
C LEU B 538 12.27 19.82 8.46
N PRO B 539 11.98 20.22 9.70
CA PRO B 539 10.61 20.64 10.02
C PRO B 539 10.07 21.67 9.04
N ALA B 540 10.89 22.63 8.64
CA ALA B 540 10.42 23.67 7.72
C ALA B 540 10.02 23.07 6.38
N GLU B 541 10.52 21.88 6.04
CA GLU B 541 10.38 21.34 4.70
C GLU B 541 9.39 20.18 4.63
N LEU B 542 8.53 20.04 5.65
CA LEU B 542 7.59 18.92 5.69
C LEU B 542 6.71 18.85 4.46
N PHE B 543 6.41 19.98 3.85
CA PHE B 543 5.49 20.02 2.71
C PHE B 543 6.21 20.19 1.39
N GLY B 544 7.54 20.08 1.40
CA GLY B 544 8.29 20.13 0.14
C GLY B 544 8.05 21.43 -0.61
N ASP B 545 7.87 21.30 -1.93
CA ASP B 545 7.74 22.48 -2.78
C ASP B 545 6.39 23.18 -2.63
N ALA B 546 5.42 22.56 -1.95
CA ALA B 546 4.09 23.16 -1.89
C ALA B 546 4.09 24.46 -1.10
N ARG B 547 4.76 24.47 0.05
CA ARG B 547 4.76 25.61 0.93
C ARG B 547 5.74 25.37 2.06
N THR B 548 6.11 26.46 2.72
CA THR B 548 7.03 26.40 3.84
C THR B 548 6.22 26.22 5.12
N ASN B 549 6.58 25.22 5.91
CA ASN B 549 5.93 25.00 7.19
C ASN B 549 6.19 26.18 8.13
N SER B 550 5.17 26.54 8.92
CA SER B 550 5.41 27.53 9.96
C SER B 550 6.45 27.02 10.95
N ALA B 551 7.18 27.96 11.57
CA ALA B 551 8.17 27.62 12.57
C ALA B 551 7.65 27.97 13.96
N GLY B 552 7.95 27.11 14.92
CA GLY B 552 7.63 27.36 16.31
C GLY B 552 8.82 27.94 17.06
N LEU B 553 8.74 27.83 18.39
CA LEU B 553 9.77 28.34 19.28
C LEU B 553 10.01 27.26 20.33
N ASP B 554 11.27 27.06 20.68
CA ASP B 554 11.66 25.97 21.60
C ASP B 554 11.69 26.53 23.02
N LEU B 555 10.65 26.20 23.79
CA LEU B 555 10.57 26.69 25.16
C LEU B 555 11.47 25.90 26.13
N SER B 556 12.34 25.02 25.63
CA SER B 556 13.39 24.42 26.45
C SER B 556 14.74 25.05 26.18
N ASN B 557 14.82 26.01 25.26
CA ASN B 557 16.08 26.65 24.89
C ASN B 557 16.22 27.96 25.66
N GLU B 558 17.26 28.04 26.50
CA GLU B 558 17.44 29.22 27.35
C GLU B 558 17.62 30.49 26.55
N GLU B 559 18.29 30.42 25.39
CA GLU B 559 18.39 31.63 24.56
C GLU B 559 17.01 32.07 24.12
N THR B 560 16.20 31.12 23.64
CA THR B 560 14.84 31.44 23.25
C THR B 560 14.05 32.00 24.41
N LEU B 561 14.15 31.37 25.59
CA LEU B 561 13.39 31.87 26.72
C LEU B 561 13.80 33.27 27.11
N ALA B 562 15.09 33.57 27.04
CA ALA B 562 15.55 34.90 27.42
C ALA B 562 15.11 35.96 26.41
N SER B 563 15.21 35.65 25.11
CA SER B 563 14.77 36.63 24.11
C SER B 563 13.26 36.77 24.12
N LEU B 564 12.54 35.66 24.31
CA LEU B 564 11.08 35.74 24.41
C LEU B 564 10.66 36.58 25.61
N THR B 565 11.30 36.37 26.76
CA THR B 565 11.01 37.19 27.94
C THR B 565 11.07 38.68 27.60
N GLU B 566 12.15 39.09 26.92
CA GLU B 566 12.30 40.52 26.60
C GLU B 566 11.22 40.98 25.64
N ALA B 567 10.93 40.18 24.61
CA ALA B 567 9.93 40.60 23.62
C ALA B 567 8.54 40.62 24.24
N LEU B 568 8.25 39.69 25.15
CA LEU B 568 6.94 39.68 25.79
C LEU B 568 6.77 40.90 26.69
N ARG B 569 7.80 41.21 27.49
CA ARG B 569 7.77 42.42 28.31
C ARG B 569 7.57 43.65 27.44
N GLU B 570 8.31 43.74 26.32
CA GLU B 570 8.20 44.90 25.45
C GLU B 570 6.80 45.01 24.86
N SER B 571 6.18 43.87 24.54
CA SER B 571 4.85 43.87 23.97
C SER B 571 3.83 44.43 24.93
N ALA B 572 4.03 44.22 26.23
CA ALA B 572 3.09 44.76 27.20
C ALA B 572 3.20 46.27 27.34
N ALA B 573 4.33 46.86 26.95
CA ALA B 573 4.50 48.31 27.02
C ALA B 573 3.91 49.05 25.82
N MET B 574 3.49 48.33 24.78
CA MET B 574 2.94 48.97 23.61
C MET B 574 1.48 49.35 23.84
N LYS B 575 1.05 50.41 23.16
CA LYS B 575 -0.35 50.84 23.20
C LYS B 575 -1.12 50.04 22.16
N TRP B 576 -1.90 49.06 22.62
CA TRP B 576 -2.68 48.19 21.76
C TRP B 576 -4.11 48.73 21.63
N THR B 577 -4.54 48.94 20.40
CA THR B 577 -5.87 49.45 20.11
C THR B 577 -6.52 48.62 19.01
N ALA B 578 -7.84 48.69 18.98
CA ALA B 578 -8.64 48.13 17.89
C ALA B 578 -9.72 49.15 17.60
N LEU B 579 -9.84 49.55 16.34
CA LEU B 579 -10.78 50.57 15.91
C LEU B 579 -11.62 50.01 14.78
N PRO B 580 -12.78 50.63 14.51
CA PRO B 580 -13.47 50.33 13.26
C PRO B 580 -12.66 50.88 12.11
N GLN B 581 -11.91 50.02 11.44
CA GLN B 581 -11.03 50.42 10.35
C GLN B 581 -11.80 50.26 9.05
N LEU B 582 -12.44 51.34 8.61
CA LEU B 582 -13.12 51.34 7.33
C LEU B 582 -12.14 51.74 6.22
N ALA B 583 -12.60 51.62 4.97
CA ALA B 583 -11.72 51.91 3.84
C ALA B 583 -11.23 53.34 3.87
N THR B 584 -12.07 54.25 4.36
CA THR B 584 -11.77 55.68 4.43
C THR B 584 -11.00 56.07 5.69
N GLY B 585 -10.69 55.12 6.56
CA GLY B 585 -9.97 55.41 7.78
C GLY B 585 -10.75 54.93 8.99
N PRO B 586 -10.18 55.09 10.18
CA PRO B 586 -10.87 54.63 11.39
C PRO B 586 -12.06 55.52 11.71
N ALA B 587 -13.15 54.90 12.13
CA ALA B 587 -14.35 55.61 12.52
C ALA B 587 -14.43 55.77 14.03
N ALA B 588 -15.15 56.81 14.46
CA ALA B 588 -15.44 57.03 15.86
C ALA B 588 -16.44 55.98 16.36
N GLY B 589 -16.42 55.75 17.67
CA GLY B 589 -17.38 54.82 18.26
C GLY B 589 -17.21 54.80 19.77
N GLU B 590 -17.96 53.90 20.40
CA GLU B 590 -17.87 53.72 21.84
C GLU B 590 -16.58 52.97 22.19
N THR B 591 -15.82 53.51 23.12
CA THR B 591 -14.51 52.97 23.47
C THR B 591 -14.51 52.44 24.90
N ARG B 592 -13.87 51.27 25.08
CA ARG B 592 -13.76 50.65 26.38
C ARG B 592 -12.44 49.89 26.45
N THR B 593 -12.08 49.48 27.66
CA THR B 593 -10.83 48.76 27.88
C THR B 593 -11.01 47.28 27.61
N VAL B 594 -9.91 46.63 27.28
CA VAL B 594 -9.83 45.20 27.10
C VAL B 594 -8.95 44.68 28.23
N LEU B 595 -9.48 43.72 29.00
CA LEU B 595 -8.84 43.28 30.23
C LEU B 595 -8.36 41.85 30.09
N ASN B 596 -7.29 41.53 30.80
CA ASN B 596 -6.74 40.19 30.82
C ASN B 596 -7.72 39.29 31.55
N PRO B 597 -8.24 38.22 30.93
CA PRO B 597 -9.20 37.36 31.65
C PRO B 597 -8.59 36.70 32.87
N GLY B 598 -7.27 36.58 32.93
CA GLY B 598 -6.61 35.98 34.07
C GLY B 598 -6.33 36.93 35.20
N ASP B 599 -6.54 38.23 34.97
CA ASP B 599 -6.34 39.25 35.98
C ASP B 599 -6.92 40.54 35.44
N HIS B 600 -8.13 40.90 35.88
CA HIS B 600 -8.81 42.07 35.32
C HIS B 600 -8.10 43.39 35.63
N ARG B 601 -7.10 43.38 36.51
CA ARG B 601 -6.32 44.59 36.76
C ARG B 601 -5.34 44.89 35.63
N ASP B 602 -5.06 43.90 34.78
CA ASP B 602 -4.11 44.04 33.69
C ASP B 602 -4.89 44.52 32.47
N VAL B 603 -4.79 45.81 32.18
CA VAL B 603 -5.45 46.41 31.03
C VAL B 603 -4.57 46.14 29.81
N VAL B 604 -5.08 45.35 28.88
CA VAL B 604 -4.29 44.98 27.71
C VAL B 604 -4.33 46.08 26.66
N GLY B 605 -5.47 46.75 26.52
CA GLY B 605 -5.60 47.75 25.47
C GLY B 605 -6.98 48.34 25.47
N SER B 606 -7.31 48.99 24.36
CA SER B 606 -8.56 49.73 24.23
CA SER B 606 -8.55 49.73 24.21
C SER B 606 -9.19 49.37 22.89
N VAL B 607 -10.51 49.18 22.90
CA VAL B 607 -11.26 48.88 21.68
C VAL B 607 -12.32 49.95 21.46
N THR B 608 -12.43 50.40 20.23
CA THR B 608 -13.51 51.30 19.83
C THR B 608 -14.41 50.47 18.93
N GLU B 609 -15.67 50.33 19.32
CA GLU B 609 -16.58 49.40 18.68
C GLU B 609 -17.43 50.10 17.62
N THR B 610 -17.89 49.30 16.66
CA THR B 610 -18.46 49.81 15.42
C THR B 610 -19.96 50.06 15.61
N SER B 611 -20.41 51.24 15.19
CA SER B 611 -21.85 51.46 15.15
C SER B 611 -22.47 50.60 14.05
N GLU B 612 -23.74 50.25 14.23
CA GLU B 612 -24.42 49.46 13.20
C GLU B 612 -24.46 50.21 11.87
N GLU B 613 -24.61 51.54 11.91
CA GLU B 613 -24.57 52.32 10.68
C GLU B 613 -23.20 52.22 10.01
N ASP B 614 -22.12 52.26 10.78
CA ASP B 614 -20.80 52.13 10.17
C ASP B 614 -20.53 50.72 9.66
N ALA B 615 -21.13 49.71 10.29
CA ALA B 615 -21.05 48.36 9.75
C ALA B 615 -21.65 48.30 8.35
N ARG B 616 -22.84 48.90 8.19
CA ARG B 616 -23.47 48.95 6.88
C ARG B 616 -22.64 49.77 5.88
N ARG B 617 -22.09 50.90 6.35
CA ARG B 617 -21.24 51.70 5.47
C ARG B 617 -20.04 50.89 4.99
N ALA B 618 -19.47 50.08 5.88
CA ALA B 618 -18.31 49.29 5.49
C ALA B 618 -18.66 48.29 4.38
N VAL B 619 -19.83 47.66 4.47
CA VAL B 619 -20.23 46.72 3.43
C VAL B 619 -20.39 47.45 2.11
N ARG B 620 -20.94 48.65 2.14
CA ARG B 620 -21.06 49.43 0.90
C ARG B 620 -19.69 49.76 0.33
N LEU B 621 -18.73 50.12 1.19
CA LEU B 621 -17.37 50.40 0.72
C LEU B 621 -16.71 49.16 0.16
N ALA B 622 -16.98 48.00 0.77
CA ALA B 622 -16.46 46.75 0.23
C ALA B 622 -17.04 46.47 -1.15
N ALA B 623 -18.36 46.70 -1.32
CA ALA B 623 -18.97 46.45 -2.62
C ALA B 623 -18.38 47.36 -3.69
N ASP B 624 -18.17 48.63 -3.36
CA ASP B 624 -17.59 49.56 -4.32
C ASP B 624 -16.22 49.13 -4.77
N ALA B 625 -15.45 48.51 -3.88
CA ALA B 625 -14.09 48.12 -4.18
C ALA B 625 -13.98 46.67 -4.64
N ALA B 626 -15.06 45.91 -4.63
CA ALA B 626 -14.99 44.51 -5.05
C ALA B 626 -14.36 44.31 -6.43
N PRO B 627 -14.73 45.06 -7.48
CA PRO B 627 -14.10 44.80 -8.79
C PRO B 627 -12.59 45.01 -8.78
N ASP B 628 -12.09 46.02 -8.08
CA ASP B 628 -10.65 46.28 -8.09
C ASP B 628 -9.88 45.14 -7.44
N TRP B 629 -10.41 44.58 -6.34
CA TRP B 629 -9.72 43.48 -5.69
C TRP B 629 -9.82 42.19 -6.51
N ALA B 630 -10.99 41.93 -7.10
CA ALA B 630 -11.13 40.77 -7.98
C ALA B 630 -10.13 40.81 -9.12
N ALA B 631 -9.78 42.01 -9.58
CA ALA B 631 -8.89 42.17 -10.72
C ALA B 631 -7.42 41.97 -10.36
N VAL B 632 -7.08 41.90 -9.07
CA VAL B 632 -5.72 41.52 -8.70
C VAL B 632 -5.54 40.04 -9.00
N PRO B 633 -4.54 39.65 -9.78
CA PRO B 633 -4.42 38.25 -10.20
C PRO B 633 -4.32 37.32 -9.01
N PRO B 634 -4.90 36.13 -9.09
CA PRO B 634 -4.84 35.20 -7.94
C PRO B 634 -3.44 34.98 -7.42
N SER B 635 -2.44 34.89 -8.30
CA SER B 635 -1.07 34.68 -7.83
C SER B 635 -0.59 35.86 -6.99
N GLU B 636 -1.02 37.08 -7.34
CA GLU B 636 -0.62 38.26 -6.57
C GLU B 636 -1.39 38.35 -5.26
N ARG B 637 -2.68 38.00 -5.27
CA ARG B 637 -3.40 37.90 -4.01
C ARG B 637 -2.74 36.87 -3.10
N ALA B 638 -2.31 35.74 -3.67
CA ALA B 638 -1.63 34.73 -2.87
C ALA B 638 -0.29 35.24 -2.35
N ALA B 639 0.41 36.07 -3.14
CA ALA B 639 1.65 36.67 -2.68
C ALA B 639 1.43 37.58 -1.48
N CYS B 640 0.26 38.25 -1.40
CA CYS B 640 -0.08 39.03 -0.21
C CYS B 640 -0.19 38.13 1.01
N LEU B 641 -0.87 36.98 0.87
CA LEU B 641 -0.97 36.06 1.99
C LEU B 641 0.40 35.57 2.42
N ASP B 642 1.26 35.24 1.45
CA ASP B 642 2.59 34.74 1.80
C ASP B 642 3.39 35.82 2.51
N ARG B 643 3.26 37.08 2.08
CA ARG B 643 3.96 38.17 2.77
C ARG B 643 3.44 38.34 4.18
N ALA B 644 2.12 38.24 4.37
CA ALA B 644 1.58 38.33 5.71
C ALA B 644 2.11 37.21 6.60
N ALA B 645 2.25 36.00 6.04
CA ALA B 645 2.80 34.90 6.81
C ALA B 645 4.22 35.17 7.27
N GLU B 646 5.05 35.76 6.39
CA GLU B 646 6.41 36.11 6.78
C GLU B 646 6.41 37.11 7.93
N LEU B 647 5.50 38.09 7.87
CA LEU B 647 5.45 39.08 8.95
C LEU B 647 4.99 38.44 10.26
N MET B 648 3.97 37.58 10.21
CA MET B 648 3.53 36.93 11.44
C MET B 648 4.62 36.03 12.01
N GLN B 649 5.40 35.38 11.15
CA GLN B 649 6.50 34.56 11.64
C GLN B 649 7.55 35.42 12.34
N ALA B 650 7.92 36.52 11.71
CA ALA B 650 8.95 37.39 12.28
C ALA B 650 8.47 38.07 13.55
N ARG B 651 7.17 38.34 13.65
CA ARG B 651 6.60 39.05 14.78
C ARG B 651 5.93 38.13 15.77
N MET B 652 6.15 36.82 15.62
CA MET B 652 5.55 35.85 16.54
C MET B 652 5.73 36.20 18.01
N PRO B 653 6.93 36.58 18.50
CA PRO B 653 7.05 36.88 19.94
C PRO B 653 6.09 37.94 20.41
N THR B 654 5.92 39.00 19.63
CA THR B 654 4.99 40.06 20.01
C THR B 654 3.54 39.57 19.93
N LEU B 655 3.19 38.84 18.87
CA LEU B 655 1.83 38.32 18.77
C LEU B 655 1.53 37.38 19.93
N LEU B 656 2.51 36.58 20.36
CA LEU B 656 2.34 35.71 21.52
C LEU B 656 1.92 36.50 22.73
N GLY B 657 2.65 37.58 23.03
CA GLY B 657 2.37 38.36 24.22
C GLY B 657 0.95 38.88 24.23
N LEU B 658 0.46 39.32 23.07
CA LEU B 658 -0.91 39.80 22.99
C LEU B 658 -1.91 38.66 23.19
N ILE B 659 -1.67 37.50 22.58
CA ILE B 659 -2.59 36.37 22.70
C ILE B 659 -2.64 35.86 24.12
N ILE B 660 -1.48 35.81 24.78
CA ILE B 660 -1.42 35.35 26.17
C ILE B 660 -2.28 36.25 27.06
N ARG B 661 -2.16 37.57 26.91
CA ARG B 661 -2.80 38.51 27.83
C ARG B 661 -4.25 38.81 27.45
N GLU B 662 -4.57 38.89 26.15
CA GLU B 662 -5.95 39.20 25.78
C GLU B 662 -6.84 37.97 25.83
N ALA B 663 -6.34 36.83 25.41
CA ALA B 663 -7.18 35.65 25.29
C ALA B 663 -6.96 34.64 26.40
N GLY B 664 -6.04 34.91 27.32
CA GLY B 664 -5.78 34.01 28.43
C GLY B 664 -5.07 32.72 28.08
N LYS B 665 -4.25 32.71 27.03
CA LYS B 665 -3.61 31.49 26.58
C LYS B 665 -2.22 31.33 27.17
N SER B 666 -1.79 30.09 27.28
CA SER B 666 -0.39 29.84 27.65
C SER B 666 0.51 30.15 26.47
N ALA B 667 1.81 30.34 26.76
CA ALA B 667 2.78 30.57 25.70
C ALA B 667 2.79 29.43 24.70
N LEU B 668 2.68 28.19 25.18
CA LEU B 668 2.70 27.04 24.29
C LEU B 668 1.53 27.08 23.32
N ASN B 669 0.35 27.41 23.83
CA ASN B 669 -0.82 27.46 22.95
C ASN B 669 -0.77 28.68 22.05
N ALA B 670 -0.21 29.80 22.54
CA ALA B 670 -0.13 30.99 21.72
C ALA B 670 0.82 30.76 20.54
N ILE B 671 1.93 30.05 20.78
CA ILE B 671 2.83 29.70 19.68
C ILE B 671 2.08 28.89 18.63
N ALA B 672 1.37 27.85 19.07
CA ALA B 672 0.64 27.02 18.12
C ALA B 672 -0.41 27.84 17.38
N GLU B 673 -1.01 28.83 18.04
CA GLU B 673 -2.01 29.63 17.37
C GLU B 673 -1.41 30.48 16.27
N VAL B 674 -0.28 31.15 16.57
CA VAL B 674 0.40 31.92 15.54
C VAL B 674 0.84 31.02 14.39
N ARG B 675 1.37 29.83 14.71
CA ARG B 675 1.77 28.90 13.65
C ARG B 675 0.57 28.56 12.76
N GLU B 676 -0.58 28.32 13.37
CA GLU B 676 -1.76 27.97 12.60
C GLU B 676 -2.18 29.11 11.69
N ALA B 677 -2.09 30.36 12.17
CA ALA B 677 -2.41 31.49 11.29
C ALA B 677 -1.46 31.55 10.10
N ILE B 678 -0.15 31.35 10.35
CA ILE B 678 0.83 31.32 9.27
C ILE B 678 0.50 30.20 8.29
N ASP B 679 0.17 29.02 8.82
CA ASP B 679 -0.14 27.88 7.95
C ASP B 679 -1.39 28.13 7.11
N PHE B 680 -2.43 28.76 7.69
CA PHE B 680 -3.59 29.09 6.88
C PHE B 680 -3.20 29.99 5.72
N LEU B 681 -2.43 31.05 6.02
CA LEU B 681 -2.02 31.98 4.97
C LEU B 681 -1.29 31.25 3.86
N ARG B 682 -0.30 30.43 4.22
CA ARG B 682 0.50 29.78 3.21
C ARG B 682 -0.26 28.68 2.50
N TYR B 683 -1.15 27.98 3.22
CA TYR B 683 -1.92 26.92 2.59
C TYR B 683 -2.91 27.50 1.59
N TYR B 684 -3.67 28.53 2.00
CA TYR B 684 -4.63 29.08 1.05
C TYR B 684 -3.92 29.76 -0.12
N ALA B 685 -2.72 30.31 0.12
CA ALA B 685 -1.94 30.86 -0.98
C ALA B 685 -1.60 29.79 -1.99
N GLU B 686 -1.10 28.65 -1.51
CA GLU B 686 -0.71 27.59 -2.43
C GLU B 686 -1.93 26.98 -3.12
N GLN B 687 -3.00 26.74 -2.37
CA GLN B 687 -4.21 26.20 -2.99
C GLN B 687 -4.71 27.13 -4.08
N THR B 688 -4.60 28.46 -3.86
CA THR B 688 -4.96 29.42 -4.91
C THR B 688 -4.08 29.23 -6.14
N ARG B 689 -2.76 29.16 -5.95
CA ARG B 689 -1.85 28.99 -7.08
C ARG B 689 -2.11 27.70 -7.84
N ARG B 690 -2.68 26.68 -7.18
CA ARG B 690 -2.98 25.41 -7.82
CA ARG B 690 -2.97 25.42 -7.83
C ARG B 690 -4.30 25.44 -8.57
N THR B 691 -5.20 26.38 -8.29
CA THR B 691 -6.55 26.27 -8.80
C THR B 691 -7.16 27.48 -9.50
N LEU B 692 -7.03 28.68 -8.96
CA LEU B 692 -7.92 29.75 -9.39
C LEU B 692 -7.53 30.36 -10.74
N GLY B 693 -8.51 30.43 -11.63
CA GLY B 693 -8.35 31.00 -12.94
C GLY B 693 -9.43 32.01 -13.21
N PRO B 694 -9.46 32.53 -14.44
CA PRO B 694 -10.39 33.64 -14.73
C PRO B 694 -11.86 33.28 -14.59
N GLY B 695 -12.24 32.02 -14.78
CA GLY B 695 -13.61 31.60 -14.65
C GLY B 695 -14.08 31.30 -13.23
N HIS B 696 -13.23 31.48 -12.22
CA HIS B 696 -13.63 31.26 -10.84
C HIS B 696 -13.83 32.63 -10.19
N GLY B 697 -14.95 33.25 -10.54
CA GLY B 697 -15.25 34.59 -10.08
C GLY B 697 -15.57 34.65 -8.60
N PRO B 698 -15.23 35.76 -7.96
CA PRO B 698 -15.52 35.90 -6.53
C PRO B 698 -17.00 36.11 -6.28
N LEU B 699 -17.39 35.87 -5.02
CA LEU B 699 -18.77 36.12 -4.62
C LEU B 699 -19.04 37.61 -4.49
N GLY B 700 -18.09 38.36 -3.95
CA GLY B 700 -18.33 39.73 -3.53
C GLY B 700 -17.97 39.90 -2.07
N PRO B 701 -18.43 40.97 -1.44
CA PRO B 701 -18.12 41.20 -0.02
C PRO B 701 -18.48 40.00 0.85
N ILE B 702 -17.50 39.53 1.61
CA ILE B 702 -17.70 38.42 2.53
CA ILE B 702 -17.68 38.41 2.53
C ILE B 702 -17.55 38.92 3.95
N VAL B 703 -18.51 38.58 4.78
CA VAL B 703 -18.51 38.92 6.19
C VAL B 703 -17.88 37.73 6.92
N CYS B 704 -16.79 38.00 7.65
CA CYS B 704 -16.09 36.95 8.38
C CYS B 704 -16.27 37.24 9.86
N ILE B 705 -16.98 36.34 10.54
CA ILE B 705 -17.30 36.47 11.95
C ILE B 705 -16.59 35.36 12.69
N SER B 706 -15.80 35.72 13.69
CA SER B 706 -14.86 34.79 14.31
C SER B 706 -15.03 34.74 15.82
N PRO B 707 -14.58 33.67 16.44
CA PRO B 707 -14.76 33.49 17.88
C PRO B 707 -13.54 33.99 18.66
N TRP B 708 -13.69 34.03 19.98
CA TRP B 708 -12.61 34.52 20.84
C TRP B 708 -11.59 33.45 21.19
N ASN B 709 -11.86 32.18 20.90
CA ASN B 709 -11.01 31.11 21.43
C ASN B 709 -9.82 30.80 20.56
N PHE B 710 -9.90 31.11 19.27
CA PHE B 710 -8.74 31.12 18.38
C PHE B 710 -8.73 32.47 17.70
N PRO B 711 -8.41 33.51 18.47
CA PRO B 711 -8.67 34.89 18.04
C PRO B 711 -7.72 35.38 16.96
N LEU B 712 -6.62 34.68 16.71
CA LEU B 712 -5.79 34.95 15.55
C LEU B 712 -5.91 33.89 14.46
N ALA B 713 -5.90 32.60 14.82
CA ALA B 713 -5.81 31.57 13.79
C ALA B 713 -7.10 31.47 12.98
N ILE B 714 -8.24 31.32 13.65
CA ILE B 714 -9.48 31.20 12.88
C ILE B 714 -9.86 32.53 12.26
N PHE B 715 -9.60 33.62 12.97
CA PHE B 715 -9.78 34.96 12.41
C PHE B 715 -9.00 35.09 11.10
N THR B 716 -7.73 34.71 11.12
CA THR B 716 -6.89 34.85 9.93
C THR B 716 -7.32 33.87 8.84
N GLY B 717 -7.62 32.63 9.21
CA GLY B 717 -7.98 31.62 8.23
C GLY B 717 -9.16 32.02 7.39
N GLN B 718 -10.26 32.45 8.02
CA GLN B 718 -11.44 32.81 7.24
C GLN B 718 -11.14 33.99 6.34
N ILE B 719 -10.50 35.03 6.90
CA ILE B 719 -10.24 36.24 6.13
C ILE B 719 -9.32 35.95 4.97
N ALA B 720 -8.26 35.18 5.23
CA ALA B 720 -7.28 34.90 4.18
C ALA B 720 -7.92 34.15 3.02
N ALA B 721 -8.76 33.17 3.34
CA ALA B 721 -9.41 32.39 2.28
C ALA B 721 -10.33 33.27 1.46
N ALA B 722 -11.15 34.07 2.13
CA ALA B 722 -12.06 34.96 1.40
C ALA B 722 -11.27 35.93 0.51
N LEU B 723 -10.23 36.54 1.06
CA LEU B 723 -9.43 37.52 0.31
C LEU B 723 -8.79 36.87 -0.89
N VAL B 724 -8.17 35.70 -0.69
CA VAL B 724 -7.39 35.16 -1.79
C VAL B 724 -8.30 34.63 -2.90
N ALA B 725 -9.54 34.28 -2.55
CA ALA B 725 -10.53 33.91 -3.55
C ALA B 725 -11.05 35.12 -4.30
N GLY B 726 -10.59 36.32 -3.96
CA GLY B 726 -10.92 37.53 -4.69
C GLY B 726 -12.04 38.35 -4.11
N ASN B 727 -12.40 38.13 -2.83
CA ASN B 727 -13.49 38.81 -2.17
C ASN B 727 -12.97 39.85 -1.20
N PRO B 728 -13.49 41.07 -1.20
CA PRO B 728 -13.19 41.98 -0.09
C PRO B 728 -13.90 41.48 1.16
N VAL B 729 -13.31 41.78 2.31
CA VAL B 729 -13.71 41.16 3.57
C VAL B 729 -14.11 42.22 4.57
N LEU B 730 -15.20 41.96 5.29
CA LEU B 730 -15.60 42.70 6.48
C LEU B 730 -15.31 41.76 7.65
N ALA B 731 -14.34 42.13 8.49
CA ALA B 731 -13.86 41.24 9.53
C ALA B 731 -14.44 41.70 10.86
N LYS B 732 -15.29 40.86 11.45
CA LYS B 732 -15.94 41.15 12.72
C LYS B 732 -15.40 40.19 13.76
N PRO B 733 -14.42 40.59 14.56
CA PRO B 733 -13.86 39.67 15.57
C PRO B 733 -14.76 39.63 16.79
N ALA B 734 -14.57 38.57 17.57
CA ALA B 734 -15.29 38.43 18.83
C ALA B 734 -15.09 39.67 19.70
N GLU B 735 -16.14 40.03 20.44
CA GLU B 735 -16.07 41.20 21.30
C GLU B 735 -14.98 41.06 22.36
N GLU B 736 -14.65 39.83 22.77
CA GLU B 736 -13.67 39.60 23.82
C GLU B 736 -12.24 39.80 23.35
N THR B 737 -11.94 39.66 22.06
CA THR B 737 -10.56 39.57 21.57
C THR B 737 -10.33 40.46 20.35
N PRO B 738 -10.61 41.75 20.45
CA PRO B 738 -10.44 42.62 19.26
C PRO B 738 -9.00 43.02 19.01
N LEU B 739 -8.13 43.00 20.02
CA LEU B 739 -6.80 43.57 19.82
C LEU B 739 -5.94 42.71 18.90
N ILE B 740 -5.95 41.38 19.12
CA ILE B 740 -5.18 40.51 18.24
C ILE B 740 -5.73 40.55 16.82
N ALA B 741 -7.05 40.69 16.69
CA ALA B 741 -7.66 40.82 15.37
C ALA B 741 -7.18 42.07 14.67
N ALA B 742 -7.17 43.20 15.39
CA ALA B 742 -6.67 44.46 14.83
C ALA B 742 -5.24 44.29 14.34
N GLU B 743 -4.42 43.58 15.12
CA GLU B 743 -3.03 43.34 14.70
C GLU B 743 -2.97 42.47 13.46
N GLY B 744 -3.83 41.45 13.37
CA GLY B 744 -3.89 40.65 12.17
C GLY B 744 -4.23 41.49 10.94
N VAL B 745 -5.17 42.42 11.10
CA VAL B 745 -5.51 43.29 9.97
C VAL B 745 -4.35 44.23 9.65
N ARG B 746 -3.65 44.77 10.65
CA ARG B 746 -2.47 45.60 10.36
C ARG B 746 -1.48 44.82 9.51
N ILE B 747 -1.26 43.56 9.84
CA ILE B 747 -0.26 42.76 9.15
C ILE B 747 -0.71 42.45 7.73
N LEU B 748 -1.97 42.08 7.54
CA LEU B 748 -2.46 41.82 6.19
CA LEU B 748 -2.44 41.81 6.19
C LEU B 748 -2.41 43.08 5.33
N ARG B 749 -2.75 44.23 5.90
CA ARG B 749 -2.65 45.46 5.13
C ARG B 749 -1.20 45.78 4.79
N GLU B 750 -0.29 45.58 5.75
CA GLU B 750 1.12 45.82 5.49
C GLU B 750 1.62 44.92 4.37
N ALA B 751 1.09 43.70 4.29
CA ALA B 751 1.47 42.70 3.30
C ALA B 751 0.90 42.98 1.93
N GLY B 752 0.01 43.98 1.78
CA GLY B 752 -0.49 44.36 0.48
C GLY B 752 -1.98 44.32 0.32
N ILE B 753 -2.76 43.88 1.31
CA ILE B 753 -4.20 43.86 1.14
C ILE B 753 -4.70 45.30 1.25
N PRO B 754 -5.38 45.84 0.24
CA PRO B 754 -5.83 47.23 0.31
C PRO B 754 -6.82 47.45 1.43
N ALA B 755 -6.84 48.68 1.96
CA ALA B 755 -7.78 49.01 3.02
C ALA B 755 -9.22 48.74 2.60
N SER B 756 -9.55 49.00 1.34
CA SER B 756 -10.92 48.75 0.89
C SER B 756 -11.23 47.27 0.80
N ALA B 757 -10.22 46.41 0.72
CA ALA B 757 -10.45 44.98 0.65
C ALA B 757 -10.52 44.30 2.01
N LEU B 758 -10.12 44.99 3.08
CA LEU B 758 -10.11 44.36 4.40
C LEU B 758 -10.38 45.45 5.44
N GLN B 759 -11.59 45.46 5.97
CA GLN B 759 -12.03 46.40 6.98
C GLN B 759 -12.30 45.64 8.27
N LEU B 760 -11.92 46.22 9.40
CA LEU B 760 -12.12 45.63 10.72
C LEU B 760 -13.27 46.33 11.42
N LEU B 761 -14.26 45.56 11.86
CA LEU B 761 -15.42 46.11 12.57
C LEU B 761 -15.50 45.44 13.94
N PRO B 762 -14.80 45.96 14.95
CA PRO B 762 -14.95 45.40 16.29
C PRO B 762 -16.35 45.63 16.83
N GLY B 763 -16.75 44.77 17.75
CA GLY B 763 -18.02 44.94 18.43
C GLY B 763 -18.65 43.60 18.76
N ASP B 764 -19.89 43.67 19.23
CA ASP B 764 -20.60 42.49 19.70
C ASP B 764 -21.41 41.88 18.57
N GLY B 765 -22.34 40.98 18.93
CA GLY B 765 -23.09 40.27 17.92
C GLY B 765 -24.04 41.15 17.13
N ARG B 766 -24.41 42.32 17.67
CA ARG B 766 -25.23 43.26 16.90
C ARG B 766 -24.44 43.79 15.70
N VAL B 767 -23.14 43.96 15.87
CA VAL B 767 -22.29 44.35 14.75
C VAL B 767 -22.23 43.23 13.72
N GLY B 768 -22.04 41.99 14.18
CA GLY B 768 -22.10 40.87 13.26
C GLY B 768 -23.43 40.79 12.53
N ALA B 769 -24.53 40.96 13.26
CA ALA B 769 -25.85 40.85 12.62
C ALA B 769 -26.05 41.95 11.57
N ALA B 770 -25.61 43.17 11.87
CA ALA B 770 -25.75 44.26 10.90
C ALA B 770 -24.96 43.96 9.63
N LEU B 771 -23.78 43.37 9.77
CA LEU B 771 -23.00 43.02 8.58
C LEU B 771 -23.69 41.94 7.77
N VAL B 772 -24.21 40.91 8.45
CA VAL B 772 -24.86 39.79 7.76
C VAL B 772 -26.08 40.27 6.98
N ALA B 773 -26.85 41.19 7.56
CA ALA B 773 -28.09 41.68 6.98
C ALA B 773 -27.88 42.70 5.87
N ALA B 774 -26.68 43.24 5.73
CA ALA B 774 -26.43 44.29 4.74
C ALA B 774 -26.71 43.79 3.33
N ALA B 775 -27.23 44.69 2.49
CA ALA B 775 -27.73 44.32 1.18
C ALA B 775 -26.63 43.73 0.29
N GLU B 776 -25.41 44.24 0.41
CA GLU B 776 -24.31 43.85 -0.47
C GLU B 776 -23.52 42.64 0.01
N THR B 777 -23.85 42.08 1.16
CA THR B 777 -23.12 40.93 1.68
C THR B 777 -23.40 39.75 0.76
N ALA B 778 -22.32 39.13 0.25
CA ALA B 778 -22.39 38.06 -0.75
C ALA B 778 -22.01 36.71 -0.18
N GLY B 779 -21.62 36.65 1.08
CA GLY B 779 -21.27 35.38 1.72
C GLY B 779 -20.88 35.65 3.15
N VAL B 780 -21.00 34.62 3.98
CA VAL B 780 -20.68 34.72 5.39
C VAL B 780 -19.83 33.53 5.81
N MET B 781 -18.73 33.80 6.49
CA MET B 781 -17.91 32.75 7.08
C MET B 781 -17.99 32.94 8.57
N PHE B 782 -18.54 31.95 9.26
CA PHE B 782 -18.85 32.04 10.67
C PHE B 782 -18.24 30.87 11.42
N THR B 783 -17.60 31.17 12.55
CA THR B 783 -17.19 30.16 13.51
C THR B 783 -17.63 30.58 14.90
N GLY B 784 -18.38 29.72 15.58
CA GLY B 784 -19.00 30.10 16.83
C GLY B 784 -20.05 29.08 17.23
N SER B 785 -21.05 29.55 17.96
CA SER B 785 -22.07 28.65 18.49
C SER B 785 -23.07 28.24 17.41
N THR B 786 -23.67 27.07 17.61
CA THR B 786 -24.74 26.64 16.72
C THR B 786 -25.91 27.60 16.76
N GLU B 787 -26.26 28.09 17.95
CA GLU B 787 -27.41 28.99 18.07
C GLU B 787 -27.22 30.24 17.21
N VAL B 788 -26.01 30.82 17.22
CA VAL B 788 -25.80 32.02 16.43
C VAL B 788 -25.76 31.68 14.94
N ALA B 789 -25.13 30.56 14.59
CA ALA B 789 -25.10 30.18 13.18
C ALA B 789 -26.52 30.06 12.64
N ARG B 790 -27.44 29.51 13.43
CA ARG B 790 -28.80 29.38 12.96
C ARG B 790 -29.45 30.74 12.74
N LEU B 791 -29.15 31.71 13.61
CA LEU B 791 -29.68 33.06 13.43
C LEU B 791 -29.15 33.68 12.14
N ILE B 792 -27.87 33.48 11.85
CA ILE B 792 -27.28 34.01 10.62
C ILE B 792 -27.91 33.34 9.41
N GLN B 793 -28.05 32.02 9.46
CA GLN B 793 -28.67 31.29 8.36
C GLN B 793 -30.07 31.83 8.07
N ALA B 794 -30.86 32.08 9.11
CA ALA B 794 -32.20 32.61 8.91
C ALA B 794 -32.16 33.98 8.25
N GLN B 795 -31.24 34.85 8.67
CA GLN B 795 -31.16 36.17 8.08
C GLN B 795 -30.77 36.10 6.62
N LEU B 796 -29.80 35.23 6.28
CA LEU B 796 -29.34 35.13 4.90
C LEU B 796 -30.42 34.59 3.98
N ALA B 797 -31.27 33.70 4.48
CA ALA B 797 -32.27 33.07 3.64
C ALA B 797 -33.35 34.03 3.20
N ASP B 798 -33.42 35.22 3.78
CA ASP B 798 -34.37 36.22 3.31
C ASP B 798 -33.93 36.87 2.00
N ARG B 799 -32.67 36.71 1.58
CA ARG B 799 -32.15 37.41 0.42
C ARG B 799 -31.58 36.40 -0.56
N LEU B 800 -31.31 36.88 -1.77
CA LEU B 800 -30.62 36.12 -2.80
C LEU B 800 -29.44 36.93 -3.32
N SER B 801 -28.46 36.23 -3.87
CA SER B 801 -27.33 36.89 -4.50
C SER B 801 -27.81 37.62 -5.76
N PRO B 802 -27.01 38.55 -6.29
CA PRO B 802 -27.42 39.24 -7.52
C PRO B 802 -27.77 38.30 -8.67
N ALA B 803 -27.18 37.11 -8.71
CA ALA B 803 -27.53 36.10 -9.69
C ALA B 803 -28.74 35.27 -9.28
N GLY B 804 -29.40 35.60 -8.17
CA GLY B 804 -30.57 34.87 -7.74
C GLY B 804 -30.29 33.52 -7.11
N ARG B 805 -29.20 33.39 -6.38
CA ARG B 805 -28.79 32.14 -5.74
C ARG B 805 -28.63 32.37 -4.24
N PRO B 806 -28.72 31.32 -3.43
CA PRO B 806 -28.55 31.49 -1.99
C PRO B 806 -27.17 32.04 -1.67
N ILE B 807 -27.14 32.96 -0.70
CA ILE B 807 -25.88 33.51 -0.18
C ILE B 807 -25.16 32.41 0.58
N PRO B 808 -23.91 32.09 0.25
CA PRO B 808 -23.23 30.98 0.91
C PRO B 808 -22.92 31.30 2.36
N LEU B 809 -23.08 30.30 3.22
CA LEU B 809 -22.68 30.38 4.61
C LEU B 809 -21.77 29.19 4.88
N ILE B 810 -20.56 29.46 5.38
CA ILE B 810 -19.70 28.42 5.95
C ILE B 810 -19.77 28.62 7.44
N ALA B 811 -20.28 27.62 8.16
CA ALA B 811 -20.50 27.76 9.59
C ALA B 811 -19.87 26.56 10.27
N GLU B 812 -18.84 26.79 11.08
CA GLU B 812 -18.22 25.75 11.93
CA GLU B 812 -18.27 25.74 11.90
C GLU B 812 -18.64 26.01 13.36
N THR B 813 -19.29 25.02 13.97
CA THR B 813 -20.03 25.27 15.19
C THR B 813 -19.76 24.26 16.31
N GLY B 814 -18.54 23.76 16.44
CA GLY B 814 -18.27 23.07 17.70
C GLY B 814 -18.83 21.66 17.79
N GLY B 815 -18.76 21.10 18.99
CA GLY B 815 -18.93 19.65 19.08
C GLY B 815 -19.28 19.19 20.47
N GLN B 816 -19.43 17.87 20.59
CA GLN B 816 -19.64 17.19 21.86
C GLN B 816 -18.71 15.98 21.84
N ASN B 817 -17.40 16.24 21.93
CA ASN B 817 -16.40 15.31 21.42
C ASN B 817 -16.06 14.22 22.41
N ALA B 818 -16.04 12.99 21.93
CA ALA B 818 -15.79 11.81 22.74
C ALA B 818 -14.45 11.19 22.43
N MET B 819 -13.90 10.50 23.43
CA MET B 819 -12.77 9.61 23.23
C MET B 819 -13.14 8.28 23.84
N ILE B 820 -13.00 7.21 23.07
CA ILE B 820 -13.27 5.85 23.54
C ILE B 820 -11.94 5.18 23.82
N VAL B 821 -11.82 4.58 25.00
CA VAL B 821 -10.61 3.91 25.45
C VAL B 821 -11.01 2.48 25.81
N ASP B 822 -10.32 1.50 25.22
CA ASP B 822 -10.55 0.12 25.62
C ASP B 822 -9.43 -0.38 26.55
N SER B 823 -9.53 -1.65 26.95
CA SER B 823 -8.61 -2.20 27.93
C SER B 823 -7.22 -2.49 27.35
N SER B 824 -7.03 -2.34 26.04
CA SER B 824 -5.70 -2.53 25.47
C SER B 824 -4.88 -1.25 25.47
N ALA B 825 -5.51 -0.10 25.68
CA ALA B 825 -4.82 1.18 25.64
C ALA B 825 -3.82 1.29 26.79
N LEU B 826 -2.77 2.07 26.58
CA LEU B 826 -1.75 2.31 27.59
C LEU B 826 -2.18 3.48 28.45
N ALA B 827 -2.39 3.22 29.76
CA ALA B 827 -3.03 4.20 30.63
C ALA B 827 -2.28 5.52 30.64
N GLU B 828 -0.94 5.47 30.76
CA GLU B 828 -0.14 6.70 30.78
C GLU B 828 -0.39 7.53 29.52
N GLN B 829 -0.49 6.87 28.37
CA GLN B 829 -0.71 7.59 27.12
C GLN B 829 -2.09 8.22 27.10
N VAL B 830 -3.11 7.43 27.50
CA VAL B 830 -4.47 7.93 27.59
C VAL B 830 -4.51 9.16 28.47
N VAL B 831 -3.92 9.06 29.66
CA VAL B 831 -4.01 10.16 30.63
C VAL B 831 -3.37 11.42 30.07
N GLY B 832 -2.17 11.29 29.48
CA GLY B 832 -1.55 12.44 28.87
C GLY B 832 -2.42 13.06 27.80
N ASP B 833 -3.05 12.23 26.97
CA ASP B 833 -3.87 12.77 25.89
C ASP B 833 -5.20 13.31 26.39
N VAL B 834 -5.71 12.79 27.51
CA VAL B 834 -6.94 13.33 28.07
C VAL B 834 -6.67 14.69 28.69
N ILE B 835 -5.59 14.79 29.46
CA ILE B 835 -5.23 16.04 30.11
C ILE B 835 -5.09 17.16 29.08
N THR B 836 -4.37 16.87 27.99
CA THR B 836 -4.25 17.84 26.90
CA THR B 836 -4.26 17.87 26.92
C THR B 836 -5.62 18.12 26.27
N SER B 837 -6.31 17.07 25.83
CA SER B 837 -7.53 17.26 25.06
C SER B 837 -8.63 17.95 25.86
N ALA B 838 -8.79 17.59 27.13
CA ALA B 838 -9.89 18.13 27.90
C ALA B 838 -9.59 19.48 28.55
N PHE B 839 -8.33 19.74 28.93
CA PHE B 839 -8.04 20.85 29.81
C PHE B 839 -7.10 21.89 29.24
N ASP B 840 -6.32 21.56 28.21
CA ASP B 840 -5.55 22.57 27.48
C ASP B 840 -6.50 23.69 27.07
N SER B 841 -6.03 24.93 27.22
CA SER B 841 -6.83 26.10 26.89
C SER B 841 -8.11 26.17 27.74
N ALA B 842 -8.06 25.58 28.93
CA ALA B 842 -9.21 25.53 29.83
C ALA B 842 -10.43 24.93 29.13
N GLY B 843 -10.17 23.96 28.26
CA GLY B 843 -11.26 23.31 27.53
C GLY B 843 -11.98 24.20 26.56
N GLN B 844 -11.38 25.34 26.19
CA GLN B 844 -12.03 26.31 25.32
C GLN B 844 -11.64 26.13 23.86
N ARG B 845 -11.45 24.90 23.43
CA ARG B 845 -11.28 24.57 22.02
C ARG B 845 -12.56 23.86 21.59
N CYS B 846 -13.03 24.16 20.37
CA CYS B 846 -14.18 23.44 19.85
C CYS B 846 -13.90 21.95 19.77
N SER B 847 -12.62 21.58 19.63
CA SER B 847 -12.16 20.21 19.50
C SER B 847 -11.97 19.52 20.84
N ALA B 848 -12.17 20.22 21.95
CA ALA B 848 -11.81 19.69 23.26
C ALA B 848 -12.57 18.41 23.57
N LEU B 849 -11.91 17.53 24.32
CA LEU B 849 -12.55 16.30 24.78
C LEU B 849 -13.61 16.60 25.83
N ARG B 850 -14.86 16.22 25.54
CA ARG B 850 -15.97 16.47 26.46
C ARG B 850 -16.45 15.22 27.19
N VAL B 851 -16.31 14.05 26.57
CA VAL B 851 -16.81 12.80 27.14
C VAL B 851 -15.74 11.73 26.95
N LEU B 852 -15.14 11.30 28.05
CA LEU B 852 -14.19 10.19 28.07
C LEU B 852 -14.96 8.91 28.36
N CYS B 853 -14.87 7.93 27.46
CA CYS B 853 -15.59 6.66 27.57
C CYS B 853 -14.57 5.56 27.87
N LEU B 854 -14.64 5.00 29.07
CA LEU B 854 -13.63 4.06 29.54
C LEU B 854 -14.23 2.66 29.66
N GLN B 855 -13.55 1.67 29.08
CA GLN B 855 -13.99 0.29 29.26
C GLN B 855 -14.02 -0.03 30.74
N GLU B 856 -15.11 -0.69 31.19
CA GLU B 856 -15.38 -0.88 32.61
C GLU B 856 -14.19 -1.45 33.36
N ASP B 857 -13.48 -2.41 32.76
CA ASP B 857 -12.40 -3.13 33.44
C ASP B 857 -11.20 -2.25 33.75
N VAL B 858 -11.00 -1.15 33.04
CA VAL B 858 -9.86 -0.27 33.25
C VAL B 858 -10.26 1.10 33.78
N ALA B 859 -11.56 1.36 33.97
CA ALA B 859 -12.01 2.72 34.27
C ALA B 859 -11.41 3.25 35.57
N ASP B 860 -11.45 2.45 36.64
CA ASP B 860 -10.98 2.93 37.93
C ASP B 860 -9.50 3.26 37.91
N ARG B 861 -8.68 2.40 37.32
CA ARG B 861 -7.24 2.65 37.31
C ARG B 861 -6.89 3.88 36.47
N ILE B 862 -7.50 4.04 35.31
CA ILE B 862 -7.26 5.25 34.52
C ILE B 862 -7.75 6.49 35.26
N LEU B 863 -8.92 6.41 35.90
CA LEU B 863 -9.42 7.58 36.62
C LEU B 863 -8.49 7.98 37.76
N THR B 864 -7.97 7.00 38.50
CA THR B 864 -7.01 7.31 39.57
C THR B 864 -5.78 8.03 39.01
N MET B 865 -5.26 7.53 37.89
CA MET B 865 -4.09 8.14 37.28
C MET B 865 -4.42 9.53 36.76
N LEU B 866 -5.57 9.69 36.13
CA LEU B 866 -5.98 11.00 35.62
C LEU B 866 -6.11 12.01 36.76
N LYS B 867 -6.75 11.61 37.87
CA LYS B 867 -6.88 12.52 38.99
C LYS B 867 -5.52 12.88 39.57
N GLY B 868 -4.62 11.90 39.67
CA GLY B 868 -3.28 12.20 40.12
C GLY B 868 -2.55 13.16 39.21
N ALA B 869 -2.71 12.99 37.90
CA ALA B 869 -2.08 13.91 36.96
C ALA B 869 -2.71 15.30 37.04
N LEU B 870 -4.03 15.36 37.26
CA LEU B 870 -4.70 16.66 37.34
C LEU B 870 -4.17 17.49 38.50
N HIS B 871 -3.82 16.85 39.60
CA HIS B 871 -3.35 17.60 40.76
C HIS B 871 -1.97 18.20 40.56
N GLU B 872 -1.26 17.82 39.50
CA GLU B 872 0.04 18.40 39.20
C GLU B 872 -0.04 19.59 38.26
N LEU B 873 -1.23 19.98 37.83
CA LEU B 873 -1.37 21.12 36.92
C LEU B 873 -1.35 22.43 37.68
N HIS B 874 -0.79 23.45 37.04
CA HIS B 874 -0.73 24.79 37.60
C HIS B 874 -1.73 25.67 36.85
N ILE B 875 -2.72 26.18 37.56
CA ILE B 875 -3.75 27.05 37.01
C ILE B 875 -3.47 28.48 37.45
N GLY B 876 -3.41 29.40 36.50
CA GLY B 876 -3.18 30.79 36.87
C GLY B 876 -3.07 31.69 35.67
N ARG B 877 -2.67 32.93 35.96
CA ARG B 877 -2.43 33.93 34.92
C ARG B 877 -1.32 33.42 34.02
N THR B 878 -1.54 33.50 32.71
CA THR B 878 -0.76 32.71 31.76
C THR B 878 0.55 33.36 31.33
N ASP B 879 1.00 34.43 32.00
CA ASP B 879 2.28 35.04 31.65
C ASP B 879 3.46 34.43 32.40
N ARG B 880 3.34 33.17 32.81
CA ARG B 880 4.44 32.40 33.35
C ARG B 880 4.49 31.06 32.62
N LEU B 881 5.70 30.64 32.27
CA LEU B 881 5.90 29.36 31.58
C LEU B 881 5.37 28.18 32.39
N SER B 882 5.37 28.30 33.72
CA SER B 882 4.95 27.20 34.58
C SER B 882 3.45 27.00 34.61
N VAL B 883 2.67 27.90 34.02
CA VAL B 883 1.22 27.77 34.05
C VAL B 883 0.78 26.81 32.94
N ASP B 884 -0.04 25.83 33.31
CA ASP B 884 -0.58 24.82 32.41
C ASP B 884 -1.97 25.17 31.90
N VAL B 885 -2.82 25.74 32.75
CA VAL B 885 -4.22 26.01 32.43
C VAL B 885 -4.52 27.45 32.83
N GLY B 886 -4.97 28.24 31.86
CA GLY B 886 -5.34 29.61 32.08
C GLY B 886 -6.80 29.79 32.42
N PRO B 887 -7.25 31.03 32.37
CA PRO B 887 -8.63 31.37 32.76
C PRO B 887 -9.61 31.05 31.63
N VAL B 888 -10.89 31.05 32.00
CA VAL B 888 -11.95 31.11 30.99
C VAL B 888 -12.16 32.58 30.60
N ILE B 889 -12.79 32.77 29.44
CA ILE B 889 -12.64 34.06 28.75
C ILE B 889 -13.37 35.20 29.49
N THR B 890 -14.53 34.92 30.11
CA THR B 890 -15.33 35.96 30.74
C THR B 890 -16.04 35.40 31.95
N SER B 891 -16.60 36.32 32.75
CA SER B 891 -17.43 35.93 33.88
CA SER B 891 -17.42 35.91 33.89
C SER B 891 -18.70 35.22 33.41
N GLU B 892 -19.28 35.68 32.30
CA GLU B 892 -20.44 35.02 31.73
C GLU B 892 -20.14 33.57 31.39
N ALA B 893 -19.00 33.31 30.75
CA ALA B 893 -18.61 31.95 30.43
C ALA B 893 -18.43 31.14 31.70
N LYS B 894 -17.76 31.71 32.69
CA LYS B 894 -17.56 31.03 33.97
C LYS B 894 -18.90 30.66 34.61
N ASP B 895 -19.84 31.61 34.63
CA ASP B 895 -21.15 31.33 35.21
C ASP B 895 -21.88 30.22 34.47
N ASN B 896 -21.78 30.22 33.13
CA ASN B 896 -22.46 29.21 32.34
C ASN B 896 -21.91 27.82 32.63
N ILE B 897 -20.58 27.71 32.67
CA ILE B 897 -19.93 26.44 33.01
C ILE B 897 -20.33 26.01 34.41
N GLU B 898 -20.30 26.93 35.37
CA GLU B 898 -20.62 26.57 36.74
C GLU B 898 -22.09 26.19 36.88
N LYS B 899 -22.99 26.83 36.13
CA LYS B 899 -24.39 26.43 36.18
C LYS B 899 -24.57 24.98 35.77
N HIS B 900 -23.80 24.52 34.77
CA HIS B 900 -23.87 23.12 34.36
C HIS B 900 -23.32 22.21 35.44
N ILE B 901 -22.14 22.55 35.96
CA ILE B 901 -21.52 21.74 37.00
C ILE B 901 -22.48 21.58 38.18
N GLU B 902 -23.12 22.68 38.58
CA GLU B 902 -24.00 22.59 39.75
C GLU B 902 -25.30 21.87 39.43
N ARG B 903 -25.75 21.91 38.17
CA ARG B 903 -26.93 21.13 37.80
C ARG B 903 -26.61 19.65 37.84
N MET B 904 -25.43 19.27 37.37
CA MET B 904 -24.99 17.87 37.46
C MET B 904 -24.89 17.45 38.92
N ARG B 905 -24.31 18.30 39.77
CA ARG B 905 -24.20 17.97 41.18
C ARG B 905 -25.59 17.81 41.80
N GLY B 906 -26.48 18.77 41.56
CA GLY B 906 -27.80 18.71 42.15
C GLY B 906 -28.60 17.51 41.69
N LEU B 907 -28.30 16.99 40.50
CA LEU B 907 -28.90 15.75 40.02
C LEU B 907 -28.25 14.51 40.63
N GLY B 908 -27.21 14.68 41.44
CA GLY B 908 -26.59 13.58 42.14
C GLY B 908 -25.43 12.93 41.42
N ARG B 909 -25.08 13.40 40.23
CA ARG B 909 -23.91 12.87 39.53
C ARG B 909 -22.65 13.24 40.29
N LYS B 910 -21.64 12.37 40.20
CA LYS B 910 -20.39 12.58 40.93
C LYS B 910 -19.57 13.66 40.24
N VAL B 911 -19.27 14.73 40.97
CA VAL B 911 -18.50 15.88 40.48
C VAL B 911 -17.25 16.00 41.33
N GLU B 912 -16.10 16.12 40.67
CA GLU B 912 -14.81 16.31 41.34
C GLU B 912 -14.03 17.43 40.66
N GLN B 913 -13.40 18.30 41.47
CA GLN B 913 -12.59 19.40 40.96
C GLN B 913 -11.28 19.49 41.73
N ILE B 914 -10.29 20.12 41.09
CA ILE B 914 -9.04 20.44 41.76
C ILE B 914 -9.10 21.87 42.30
N GLY B 915 -8.16 22.19 43.21
CA GLY B 915 -8.18 23.47 43.87
C GLY B 915 -7.54 24.57 43.05
N LEU B 916 -7.94 25.80 43.33
CA LEU B 916 -7.39 26.98 42.67
C LEU B 916 -6.67 27.84 43.70
N ALA B 917 -5.53 28.40 43.29
CA ALA B 917 -4.81 29.34 44.14
C ALA B 917 -5.63 30.61 44.31
N SER B 918 -5.43 31.29 45.44
CA SER B 918 -6.17 32.52 45.68
C SER B 918 -5.84 33.60 44.66
N GLU B 919 -4.64 33.52 44.05
CA GLU B 919 -4.25 34.47 43.01
C GLU B 919 -5.19 34.43 41.81
N THR B 920 -5.98 33.35 41.66
CA THR B 920 -6.94 33.30 40.57
C THR B 920 -8.14 34.20 40.80
N GLY B 921 -8.35 34.69 42.02
CA GLY B 921 -9.53 35.50 42.33
C GLY B 921 -9.64 36.77 41.51
N VAL B 922 -8.53 37.33 41.04
CA VAL B 922 -8.56 38.55 40.24
C VAL B 922 -8.96 38.31 38.79
N GLY B 923 -9.05 37.05 38.36
CA GLY B 923 -9.51 36.73 37.03
C GLY B 923 -10.70 35.79 37.07
N THR B 924 -11.04 35.20 35.93
CA THR B 924 -12.19 34.30 35.81
C THR B 924 -11.68 32.91 35.47
N PHE B 925 -11.57 32.06 36.49
CA PHE B 925 -11.04 30.71 36.33
C PHE B 925 -12.07 29.68 36.75
N VAL B 926 -12.04 28.55 36.06
CA VAL B 926 -12.77 27.35 36.46
C VAL B 926 -11.72 26.25 36.56
N PRO B 927 -11.68 25.48 37.65
CA PRO B 927 -10.70 24.41 37.73
C PRO B 927 -11.11 23.23 36.86
N PRO B 928 -10.14 22.44 36.39
CA PRO B 928 -10.48 21.18 35.73
C PRO B 928 -11.46 20.35 36.54
N THR B 929 -12.51 19.86 35.88
CA THR B 929 -13.63 19.23 36.54
C THR B 929 -13.98 17.92 35.85
N ILE B 930 -14.29 16.89 36.65
CA ILE B 930 -14.65 15.56 36.16
C ILE B 930 -16.03 15.22 36.70
N ILE B 931 -16.94 14.88 35.80
CA ILE B 931 -18.33 14.57 36.14
C ILE B 931 -18.63 13.19 35.60
N GLU B 932 -19.00 12.27 36.49
CA GLU B 932 -19.33 10.91 36.07
C GLU B 932 -20.79 10.88 35.64
N LEU B 933 -21.03 10.35 34.45
CA LEU B 933 -22.36 10.29 33.89
C LEU B 933 -22.83 8.84 33.81
N GLU B 934 -24.13 8.63 33.99
CA GLU B 934 -24.69 7.30 33.78
C GLU B 934 -24.83 6.99 32.30
N LYS B 935 -25.20 7.98 31.50
CA LYS B 935 -25.38 7.80 30.06
C LYS B 935 -25.04 9.11 29.36
N LEU B 936 -24.62 9.00 28.10
CA LEU B 936 -24.23 10.19 27.36
C LEU B 936 -25.40 11.17 27.24
N SER B 937 -26.61 10.64 27.10
CA SER B 937 -27.81 11.49 26.99
C SER B 937 -28.04 12.36 28.22
N ASP B 938 -27.34 12.10 29.33
CA ASP B 938 -27.36 13.02 30.47
C ASP B 938 -26.79 14.39 30.11
N LEU B 939 -25.99 14.46 29.05
CA LEU B 939 -25.33 15.69 28.64
C LEU B 939 -26.09 16.24 27.45
N GLN B 940 -26.69 17.42 27.60
CA GLN B 940 -27.63 17.95 26.63
C GLN B 940 -27.13 19.15 25.85
N ARG B 941 -25.95 19.69 26.18
CA ARG B 941 -25.45 20.87 25.50
C ARG B 941 -23.93 20.91 25.62
N GLU B 942 -23.30 21.57 24.64
CA GLU B 942 -21.86 21.78 24.69
C GLU B 942 -21.55 22.72 25.85
N VAL B 943 -20.71 22.25 26.77
CA VAL B 943 -20.26 23.04 27.92
C VAL B 943 -18.82 23.44 27.66
N PHE B 944 -18.60 24.73 27.43
CA PHE B 944 -17.38 25.19 26.78
C PHE B 944 -16.34 25.62 27.82
N GLY B 945 -15.82 24.63 28.52
CA GLY B 945 -14.88 24.89 29.58
C GLY B 945 -14.17 23.63 29.98
N PRO B 946 -13.40 23.69 31.08
CA PRO B 946 -12.56 22.53 31.47
C PRO B 946 -13.37 21.50 32.26
N VAL B 947 -14.37 20.92 31.60
CA VAL B 947 -15.33 20.02 32.22
C VAL B 947 -15.33 18.71 31.42
N LEU B 948 -14.76 17.67 31.99
CA LEU B 948 -14.67 16.37 31.35
C LEU B 948 -15.71 15.45 31.95
N HIS B 949 -16.56 14.87 31.11
CA HIS B 949 -17.56 13.90 31.53
C HIS B 949 -17.02 12.51 31.28
N VAL B 950 -17.36 11.57 32.18
CA VAL B 950 -16.82 10.22 32.11
C VAL B 950 -17.97 9.21 32.06
N ILE B 951 -17.89 8.30 31.11
CA ILE B 951 -18.85 7.21 30.94
C ILE B 951 -18.06 5.93 30.99
N ARG B 952 -18.61 4.92 31.64
CA ARG B 952 -18.03 3.58 31.67
C ARG B 952 -18.86 2.68 30.77
N TYR B 953 -18.21 1.77 30.05
CA TYR B 953 -18.96 0.90 29.15
C TYR B 953 -18.40 -0.51 29.17
N ARG B 954 -19.28 -1.47 28.90
CA ARG B 954 -18.88 -2.86 28.70
C ARG B 954 -18.50 -3.04 27.24
N ARG B 955 -17.43 -3.82 27.00
CA ARG B 955 -16.93 -3.97 25.63
C ARG B 955 -18.01 -4.50 24.69
N ASP B 956 -18.89 -5.37 25.18
CA ASP B 956 -19.98 -5.87 24.35
C ASP B 956 -20.94 -4.77 23.91
N ASP B 957 -20.90 -3.61 24.58
CA ASP B 957 -21.78 -2.49 24.27
C ASP B 957 -21.09 -1.43 23.43
N LEU B 958 -19.94 -1.74 22.84
CA LEU B 958 -19.18 -0.73 22.11
C LEU B 958 -19.98 -0.14 20.97
N ASP B 959 -20.69 -0.97 20.21
CA ASP B 959 -21.44 -0.44 19.07
C ASP B 959 -22.54 0.50 19.54
N ARG B 960 -23.25 0.14 20.61
CA ARG B 960 -24.28 1.02 21.15
C ARG B 960 -23.66 2.32 21.68
N LEU B 961 -22.47 2.23 22.26
CA LEU B 961 -21.79 3.44 22.72
C LEU B 961 -21.48 4.37 21.55
N VAL B 962 -21.03 3.83 20.42
CA VAL B 962 -20.81 4.66 19.24
C VAL B 962 -22.10 5.34 18.83
N ASP B 963 -23.23 4.61 18.86
CA ASP B 963 -24.53 5.23 18.62
C ASP B 963 -24.77 6.39 19.57
N ASP B 964 -24.48 6.18 20.86
CA ASP B 964 -24.71 7.23 21.84
C ASP B 964 -23.87 8.46 21.54
N VAL B 965 -22.64 8.27 21.08
CA VAL B 965 -21.81 9.41 20.71
C VAL B 965 -22.43 10.14 19.52
N ASN B 966 -22.86 9.39 18.50
CA ASN B 966 -23.48 10.01 17.33
C ASN B 966 -24.80 10.67 17.68
N ALA B 967 -25.47 10.21 18.74
CA ALA B 967 -26.83 10.64 18.99
C ALA B 967 -26.92 12.07 19.48
N THR B 968 -25.78 12.68 19.87
CA THR B 968 -25.82 14.08 20.28
C THR B 968 -26.17 15.01 19.12
N GLY B 969 -26.01 14.55 17.88
CA GLY B 969 -26.18 15.40 16.72
C GLY B 969 -24.91 16.11 16.28
N TYR B 970 -23.88 16.14 17.12
CA TYR B 970 -22.61 16.74 16.76
C TYR B 970 -21.71 15.73 16.07
N GLY B 971 -20.63 16.23 15.45
CA GLY B 971 -19.70 15.35 14.79
C GLY B 971 -18.42 16.04 14.42
N LEU B 972 -17.71 16.55 15.42
CA LEU B 972 -16.51 17.32 15.14
C LEU B 972 -15.26 16.46 15.33
N THR B 973 -14.72 16.39 16.55
CA THR B 973 -13.55 15.55 16.79
C THR B 973 -13.95 14.30 17.55
N PHE B 974 -13.11 13.27 17.41
CA PHE B 974 -13.35 12.01 18.08
C PHE B 974 -12.02 11.30 18.25
N GLY B 975 -11.81 10.67 19.41
CA GLY B 975 -10.58 9.94 19.67
C GLY B 975 -10.85 8.50 20.03
N LEU B 976 -9.90 7.63 19.66
CA LEU B 976 -9.96 6.21 20.01
C LEU B 976 -8.58 5.79 20.46
N HIS B 977 -8.50 5.22 21.66
CA HIS B 977 -7.26 4.64 22.15
C HIS B 977 -7.46 3.13 22.25
N THR B 978 -6.75 2.41 21.39
CA THR B 978 -6.79 0.95 21.38
C THR B 978 -5.60 0.49 20.58
N ARG B 979 -5.13 -0.71 20.88
CA ARG B 979 -4.09 -1.30 20.07
C ARG B 979 -4.62 -2.30 19.05
N LEU B 980 -5.94 -2.49 19.00
CA LEU B 980 -6.53 -3.62 18.29
C LEU B 980 -7.14 -3.16 16.98
N ASP B 981 -6.64 -3.72 15.87
CA ASP B 981 -7.12 -3.32 14.55
C ASP B 981 -8.61 -3.55 14.38
N GLU B 982 -9.17 -4.63 14.94
CA GLU B 982 -10.60 -4.86 14.77
C GLU B 982 -11.40 -3.75 15.42
N THR B 983 -10.96 -3.27 16.59
CA THR B 983 -11.66 -2.18 17.25
C THR B 983 -11.52 -0.87 16.47
N ILE B 984 -10.33 -0.62 15.91
CA ILE B 984 -10.13 0.55 15.06
C ILE B 984 -11.09 0.51 13.88
N ALA B 985 -11.16 -0.63 13.18
CA ALA B 985 -12.03 -0.72 12.00
C ALA B 985 -13.49 -0.55 12.38
N HIS B 986 -13.92 -1.21 13.44
CA HIS B 986 -15.30 -1.08 13.90
C HIS B 986 -15.63 0.37 14.23
N VAL B 987 -14.87 0.96 15.13
CA VAL B 987 -15.22 2.30 15.63
C VAL B 987 -15.16 3.33 14.51
N THR B 988 -14.08 3.32 13.72
CA THR B 988 -13.96 4.34 12.67
C THR B 988 -15.01 4.17 11.58
N SER B 989 -15.49 2.94 11.35
CA SER B 989 -16.53 2.74 10.34
C SER B 989 -17.92 3.17 10.82
N ARG B 990 -18.13 3.31 12.12
CA ARG B 990 -19.46 3.61 12.66
C ARG B 990 -19.58 5.01 13.25
N ILE B 991 -18.46 5.61 13.67
CA ILE B 991 -18.49 6.96 14.20
C ILE B 991 -18.76 7.95 13.06
N LYS B 992 -19.45 9.03 13.38
CA LYS B 992 -19.81 10.04 12.37
C LYS B 992 -19.24 11.39 12.81
N ALA B 993 -17.93 11.56 12.62
CA ALA B 993 -17.26 12.77 13.02
C ALA B 993 -16.26 13.14 11.94
N GLY B 994 -15.97 14.44 11.84
CA GLY B 994 -15.12 14.90 10.75
C GLY B 994 -13.64 14.75 10.98
N ASN B 995 -13.21 14.71 12.24
CA ASN B 995 -11.79 14.62 12.58
C ASN B 995 -11.60 13.50 13.59
N LEU B 996 -10.96 12.43 13.14
CA LEU B 996 -10.72 11.25 13.95
C LEU B 996 -9.25 11.22 14.34
N TYR B 997 -8.97 10.73 15.56
CA TYR B 997 -7.61 10.66 16.06
C TYR B 997 -7.45 9.32 16.76
N ILE B 998 -6.41 8.59 16.39
CA ILE B 998 -6.19 7.24 16.89
C ILE B 998 -4.90 7.24 17.69
N ASN B 999 -5.02 6.94 19.00
CA ASN B 999 -3.87 6.78 19.88
C ASN B 999 -3.06 8.07 20.06
N ARG B 1000 -3.76 9.20 20.05
CA ARG B 1000 -3.18 10.53 20.24
C ARG B 1000 -4.27 11.43 20.80
N ASN B 1001 -3.92 12.68 21.08
CA ASN B 1001 -4.92 13.63 21.54
C ASN B 1001 -5.82 14.02 20.37
N ILE B 1002 -6.90 14.76 20.67
CA ILE B 1002 -7.91 15.08 19.68
C ILE B 1002 -7.91 16.55 19.31
N ILE B 1003 -6.83 17.27 19.65
CA ILE B 1003 -6.78 18.72 19.49
C ILE B 1003 -5.58 19.12 18.63
N GLY B 1004 -5.55 20.40 18.25
CA GLY B 1004 -4.42 20.92 17.53
C GLY B 1004 -4.34 20.45 16.09
N ALA B 1005 -5.48 20.37 15.40
CA ALA B 1005 -5.47 20.02 13.99
C ALA B 1005 -4.54 20.95 13.21
N VAL B 1006 -3.80 20.36 12.28
CA VAL B 1006 -2.75 21.02 11.53
C VAL B 1006 -3.26 21.29 10.11
N VAL B 1007 -3.14 22.55 9.68
CA VAL B 1007 -3.60 22.96 8.35
C VAL B 1007 -3.02 22.05 7.28
N GLY B 1008 -3.89 21.56 6.39
CA GLY B 1008 -3.44 20.75 5.27
C GLY B 1008 -2.98 19.35 5.64
N VAL B 1009 -2.99 19.00 6.92
CA VAL B 1009 -2.57 17.68 7.40
C VAL B 1009 -3.74 16.97 8.07
N GLN B 1010 -4.41 17.66 9.01
CA GLN B 1010 -5.77 17.31 9.43
C GLN B 1010 -6.70 18.45 9.06
N PRO B 1011 -7.15 18.53 7.81
CA PRO B 1011 -8.20 19.49 7.45
C PRO B 1011 -9.32 19.37 8.46
N PHE B 1012 -9.80 20.50 8.95
CA PHE B 1012 -10.57 20.51 10.18
C PHE B 1012 -12.02 20.93 9.93
N GLY B 1013 -12.95 20.16 10.45
CA GLY B 1013 -14.35 20.50 10.38
C GLY B 1013 -15.19 19.24 10.40
N GLY B 1014 -16.43 19.39 10.84
CA GLY B 1014 -17.31 18.25 10.95
C GLY B 1014 -18.67 18.43 10.31
N ARG B 1015 -19.64 17.68 10.82
CA ARG B 1015 -20.93 17.49 10.21
C ARG B 1015 -22.00 17.62 11.28
N GLY B 1016 -23.27 17.52 10.86
CA GLY B 1016 -24.35 17.66 11.81
C GLY B 1016 -24.37 19.04 12.43
N LEU B 1017 -24.58 19.09 13.74
CA LEU B 1017 -24.58 20.34 14.47
C LEU B 1017 -23.19 20.96 14.56
N SER B 1018 -22.17 20.29 14.04
CA SER B 1018 -20.81 20.79 14.07
C SER B 1018 -20.46 21.66 12.88
N GLY B 1019 -21.25 21.67 11.84
CA GLY B 1019 -20.98 22.62 10.79
C GLY B 1019 -21.53 22.23 9.44
N THR B 1020 -21.34 23.15 8.49
CA THR B 1020 -21.73 22.96 7.10
C THR B 1020 -20.61 22.36 6.25
N GLY B 1021 -19.37 22.51 6.67
CA GLY B 1021 -18.24 22.36 5.77
C GLY B 1021 -18.26 23.46 4.75
N PRO B 1022 -17.30 23.45 3.83
CA PRO B 1022 -16.20 22.47 3.79
C PRO B 1022 -15.16 22.74 4.88
N LYS B 1023 -14.23 21.80 5.02
CA LYS B 1023 -13.24 21.88 6.08
C LYS B 1023 -12.27 23.04 5.85
N ALA B 1024 -12.07 23.84 6.89
CA ALA B 1024 -10.95 24.77 6.94
C ALA B 1024 -9.62 24.03 6.84
N GLY B 1025 -8.65 24.65 6.20
CA GLY B 1025 -7.37 23.98 6.07
C GLY B 1025 -7.41 22.76 5.20
N GLY B 1026 -8.40 22.67 4.31
CA GLY B 1026 -8.53 21.58 3.39
C GLY B 1026 -8.83 22.07 1.98
N PRO B 1027 -8.86 21.14 1.02
CA PRO B 1027 -8.80 21.53 -0.39
C PRO B 1027 -10.13 21.94 -1.00
N LEU B 1028 -11.25 21.71 -0.31
CA LEU B 1028 -12.54 22.15 -0.81
C LEU B 1028 -12.91 23.56 -0.39
N TYR B 1029 -12.11 24.18 0.48
CA TYR B 1029 -12.55 25.40 1.17
C TYR B 1029 -12.69 26.57 0.21
N LEU B 1030 -11.63 26.87 -0.56
CA LEU B 1030 -11.66 28.03 -1.43
C LEU B 1030 -12.80 27.95 -2.45
N GLY B 1031 -13.16 26.74 -2.87
CA GLY B 1031 -14.19 26.57 -3.87
C GLY B 1031 -15.55 27.06 -3.44
N ARG B 1032 -15.78 27.18 -2.14
CA ARG B 1032 -17.02 27.72 -1.63
C ARG B 1032 -17.08 29.24 -1.72
N LEU B 1033 -15.95 29.89 -1.99
CA LEU B 1033 -15.86 31.35 -1.90
C LEU B 1033 -15.76 32.00 -3.28
N VAL B 1034 -16.08 31.23 -4.34
CA VAL B 1034 -16.15 31.70 -5.70
C VAL B 1034 -17.47 31.22 -6.28
N THR B 1035 -17.91 31.83 -7.38
CA THR B 1035 -19.21 31.47 -7.93
C THR B 1035 -19.19 30.17 -8.73
N THR B 1036 -18.02 29.77 -9.24
CA THR B 1036 -17.84 28.48 -9.90
C THR B 1036 -16.62 27.83 -9.25
N ALA B 1037 -16.83 26.65 -8.63
CA ALA B 1037 -15.75 26.01 -7.89
C ALA B 1037 -14.75 25.37 -8.84
N PRO B 1038 -13.46 25.48 -8.54
CA PRO B 1038 -12.44 24.76 -9.32
C PRO B 1038 -12.37 23.31 -8.88
N VAL B 1039 -11.60 22.54 -9.63
CA VAL B 1039 -11.26 21.16 -9.29
C VAL B 1039 -10.07 21.23 -8.34
N PRO B 1040 -10.20 20.85 -7.08
CA PRO B 1040 -9.09 20.95 -6.14
C PRO B 1040 -7.99 19.97 -6.48
N PRO B 1041 -6.77 20.22 -6.02
CA PRO B 1041 -5.68 19.25 -6.20
C PRO B 1041 -6.10 17.89 -5.64
N GLN B 1042 -5.76 16.84 -6.38
CA GLN B 1042 -5.96 15.44 -6.00
C GLN B 1042 -7.41 15.04 -5.86
N HIS B 1043 -8.35 15.88 -6.31
CA HIS B 1043 -9.77 15.66 -6.08
C HIS B 1043 -10.34 14.84 -7.23
N SER B 1044 -10.33 13.52 -7.08
CA SER B 1044 -10.92 12.61 -8.06
C SER B 1044 -11.06 11.26 -7.38
N SER B 1045 -11.80 10.37 -8.04
CA SER B 1045 -11.94 9.01 -7.55
C SER B 1045 -12.14 8.08 -8.74
N VAL B 1046 -11.53 6.89 -8.64
CA VAL B 1046 -11.73 5.89 -9.69
C VAL B 1046 -13.00 5.08 -9.50
N HIS B 1047 -13.71 5.27 -8.40
CA HIS B 1047 -14.89 4.47 -8.13
C HIS B 1047 -16.14 5.16 -8.64
N THR B 1048 -17.09 4.35 -9.09
CA THR B 1048 -18.38 4.85 -9.56
C THR B 1048 -19.47 4.24 -8.69
N ASP B 1049 -20.36 5.09 -8.22
CA ASP B 1049 -21.42 4.61 -7.34
C ASP B 1049 -22.30 3.63 -8.11
N PRO B 1050 -22.58 2.44 -7.58
CA PRO B 1050 -23.32 1.43 -8.37
C PRO B 1050 -24.78 1.80 -8.55
N VAL B 1051 -25.37 2.55 -7.60
CA VAL B 1051 -26.75 2.98 -7.76
C VAL B 1051 -26.86 4.04 -8.85
N LEU B 1052 -25.88 4.95 -8.91
CA LEU B 1052 -25.81 5.87 -10.04
C LEU B 1052 -25.77 5.10 -11.35
N LEU B 1053 -24.96 4.05 -11.41
CA LEU B 1053 -24.89 3.25 -12.63
C LEU B 1053 -26.26 2.68 -12.99
N ASP B 1054 -26.98 2.14 -12.01
CA ASP B 1054 -28.30 1.58 -12.30
C ASP B 1054 -29.26 2.67 -12.76
N PHE B 1055 -29.15 3.87 -12.18
CA PHE B 1055 -30.00 4.99 -12.58
C PHE B 1055 -29.72 5.41 -14.01
N ALA B 1056 -28.44 5.43 -14.40
CA ALA B 1056 -28.11 5.77 -15.78
C ALA B 1056 -28.73 4.78 -16.76
N LYS B 1057 -28.68 3.49 -16.46
CA LYS B 1057 -29.28 2.48 -17.35
C LYS B 1057 -30.78 2.68 -17.45
N TRP B 1058 -31.43 2.98 -16.31
CA TRP B 1058 -32.87 3.24 -16.31
C TRP B 1058 -33.21 4.45 -17.17
N LEU B 1059 -32.41 5.52 -17.09
CA LEU B 1059 -32.63 6.68 -17.95
C LEU B 1059 -32.46 6.31 -19.43
N ASP B 1060 -31.43 5.52 -19.75
CA ASP B 1060 -31.29 5.02 -21.12
C ASP B 1060 -32.55 4.29 -21.58
N GLY B 1061 -33.07 3.41 -20.73
CA GLY B 1061 -34.21 2.60 -21.12
C GLY B 1061 -35.41 3.43 -21.51
N LYS B 1062 -35.67 4.52 -20.80
CA LYS B 1062 -36.79 5.40 -21.11
C LYS B 1062 -36.44 6.48 -22.12
N GLY B 1063 -35.24 6.43 -22.70
CA GLY B 1063 -34.87 7.37 -23.74
C GLY B 1063 -34.50 8.76 -23.29
N ALA B 1064 -34.27 8.96 -21.99
CA ALA B 1064 -33.87 10.26 -21.47
C ALA B 1064 -32.37 10.42 -21.69
N ARG B 1065 -32.00 10.71 -22.95
CA ARG B 1065 -30.61 10.61 -23.36
C ARG B 1065 -29.75 11.72 -22.76
N ALA B 1066 -30.26 12.95 -22.74
CA ALA B 1066 -29.52 14.03 -22.10
C ALA B 1066 -29.30 13.74 -20.61
N GLU B 1067 -30.32 13.19 -19.95
CA GLU B 1067 -30.21 12.94 -18.51
C GLU B 1067 -29.27 11.77 -18.22
N ALA B 1068 -29.34 10.71 -19.01
CA ALA B 1068 -28.42 9.59 -18.85
C ALA B 1068 -26.98 10.04 -19.02
N GLU B 1069 -26.71 10.93 -19.99
CA GLU B 1069 -25.38 11.45 -20.18
C GLU B 1069 -24.94 12.28 -18.98
N ALA B 1070 -25.85 13.11 -18.44
CA ALA B 1070 -25.53 13.84 -17.23
C ALA B 1070 -25.26 12.90 -16.07
N ALA B 1071 -26.02 11.79 -16.00
CA ALA B 1071 -25.81 10.82 -14.93
C ALA B 1071 -24.44 10.18 -15.05
N ARG B 1072 -24.07 9.73 -16.24
CA ARG B 1072 -22.74 9.14 -16.43
CA ARG B 1072 -22.74 9.13 -16.40
C ARG B 1072 -21.64 10.14 -16.09
N ASN B 1073 -21.83 11.40 -16.50
CA ASN B 1073 -20.82 12.42 -16.24
C ASN B 1073 -20.69 12.70 -14.75
N ALA B 1074 -21.82 12.71 -14.03
CA ALA B 1074 -21.77 12.87 -12.58
C ALA B 1074 -21.03 11.70 -11.95
N GLY B 1075 -21.31 10.48 -12.41
CA GLY B 1075 -20.65 9.30 -11.86
C GLY B 1075 -19.15 9.37 -11.99
N SER B 1076 -18.65 9.91 -13.10
CA SER B 1076 -17.21 9.98 -13.30
C SER B 1076 -16.59 11.11 -12.49
N SER B 1077 -17.23 12.28 -12.46
CA SER B 1077 -16.56 13.42 -11.83
C SER B 1077 -16.73 13.44 -10.31
N SER B 1078 -17.66 12.67 -9.78
CA SER B 1078 -17.79 12.52 -8.33
C SER B 1078 -16.46 12.05 -7.76
N ALA B 1079 -16.07 12.64 -6.64
CA ALA B 1079 -14.87 12.21 -5.93
C ALA B 1079 -15.20 11.30 -4.76
N LEU B 1080 -16.43 10.81 -4.69
CA LEU B 1080 -16.78 9.83 -3.67
C LEU B 1080 -15.81 8.66 -3.73
N GLY B 1081 -15.22 8.31 -2.57
CA GLY B 1081 -14.25 7.23 -2.51
C GLY B 1081 -12.80 7.66 -2.55
N LEU B 1082 -12.54 8.96 -2.71
CA LEU B 1082 -11.19 9.47 -2.58
CA LEU B 1082 -11.18 9.47 -2.58
C LEU B 1082 -10.61 9.04 -1.24
N ASP B 1083 -9.36 8.62 -1.25
CA ASP B 1083 -8.74 8.08 -0.04
C ASP B 1083 -7.24 8.38 -0.16
N LEU B 1084 -6.78 9.42 0.52
CA LEU B 1084 -5.44 9.95 0.34
C LEU B 1084 -4.70 9.95 1.67
N GLU B 1085 -3.40 9.77 1.60
CA GLU B 1085 -2.53 10.10 2.72
C GLU B 1085 -1.86 11.44 2.45
N LEU B 1086 -1.99 12.37 3.37
CA LEU B 1086 -1.46 13.72 3.28
C LEU B 1086 -0.05 13.79 3.86
N PRO B 1087 0.83 14.59 3.27
CA PRO B 1087 2.18 14.73 3.84
C PRO B 1087 2.14 15.37 5.21
N GLY B 1088 2.98 14.87 6.11
CA GLY B 1088 3.03 15.35 7.46
C GLY B 1088 4.25 14.83 8.19
N PRO B 1089 4.22 14.87 9.51
CA PRO B 1089 5.38 14.44 10.28
C PRO B 1089 5.52 12.93 10.26
N VAL B 1090 6.75 12.48 10.53
CA VAL B 1090 6.98 11.06 10.74
C VAL B 1090 6.23 10.61 12.00
N GLY B 1091 6.01 9.30 12.08
CA GLY B 1091 5.33 8.76 13.24
C GLY B 1091 3.84 9.03 13.30
N GLU B 1092 3.28 9.54 12.20
CA GLU B 1092 1.85 9.73 12.05
C GLU B 1092 1.46 9.37 10.64
N ARG B 1093 0.23 8.89 10.50
CA ARG B 1093 -0.40 8.67 9.21
CA ARG B 1093 -0.40 8.67 9.21
C ARG B 1093 -1.65 9.54 9.19
N ASN B 1094 -1.69 10.48 8.26
CA ASN B 1094 -2.77 11.45 8.20
C ASN B 1094 -3.54 11.24 6.92
N LEU B 1095 -4.80 10.84 7.06
CA LEU B 1095 -5.62 10.36 5.97
C LEU B 1095 -6.77 11.30 5.74
N TYR B 1096 -7.20 11.37 4.48
CA TYR B 1096 -8.28 12.26 4.08
C TYR B 1096 -9.15 11.51 3.08
N THR B 1097 -10.44 11.41 3.38
CA THR B 1097 -11.33 10.57 2.59
C THR B 1097 -12.64 11.29 2.35
N LEU B 1098 -13.27 10.97 1.22
CA LEU B 1098 -14.57 11.54 0.87
C LEU B 1098 -15.63 10.45 0.85
N HIS B 1099 -16.68 10.68 1.63
CA HIS B 1099 -17.78 9.76 1.79
C HIS B 1099 -19.06 10.45 1.35
N ALA B 1100 -20.14 9.67 1.26
CA ALA B 1100 -21.45 10.26 1.03
C ALA B 1100 -21.81 11.19 2.18
N ARG B 1101 -22.60 12.23 1.88
CA ARG B 1101 -23.05 13.14 2.94
CA ARG B 1101 -23.06 13.13 2.93
C ARG B 1101 -24.15 12.52 3.78
N GLY B 1102 -25.05 11.75 3.17
CA GLY B 1102 -26.19 11.19 3.88
C GLY B 1102 -27.45 11.24 3.02
N ARG B 1103 -28.55 11.81 3.54
CA ARG B 1103 -29.77 11.96 2.77
C ARG B 1103 -29.92 13.42 2.35
N ILE B 1104 -30.05 13.64 1.04
CA ILE B 1104 -30.14 14.98 0.48
C ILE B 1104 -31.60 15.28 0.20
N LEU B 1105 -32.06 16.44 0.66
CA LEU B 1105 -33.39 16.91 0.31
C LEU B 1105 -33.39 17.41 -1.12
N LEU B 1106 -34.27 16.88 -1.95
CA LEU B 1106 -34.41 17.30 -3.33
C LEU B 1106 -35.70 18.10 -3.46
N VAL B 1107 -35.58 19.31 -3.99
CA VAL B 1107 -36.76 20.14 -4.21
C VAL B 1107 -36.82 20.45 -5.69
N PRO B 1108 -37.30 19.53 -6.52
CA PRO B 1108 -37.35 19.77 -7.96
C PRO B 1108 -38.56 20.59 -8.35
N ALA B 1109 -38.49 21.12 -9.56
CA ALA B 1109 -39.63 21.73 -10.23
C ALA B 1109 -40.10 20.94 -11.44
N THR B 1110 -39.17 20.35 -12.19
CA THR B 1110 -39.49 19.65 -13.43
C THR B 1110 -38.93 18.24 -13.38
N GLU B 1111 -39.44 17.39 -14.28
CA GLU B 1111 -38.97 16.01 -14.34
C GLU B 1111 -37.47 15.95 -14.66
N SER B 1112 -37.05 16.69 -15.69
CA SER B 1112 -35.63 16.69 -16.03
C SER B 1112 -34.78 17.24 -14.90
N GLY B 1113 -35.25 18.30 -14.23
CA GLY B 1113 -34.55 18.80 -13.07
C GLY B 1113 -34.39 17.74 -11.99
N LEU B 1114 -35.45 16.98 -11.72
CA LEU B 1114 -35.37 15.90 -10.74
C LEU B 1114 -34.35 14.84 -11.15
N TYR B 1115 -34.35 14.45 -12.43
CA TYR B 1115 -33.37 13.47 -12.90
C TYR B 1115 -31.95 13.99 -12.70
N HIS B 1116 -31.72 15.27 -12.97
CA HIS B 1116 -30.39 15.84 -12.78
C HIS B 1116 -30.02 15.88 -11.29
N GLN B 1117 -30.98 16.26 -10.43
CA GLN B 1117 -30.71 16.27 -8.98
C GLN B 1117 -30.40 14.87 -8.50
N LEU B 1118 -31.19 13.89 -8.93
CA LEU B 1118 -30.94 12.50 -8.54
C LEU B 1118 -29.56 12.04 -8.99
N ALA B 1119 -29.18 12.38 -10.23
CA ALA B 1119 -27.86 11.98 -10.72
C ALA B 1119 -26.76 12.53 -9.81
N ALA B 1120 -26.85 13.82 -9.47
CA ALA B 1120 -25.83 14.44 -8.63
C ALA B 1120 -25.78 13.77 -7.26
N ALA B 1121 -26.95 13.54 -6.65
CA ALA B 1121 -26.97 12.95 -5.31
C ALA B 1121 -26.52 11.48 -5.33
N LEU B 1122 -27.00 10.70 -6.30
CA LEU B 1122 -26.61 9.29 -6.35
C LEU B 1122 -25.13 9.13 -6.67
N ALA B 1123 -24.59 9.96 -7.56
CA ALA B 1123 -23.18 9.84 -7.93
C ALA B 1123 -22.25 10.06 -6.74
N THR B 1124 -22.71 10.79 -5.73
CA THR B 1124 -21.95 11.09 -4.53
C THR B 1124 -22.34 10.20 -3.36
N GLY B 1125 -23.06 9.11 -3.64
CA GLY B 1125 -23.33 8.08 -2.66
C GLY B 1125 -24.50 8.33 -1.75
N ASN B 1126 -25.25 9.40 -1.99
CA ASN B 1126 -26.30 9.79 -1.06
C ASN B 1126 -27.62 9.10 -1.37
N SER B 1127 -28.47 9.05 -0.35
CA SER B 1127 -29.90 8.82 -0.54
C SER B 1127 -30.59 10.16 -0.67
N VAL B 1128 -31.87 10.14 -1.03
CA VAL B 1128 -32.59 11.40 -1.22
C VAL B 1128 -33.97 11.30 -0.60
N ALA B 1129 -34.48 12.48 -0.21
CA ALA B 1129 -35.89 12.67 0.08
C ALA B 1129 -36.40 13.74 -0.89
N ILE B 1130 -37.36 13.37 -1.73
CA ILE B 1130 -37.87 14.25 -2.77
C ILE B 1130 -39.13 14.94 -2.26
N ASP B 1131 -39.19 16.25 -2.46
CA ASP B 1131 -40.35 17.03 -2.06
C ASP B 1131 -41.61 16.53 -2.76
N ALA B 1132 -42.56 15.98 -1.99
CA ALA B 1132 -43.80 15.46 -2.57
C ALA B 1132 -44.62 16.56 -3.22
N ALA B 1133 -44.48 17.81 -2.76
CA ALA B 1133 -45.26 18.89 -3.35
C ALA B 1133 -44.86 19.21 -4.78
N SER B 1134 -43.74 18.67 -5.27
CA SER B 1134 -43.38 18.85 -6.67
C SER B 1134 -44.37 18.17 -7.61
N GLY B 1135 -45.07 17.14 -7.14
CA GLY B 1135 -46.03 16.45 -7.98
C GLY B 1135 -45.42 15.56 -9.03
N LEU B 1136 -44.14 15.20 -8.87
CA LEU B 1136 -43.38 14.48 -9.89
C LEU B 1136 -43.31 12.97 -9.63
N GLN B 1137 -44.18 12.45 -8.77
CA GLN B 1137 -44.11 11.03 -8.40
C GLN B 1137 -44.16 10.12 -9.62
N ALA B 1138 -44.96 10.47 -10.64
CA ALA B 1138 -45.08 9.66 -11.83
C ALA B 1138 -43.80 9.60 -12.65
N SER B 1139 -42.81 10.45 -12.35
CA SER B 1139 -41.57 10.49 -13.10
C SER B 1139 -40.60 9.37 -12.74
N LEU B 1140 -40.84 8.66 -11.64
CA LEU B 1140 -39.99 7.56 -11.21
C LEU B 1140 -40.70 6.21 -11.35
N LYS B 1141 -41.51 6.08 -12.40
CA LYS B 1141 -42.20 4.83 -12.64
C LYS B 1141 -41.19 3.78 -13.14
N ASN B 1142 -41.26 2.58 -12.57
CA ASN B 1142 -40.42 1.45 -12.96
C ASN B 1142 -38.94 1.66 -12.60
N LEU B 1143 -38.67 2.41 -11.54
CA LEU B 1143 -37.29 2.59 -11.08
C LEU B 1143 -36.73 1.25 -10.61
N PRO B 1144 -35.46 0.95 -10.88
CA PRO B 1144 -34.86 -0.26 -10.32
C PRO B 1144 -34.89 -0.24 -8.80
N GLN B 1145 -35.05 -1.42 -8.21
CA GLN B 1145 -35.08 -1.54 -6.76
C GLN B 1145 -33.82 -0.96 -6.13
N THR B 1146 -32.67 -1.08 -6.80
CA THR B 1146 -31.44 -0.52 -6.23
C THR B 1146 -31.55 0.99 -6.07
N VAL B 1147 -32.15 1.67 -7.06
CA VAL B 1147 -32.33 3.10 -6.93
C VAL B 1147 -33.48 3.42 -5.99
N GLY B 1148 -34.56 2.64 -6.06
CA GLY B 1148 -35.72 2.91 -5.21
C GLY B 1148 -35.38 2.86 -3.74
N LEU B 1149 -34.46 1.97 -3.35
CA LEU B 1149 -34.07 1.86 -1.96
C LEU B 1149 -33.43 3.14 -1.42
N ARG B 1150 -32.90 3.98 -2.31
CA ARG B 1150 -32.29 5.24 -1.91
C ARG B 1150 -33.25 6.42 -1.98
N VAL B 1151 -34.48 6.20 -2.42
CA VAL B 1151 -35.42 7.28 -2.73
C VAL B 1151 -36.56 7.23 -1.74
N SER B 1152 -36.85 8.37 -1.12
CA SER B 1152 -38.10 8.54 -0.40
C SER B 1152 -38.74 9.85 -0.85
N TRP B 1153 -40.02 9.99 -0.57
CA TRP B 1153 -40.75 11.19 -0.86
C TRP B 1153 -41.21 11.78 0.47
N SER B 1154 -41.08 13.10 0.61
CA SER B 1154 -41.37 13.74 1.88
C SER B 1154 -42.45 14.79 1.69
N LYS B 1155 -43.50 14.70 2.51
CA LYS B 1155 -44.52 15.72 2.60
C LYS B 1155 -44.35 16.59 3.85
N ASP B 1156 -43.21 16.47 4.52
CA ASP B 1156 -43.01 17.13 5.80
C ASP B 1156 -41.50 17.14 6.02
N TRP B 1157 -40.84 18.20 5.51
CA TRP B 1157 -39.38 18.19 5.49
C TRP B 1157 -38.80 18.17 6.90
N ALA B 1158 -39.44 18.89 7.83
CA ALA B 1158 -38.87 18.96 9.17
C ALA B 1158 -39.00 17.64 9.91
N ALA B 1159 -40.04 16.86 9.63
CA ALA B 1159 -40.23 15.59 10.32
C ALA B 1159 -39.33 14.49 9.74
N ASP B 1160 -38.96 14.60 8.47
CA ASP B 1160 -38.26 13.53 7.76
C ASP B 1160 -36.74 13.70 7.75
N GLY B 1161 -36.23 14.78 8.31
CA GLY B 1161 -34.81 14.99 8.46
C GLY B 1161 -34.25 14.11 9.55
N PRO B 1162 -32.97 14.32 9.91
CA PRO B 1162 -32.13 15.39 9.38
C PRO B 1162 -31.57 15.02 8.02
N PHE B 1163 -31.43 16.03 7.20
CA PHE B 1163 -30.79 15.90 5.91
C PHE B 1163 -29.34 16.37 6.01
N ALA B 1164 -28.59 16.16 4.93
CA ALA B 1164 -27.18 16.53 4.89
C ALA B 1164 -26.87 17.54 3.79
N GLY B 1165 -27.89 18.07 3.13
CA GLY B 1165 -27.72 19.00 2.04
C GLY B 1165 -29.05 19.08 1.31
N ALA B 1166 -29.12 20.03 0.36
CA ALA B 1166 -30.34 20.20 -0.39
C ALA B 1166 -30.02 20.67 -1.80
N LEU B 1167 -30.77 20.17 -2.78
CA LEU B 1167 -30.72 20.66 -4.15
C LEU B 1167 -32.09 21.21 -4.50
N VAL B 1168 -32.11 22.41 -5.07
CA VAL B 1168 -33.36 23.14 -5.34
C VAL B 1168 -33.39 23.57 -6.79
N GLU B 1169 -34.54 23.41 -7.42
CA GLU B 1169 -34.77 23.89 -8.78
C GLU B 1169 -35.93 24.87 -8.74
N GLY B 1170 -35.78 26.00 -9.41
CA GLY B 1170 -36.88 26.94 -9.51
C GLY B 1170 -36.39 28.31 -9.92
N ASP B 1171 -37.35 29.24 -10.03
CA ASP B 1171 -37.02 30.62 -10.30
C ASP B 1171 -36.59 31.32 -9.01
N ALA B 1172 -36.26 32.61 -9.12
CA ALA B 1172 -35.73 33.34 -7.98
C ALA B 1172 -36.69 33.31 -6.80
N GLU B 1173 -37.98 33.56 -7.07
CA GLU B 1173 -38.96 33.55 -5.97
C GLU B 1173 -39.08 32.17 -5.35
N ARG B 1174 -39.10 31.12 -6.17
CA ARG B 1174 -39.16 29.76 -5.65
C ARG B 1174 -37.93 29.44 -4.81
N ILE B 1175 -36.75 29.80 -5.30
CA ILE B 1175 -35.51 29.52 -4.57
C ILE B 1175 -35.53 30.20 -3.20
N ARG B 1176 -35.92 31.48 -3.17
CA ARG B 1176 -35.98 32.21 -1.90
CA ARG B 1176 -35.97 32.20 -1.90
C ARG B 1176 -36.93 31.53 -0.92
N ALA B 1177 -38.13 31.17 -1.38
CA ALA B 1177 -39.11 30.54 -0.49
C ALA B 1177 -38.58 29.22 0.06
N VAL B 1178 -37.99 28.40 -0.80
CA VAL B 1178 -37.47 27.12 -0.37
C VAL B 1178 -36.29 27.32 0.57
N ASN B 1179 -35.41 28.26 0.24
CA ASN B 1179 -34.27 28.53 1.09
C ASN B 1179 -34.72 28.95 2.49
N LYS B 1180 -35.75 29.81 2.55
CA LYS B 1180 -36.31 30.21 3.84
C LYS B 1180 -36.86 29.02 4.61
N ALA B 1181 -37.59 28.14 3.91
CA ALA B 1181 -38.13 26.95 4.56
C ALA B 1181 -37.02 26.05 5.07
N ILE B 1182 -35.96 25.87 4.28
CA ILE B 1182 -34.84 25.04 4.71
C ILE B 1182 -34.16 25.65 5.92
N ALA B 1183 -33.98 26.97 5.92
CA ALA B 1183 -33.35 27.61 7.07
C ALA B 1183 -34.15 27.42 8.35
N ALA B 1184 -35.45 27.17 8.24
CA ALA B 1184 -36.31 26.97 9.40
C ALA B 1184 -36.34 25.52 9.87
N LEU B 1185 -35.66 24.60 9.19
CA LEU B 1185 -35.68 23.21 9.63
C LEU B 1185 -34.81 23.06 10.89
N PRO B 1186 -35.23 22.23 11.84
CA PRO B 1186 -34.41 22.01 13.03
C PRO B 1186 -33.19 21.16 12.69
N GLY B 1187 -32.23 21.17 13.60
CA GLY B 1187 -31.06 20.33 13.45
C GLY B 1187 -29.96 21.01 12.65
N PRO B 1188 -29.26 20.24 11.82
CA PRO B 1188 -28.08 20.79 11.15
C PRO B 1188 -28.44 21.85 10.12
N LEU B 1189 -27.49 22.75 9.91
CA LEU B 1189 -27.61 23.76 8.86
C LEU B 1189 -27.30 23.10 7.53
N LEU B 1190 -28.24 23.12 6.60
CA LEU B 1190 -28.05 22.44 5.33
C LEU B 1190 -27.31 23.31 4.34
N LEU B 1191 -26.37 22.70 3.64
CA LEU B 1191 -25.73 23.34 2.49
C LEU B 1191 -26.69 23.22 1.31
N VAL B 1192 -27.27 24.35 0.90
CA VAL B 1192 -28.28 24.40 -0.16
C VAL B 1192 -27.62 24.81 -1.47
N GLN B 1193 -27.93 24.09 -2.54
CA GLN B 1193 -27.56 24.48 -3.90
C GLN B 1193 -28.81 24.63 -4.74
N ALA B 1194 -28.88 25.73 -5.49
CA ALA B 1194 -30.06 26.06 -6.28
C ALA B 1194 -29.67 26.35 -7.72
N ALA B 1195 -30.61 26.10 -8.63
CA ALA B 1195 -30.43 26.39 -10.04
C ALA B 1195 -31.81 26.55 -10.64
N SER B 1196 -31.88 27.29 -11.74
CA SER B 1196 -33.10 27.36 -12.50
C SER B 1196 -33.18 26.16 -13.44
N SER B 1197 -34.38 25.90 -13.95
CA SER B 1197 -34.53 24.84 -14.94
C SER B 1197 -33.64 25.10 -16.14
N GLY B 1198 -33.52 26.37 -16.55
CA GLY B 1198 -32.65 26.69 -17.68
C GLY B 1198 -31.19 26.41 -17.38
N GLU B 1199 -30.73 26.77 -16.16
CA GLU B 1199 -29.35 26.52 -15.79
C GLU B 1199 -29.06 25.02 -15.76
N ILE B 1200 -29.99 24.22 -15.26
CA ILE B 1200 -29.82 22.77 -15.26
C ILE B 1200 -29.63 22.26 -16.70
N ALA B 1201 -30.35 22.85 -17.65
CA ALA B 1201 -30.21 22.45 -19.04
C ALA B 1201 -28.92 22.99 -19.66
N ARG B 1202 -28.51 24.19 -19.27
CA ARG B 1202 -27.37 24.84 -19.92
C ARG B 1202 -26.05 24.35 -19.33
N ASN B 1203 -25.98 24.20 -18.02
CA ASN B 1203 -24.72 24.08 -17.30
C ASN B 1203 -24.58 22.68 -16.70
N PRO B 1204 -23.64 21.86 -17.17
CA PRO B 1204 -23.45 20.53 -16.57
C PRO B 1204 -23.02 20.58 -15.12
N ASP B 1205 -22.51 21.71 -14.64
CA ASP B 1205 -22.06 21.87 -13.27
C ASP B 1205 -23.01 22.73 -12.45
N ALA B 1206 -24.28 22.81 -12.88
CA ALA B 1206 -25.26 23.61 -12.15
C ALA B 1206 -25.30 23.23 -10.67
N TYR B 1207 -25.22 21.94 -10.38
CA TYR B 1207 -25.05 21.46 -9.02
C TYR B 1207 -23.62 20.95 -8.89
N CYS B 1208 -22.92 21.43 -7.87
CA CYS B 1208 -21.52 21.10 -7.67
C CYS B 1208 -21.40 19.87 -6.78
N LEU B 1209 -20.71 18.84 -7.27
CA LEU B 1209 -20.56 17.63 -6.49
C LEU B 1209 -19.60 17.79 -5.32
N ASN B 1210 -18.83 18.87 -5.27
CA ASN B 1210 -17.93 19.08 -4.14
C ASN B 1210 -18.68 19.14 -2.83
N TRP B 1211 -19.92 19.64 -2.86
CA TRP B 1211 -20.66 19.87 -1.62
C TRP B 1211 -21.56 18.70 -1.27
N LEU B 1212 -21.57 17.64 -2.08
CA LEU B 1212 -22.43 16.48 -1.86
C LEU B 1212 -21.68 15.29 -1.29
N VAL B 1213 -20.41 15.48 -0.92
CA VAL B 1213 -19.64 14.47 -0.21
C VAL B 1213 -19.26 15.06 1.13
N GLU B 1214 -18.95 14.18 2.07
CA GLU B 1214 -18.46 14.56 3.39
C GLU B 1214 -16.97 14.25 3.48
N GLU B 1215 -16.20 15.23 3.94
CA GLU B 1215 -14.78 15.04 4.18
C GLU B 1215 -14.55 14.44 5.56
N VAL B 1216 -13.63 13.47 5.64
CA VAL B 1216 -13.24 12.89 6.91
C VAL B 1216 -11.73 12.86 6.99
N SER B 1217 -11.19 13.42 8.06
CA SER B 1217 -9.76 13.38 8.35
C SER B 1217 -9.53 12.37 9.46
N ALA B 1218 -8.49 11.56 9.32
CA ALA B 1218 -8.10 10.64 10.38
C ALA B 1218 -6.60 10.75 10.59
N SER B 1219 -6.19 10.95 11.83
CA SER B 1219 -4.78 11.05 12.18
C SER B 1219 -4.46 9.90 13.10
N ILE B 1220 -3.55 9.03 12.67
CA ILE B 1220 -3.15 7.85 13.44
C ILE B 1220 -1.71 8.04 13.91
N ASN B 1221 -1.50 7.94 15.22
CA ASN B 1221 -0.17 7.98 15.81
C ASN B 1221 0.48 6.62 15.62
N THR B 1222 1.38 6.50 14.65
CA THR B 1222 2.02 5.23 14.35
C THR B 1222 3.24 4.97 15.21
N ALA B 1223 3.55 5.87 16.12
CA ALA B 1223 4.59 5.64 17.12
C ALA B 1223 4.02 5.17 18.44
N ALA B 1224 2.72 4.85 18.49
CA ALA B 1224 2.07 4.61 19.78
C ALA B 1224 2.57 3.36 20.48
N ALA B 1225 3.13 2.39 19.75
CA ALA B 1225 3.63 1.18 20.40
C ALA B 1225 4.97 1.40 21.09
N GLY B 1226 5.58 2.57 20.92
CA GLY B 1226 6.84 2.88 21.57
C GLY B 1226 7.97 3.25 20.63
N GLY B 1227 7.76 3.21 19.32
CA GLY B 1227 8.79 3.56 18.36
C GLY B 1227 8.19 3.62 16.98
N ASN B 1228 9.03 3.93 16.00
CA ASN B 1228 8.59 4.18 14.63
C ASN B 1228 9.18 3.10 13.72
N ALA B 1229 8.29 2.32 13.09
CA ALA B 1229 8.73 1.26 12.19
C ALA B 1229 9.40 1.82 10.94
N SER B 1230 8.72 2.74 10.25
CA SER B 1230 9.26 3.33 9.03
C SER B 1230 10.69 3.81 9.22
N LEU B 1231 10.90 4.62 10.26
CA LEU B 1231 12.23 5.07 10.62
C LEU B 1231 12.97 3.93 11.33
#